data_7M7E
#
_entry.id   7M7E
#
_cell.length_a   1.00
_cell.length_b   1.00
_cell.length_c   1.00
_cell.angle_alpha   90.00
_cell.angle_beta   90.00
_cell.angle_gamma   90.00
#
_symmetry.space_group_name_H-M   'P 1'
#
loop_
_entity.id
_entity.type
_entity.pdbx_description
1 polymer '6-deoxyerythronolide-B synthase EryA2, modules 3 and 4,EryAI,6-deoxyerythronolide-B synthase EryA3, modules 5 and 6 chimera'
2 polymer '1B2 (heavy chain)'
3 polymer '1B2 (light chain)'
#
loop_
_entity_poly.entity_id
_entity_poly.type
_entity_poly.pdbx_seq_one_letter_code
_entity_poly.pdbx_strand_id
1 'polypeptide(L)'
;MASTDSEKVAEYLRRATLDLRAARQRIRELESDPIAIVSMACRLPGGVNTPQRLWELLREGGETLSGFPTDRGWDLARLH
HPDPDNPGTSYVDKGGFLDDAAGFDAEFFGVSPREAAAMDPQQRLLLETSWELVENAGIDPHSLRGTATGVFLGVAKFGY
GEDTAAAEDVEGYSVTGVAPAVASGRISYTMGLEGPSISVDTACSSSLVALHLAVESLRKGESSMAVVGGAAVMATPGVF
VDFSRQRALAADGRSKAFGAGADGFGFSEGVTLVLLERLSEARRNGHEVLAVVRGSALNQDGASNGLSAPSGPAQRRVIR
QALESCGLEPGDVDAVEAHGTGTALGDPIEANALLDTYGRDRDADRPLWLGSVKSNIGHTQAAAGVTGLLKVVLALRNGE
LPATLHVEEPTPHVDWSSGGVALLAGNQPWRRGERTRRARVSAFGISGTNAHVIVEEAPEREHRETTAHDGRPVPLVVSA
RTTAALRAQAAQIAELLERPDADLAGVGLGLATTRARHEHRAAVVASTREEAVRGLREIAAGAATADAVVEGVTEVDGRN
VVFLFPGQGSQWAGMGAELLSSSPVFAGKIRACDESMAPMQDWKVSDVLRQAPGAPGLDRVDVVQPVLFAVMVSLAELWR
SYGVEPAAVVGHSQGEIAAAHVAGALTLEDAAKLVVGRSRLMRSLSGEGGMAAVALGEAAVRERLRPWQDRLSVAAVNGP
RSVVVSGEPGALRAFSEDCAAEGIRVRDIDVDYASHSPQIERVREELLETTGDIAPRPARVTFHSTVESRSMDGTELDAR
YWYRNLRETVRFADAVTRLAESGYDAFIEVSPHPVVVQAVEEAVEEADGAEDAVVVGSLHRDGGDLSAFLRSMATAHVSG
VDIRWDVALPGAAPFALPTYPFQRKRYWLQPAAPAAASDELAYRIEWRPTGAGEPARLDGTWLVAKYAGTADETSTAARE
ALESAGARVRELVVDARCGRDELAERLRSVGEVAGVLSLLAVDEAEPEEAPLALASLADTLSLVQAMVSAELGCPLWTVT
ESAVATGPFERVRNAAHGALWGVGRVIALENPAVWGGLVDVPAGSVAELARHLAAVVSGGAGEDQLALRADGVYGRRWVR
AAAPATDDEWKPTGTVLVTGGTGGVGGQIARWLARRGAPHLLLVSRSGPDADGAGELVAELEALGARTTVAACDVTDRES
VRELLGGIGDDVPLSAVFHAAATLDDGTVDTLTGERIERASRAKVLGARNLHELTRELDLTAFVLFSSFASAFGAPGLGG
YAPGNAYLDGLAQQRRSDGLPATAVAWGTWAGSGMAEGPVADRFRRHGVIEMPPETACRALQNALDRAEVCPIVIDVRWD
RFLLAYTAQRPTRLFDEIDDARRAAPQAAAEPRVGALASLPAPEREKALFELVRSHAAAVLGHASAERVPADQAFAELGV
DSLSALELRNRLGAATGVRLPTTTVFDHPDVRTLAAHLAAELGSGTPAREASSALRDGYRQAGVSGRVRSYLDLLAGLSD
FREHFDGSDGFSLDLVDMADGPGEVTVICCAGTAAISGPHEFTRLAGALRGIAPVRAVPQPGYEEGEPLPSSMAAVAAVQ
ADAVIRTQGDKPFVVAGHSAGALMAYALATELLDRGHPPRGVVLIDVYPPGHQDAMNAWLEELTATLFDRETVRMDDTRL
TALGAYDRLTGQWRPRETGLPTLLVSAGEPMGPWPDDSWKPTWPFEHDTVAVPGDHFTMVQEHADAIARHIDAWLGGGNS
SSVDKLAAALEHHHHHH
;
B,A
2 'polypeptide(L)'
;MAEVQLVQSGGGLVQPGRSLRLSCTASGFTFGDYAMSWVRQAPGKGLEWVGFIRSKAYGGTTEYAASVKGRFTISRDDSK
SIAYLQMNSLKTEDTAVYYCTRGGTLFDYWGQGTLVTVSSASTKGPSVFPLAPSSKSTSGGTAALGCLVKDYFPEPVTVS
WNSGALTSGVHTFPAVLQSSGLYSLSSVVTVPSSSLGTQTYICNVNHKPSNTKVDKKVEPKSCAALVPRGSAHHHHHHAA
DYKDDDDKA
;
C
3 'polypeptide(L)'
;LFAIPLVVPFYSHSALDVVMTQSPLSLPVTPGEPASISCRSSQSLLHSNGYNYLDWYLQKPGQSPQLLIYLGSNRASGVP
DRFSGSGSGTDFTLKISRVEAEDVGVYYCMQSLQTPRLTFGPGTKVDIKRTVAAPSVFIFPPSDEQLKSGTASVVCLLNN
FYPRGAKVQWKVDNALQSGNSQESVTEQDSKDSTYSLSSTLTLSKADYEKHKVYACEVTHQGLSSPVTKSFNRGEC
;
D
#
# COMPACT_ATOMS: atom_id res chain seq x y z
N THR A 4 -5.64 38.28 -31.05
CA THR A 4 -6.85 37.45 -30.83
C THR A 4 -6.48 36.13 -30.13
N ASP A 5 -7.35 35.13 -30.22
CA ASP A 5 -7.12 33.81 -29.58
C ASP A 5 -6.21 32.98 -30.49
N SER A 6 -6.20 33.26 -31.80
CA SER A 6 -5.35 32.54 -32.79
C SER A 6 -5.76 31.07 -32.89
N GLU A 7 -6.68 30.58 -32.06
CA GLU A 7 -7.17 29.18 -32.10
C GLU A 7 -5.98 28.23 -32.22
N LYS A 8 -4.87 28.58 -31.59
CA LYS A 8 -3.68 27.69 -31.56
C LYS A 8 -3.14 27.91 -30.15
N VAL A 9 -3.66 28.94 -29.48
CA VAL A 9 -3.30 29.14 -28.05
C VAL A 9 -4.59 29.02 -27.26
N ALA A 10 -5.72 29.42 -27.82
CA ALA A 10 -6.99 29.21 -27.07
C ALA A 10 -7.63 27.90 -27.48
N GLU A 11 -7.07 27.23 -28.47
CA GLU A 11 -7.60 25.89 -28.79
C GLU A 11 -6.74 24.88 -28.08
N TYR A 12 -5.53 25.28 -27.72
CA TYR A 12 -4.74 24.34 -26.90
C TYR A 12 -5.32 24.40 -25.47
N LEU A 13 -5.87 25.54 -25.06
CA LEU A 13 -6.36 25.64 -23.66
C LEU A 13 -7.47 24.62 -23.51
N ARG A 14 -8.31 24.44 -24.50
CA ARG A 14 -9.45 23.53 -24.25
C ARG A 14 -8.96 22.08 -24.12
N ARG A 15 -7.78 21.77 -24.64
CA ARG A 15 -7.25 20.38 -24.59
C ARG A 15 -6.15 20.26 -23.53
N ALA A 16 -6.03 21.23 -22.62
CA ALA A 16 -5.09 21.11 -21.50
C ALA A 16 -5.95 21.06 -20.25
N THR A 17 -7.03 21.84 -20.24
CA THR A 17 -7.95 21.89 -19.09
C THR A 17 -8.88 20.69 -19.13
N LEU A 18 -8.82 19.92 -20.21
CA LEU A 18 -9.64 18.68 -20.33
C LEU A 18 -8.67 17.51 -20.35
N ASP A 19 -7.48 17.71 -19.80
CA ASP A 19 -6.54 16.59 -19.65
C ASP A 19 -6.12 16.66 -18.20
N LEU A 20 -6.02 17.87 -17.65
CA LEU A 20 -5.71 18.01 -16.21
C LEU A 20 -6.86 17.33 -15.48
N ARG A 21 -7.98 17.07 -16.16
CA ARG A 21 -9.16 16.50 -15.48
C ARG A 21 -9.24 15.02 -15.72
N ALA A 22 -8.53 14.50 -16.71
CA ALA A 22 -8.47 13.03 -16.85
C ALA A 22 -7.14 12.62 -16.26
N ALA A 23 -6.57 13.48 -15.45
CA ALA A 23 -5.34 13.12 -14.72
C ALA A 23 -5.72 13.09 -13.25
N ARG A 24 -6.17 14.18 -12.61
CA ARG A 24 -6.50 13.93 -11.22
C ARG A 24 -7.48 12.76 -11.08
N GLN A 25 -8.45 12.67 -11.98
CA GLN A 25 -9.43 11.59 -11.94
C GLN A 25 -8.78 10.24 -12.25
N ARG A 26 -7.81 10.22 -13.17
CA ARG A 26 -7.04 9.00 -13.38
C ARG A 26 -6.24 8.63 -12.13
N ILE A 27 -5.71 9.63 -11.42
CA ILE A 27 -5.02 9.36 -10.16
C ILE A 27 -5.96 8.71 -9.16
N ARG A 28 -7.15 9.27 -9.00
CA ARG A 28 -8.13 8.66 -8.09
C ARG A 28 -8.47 7.23 -8.50
N GLU A 29 -8.61 6.98 -9.81
CA GLU A 29 -8.84 5.60 -10.25
C GLU A 29 -7.67 4.70 -9.87
N LEU A 30 -6.44 5.21 -9.97
CA LEU A 30 -5.27 4.42 -9.63
C LEU A 30 -5.23 4.03 -8.16
N GLU A 31 -5.56 4.94 -7.24
CA GLU A 31 -5.29 4.65 -5.84
C GLU A 31 -6.53 4.30 -5.03
N SER A 32 -7.71 4.83 -5.36
CA SER A 32 -8.86 4.71 -4.48
C SER A 32 -10.09 4.20 -5.24
N ASP A 33 -9.89 3.12 -6.00
CA ASP A 33 -11.03 2.52 -6.70
C ASP A 33 -11.75 1.52 -5.78
N PRO A 34 -13.03 1.74 -5.50
CA PRO A 34 -13.80 0.77 -4.70
C PRO A 34 -13.99 -0.53 -5.46
N ILE A 35 -14.04 -1.64 -4.73
CA ILE A 35 -14.11 -2.97 -5.33
C ILE A 35 -15.44 -3.61 -4.94
N ALA A 36 -16.28 -3.87 -5.92
CA ALA A 36 -17.58 -4.48 -5.68
C ALA A 36 -17.45 -5.98 -5.44
N ILE A 37 -18.35 -6.50 -4.60
CA ILE A 37 -18.45 -7.92 -4.29
C ILE A 37 -19.60 -8.47 -5.10
N VAL A 38 -19.36 -9.56 -5.83
CA VAL A 38 -20.39 -10.11 -6.71
C VAL A 38 -21.14 -11.29 -6.09
N SER A 39 -20.44 -12.27 -5.53
CA SER A 39 -21.10 -13.45 -4.99
C SER A 39 -20.20 -14.08 -3.93
N MET A 40 -20.78 -14.97 -3.15
CA MET A 40 -20.09 -15.59 -2.01
C MET A 40 -20.57 -17.02 -1.84
N ALA A 41 -19.67 -17.89 -1.40
CA ALA A 41 -19.99 -19.28 -1.14
C ALA A 41 -19.23 -19.75 0.09
N CYS A 42 -19.80 -20.74 0.78
CA CYS A 42 -19.20 -21.20 2.02
C CYS A 42 -19.67 -22.61 2.35
N ARG A 43 -18.74 -23.39 2.90
CA ARG A 43 -19.04 -24.64 3.59
C ARG A 43 -18.71 -24.46 5.06
N LEU A 44 -19.70 -24.63 5.91
CA LEU A 44 -19.60 -24.36 7.34
C LEU A 44 -20.10 -25.57 8.12
N PRO A 45 -19.66 -25.72 9.37
CA PRO A 45 -20.07 -26.89 10.16
C PRO A 45 -21.55 -26.82 10.52
N GLY A 46 -22.14 -27.97 10.79
CA GLY A 46 -23.51 -28.03 11.25
C GLY A 46 -24.53 -28.11 10.13
N GLY A 47 -24.09 -28.58 8.96
CA GLY A 47 -24.95 -28.70 7.81
C GLY A 47 -25.14 -27.40 7.03
N VAL A 48 -24.46 -26.33 7.40
CA VAL A 48 -24.59 -25.05 6.70
C VAL A 48 -23.69 -25.09 5.47
N ASN A 49 -24.29 -25.08 4.28
CA ASN A 49 -23.55 -25.08 3.04
C ASN A 49 -24.11 -24.06 2.06
N THR A 50 -24.76 -23.02 2.58
CA THR A 50 -25.34 -21.96 1.78
C THR A 50 -25.43 -20.72 2.63
N PRO A 51 -25.22 -19.52 2.05
CA PRO A 51 -25.25 -18.29 2.85
C PRO A 51 -26.59 -18.02 3.53
N GLN A 52 -27.70 -18.44 2.92
CA GLN A 52 -29.02 -18.24 3.53
C GLN A 52 -29.18 -19.01 4.84
N ARG A 53 -28.73 -20.26 4.89
CA ARG A 53 -28.74 -20.99 6.16
C ARG A 53 -27.84 -20.33 7.18
N LEU A 54 -26.71 -19.76 6.76
CA LEU A 54 -25.86 -19.02 7.68
C LEU A 54 -26.62 -17.85 8.29
N TRP A 55 -27.34 -17.09 7.46
CA TRP A 55 -28.10 -15.96 7.98
C TRP A 55 -29.21 -16.40 8.93
N GLU A 56 -29.91 -17.48 8.60
CA GLU A 56 -30.92 -18.00 9.52
C GLU A 56 -30.31 -18.40 10.87
N LEU A 57 -29.19 -19.12 10.84
CA LEU A 57 -28.50 -19.50 12.07
C LEU A 57 -28.06 -18.27 12.86
N LEU A 58 -27.70 -17.19 12.15
CA LEU A 58 -27.28 -15.98 12.84
C LEU A 58 -28.45 -15.27 13.52
N ARG A 59 -29.62 -15.19 12.87
CA ARG A 59 -30.77 -14.55 13.52
C ARG A 59 -31.38 -15.38 14.65
N GLU A 60 -31.26 -16.71 14.63
CA GLU A 60 -31.68 -17.44 15.82
C GLU A 60 -30.82 -17.14 17.04
N GLY A 61 -29.53 -16.88 16.84
CA GLY A 61 -28.60 -16.87 17.96
C GLY A 61 -28.34 -18.29 18.40
N GLY A 62 -28.16 -19.18 17.42
CA GLY A 62 -28.02 -20.60 17.66
C GLY A 62 -26.58 -21.04 17.90
N GLU A 63 -26.40 -22.36 17.88
CA GLU A 63 -25.12 -22.97 18.16
C GLU A 63 -24.77 -23.98 17.08
N THR A 64 -23.47 -24.14 16.82
CA THR A 64 -22.95 -25.16 15.92
C THR A 64 -21.88 -25.96 16.66
N LEU A 65 -22.21 -26.38 17.88
CA LEU A 65 -21.25 -27.11 18.70
C LEU A 65 -21.69 -28.57 18.79
N SER A 66 -20.78 -29.47 18.39
CA SER A 66 -21.08 -30.89 18.38
C SER A 66 -19.90 -31.67 18.96
N GLY A 67 -20.00 -32.99 18.89
CA GLY A 67 -18.94 -33.86 19.38
C GLY A 67 -17.87 -34.11 18.33
N PHE A 68 -16.89 -34.91 18.72
CA PHE A 68 -15.81 -35.27 17.82
C PHE A 68 -16.30 -36.19 16.71
N PRO A 69 -15.72 -36.09 15.51
CA PRO A 69 -16.12 -37.00 14.42
C PRO A 69 -15.71 -38.44 14.72
N THR A 70 -16.52 -39.36 14.19
CA THR A 70 -16.30 -40.79 14.44
C THR A 70 -15.84 -41.55 13.21
N ASP A 71 -16.09 -41.04 12.00
CA ASP A 71 -15.77 -41.74 10.77
C ASP A 71 -14.46 -41.27 10.15
N ARG A 72 -13.68 -40.44 10.84
CA ARG A 72 -12.40 -39.97 10.34
C ARG A 72 -11.24 -40.85 10.76
N GLY A 73 -11.51 -41.98 11.43
CA GLY A 73 -10.46 -42.85 11.89
C GLY A 73 -9.82 -42.46 13.20
N TRP A 74 -10.40 -41.50 13.92
CA TRP A 74 -9.83 -41.08 15.19
C TRP A 74 -10.06 -42.14 16.27
N ASP A 75 -9.21 -42.11 17.28
CA ASP A 75 -9.29 -43.01 18.43
C ASP A 75 -9.85 -42.21 19.62
N LEU A 76 -11.18 -42.14 19.69
CA LEU A 76 -11.85 -41.26 20.64
C LEU A 76 -11.86 -41.81 22.05
N ALA A 77 -11.66 -43.11 22.22
CA ALA A 77 -11.53 -43.69 23.56
C ALA A 77 -10.11 -43.61 24.06
N ARG A 78 -9.08 -43.35 23.27
CA ARG A 78 -7.73 -43.26 23.92
C ARG A 78 -7.24 -41.83 23.82
N LEU A 79 -8.16 -40.90 23.63
CA LEU A 79 -7.80 -39.51 23.40
C LEU A 79 -8.21 -38.56 24.52
N HIS A 80 -9.39 -38.73 25.10
CA HIS A 80 -9.95 -37.77 26.04
C HIS A 80 -9.47 -38.08 27.45
N HIS A 81 -9.16 -37.03 28.21
CA HIS A 81 -8.65 -37.14 29.58
C HIS A 81 -9.05 -35.89 30.35
N PRO A 82 -9.76 -36.01 31.45
CA PRO A 82 -10.28 -34.82 32.15
C PRO A 82 -9.21 -34.00 32.85
N ASP A 83 -7.93 -34.36 32.67
CA ASP A 83 -6.78 -33.68 33.27
C ASP A 83 -5.94 -33.04 32.18
N PRO A 84 -5.54 -31.77 32.31
CA PRO A 84 -4.71 -31.14 31.26
C PRO A 84 -3.26 -31.62 31.27
N ASP A 85 -2.98 -32.74 31.91
CA ASP A 85 -1.67 -33.39 31.85
C ASP A 85 -1.78 -34.75 31.16
N ASN A 86 -0.73 -35.58 31.27
CA ASN A 86 -0.62 -36.80 30.48
C ASN A 86 -0.63 -36.47 28.99
N PRO A 87 0.45 -35.92 28.45
CA PRO A 87 0.44 -35.46 27.05
C PRO A 87 0.12 -36.59 26.09
N GLY A 88 -0.36 -36.20 24.90
CA GLY A 88 -1.00 -37.13 24.00
C GLY A 88 -2.49 -37.27 24.20
N THR A 89 -3.06 -36.57 25.17
CA THR A 89 -4.48 -36.57 25.45
C THR A 89 -4.99 -35.14 25.51
N SER A 90 -6.29 -34.97 25.25
CA SER A 90 -6.92 -33.66 25.21
C SER A 90 -8.07 -33.63 26.21
N TYR A 91 -8.22 -32.50 26.91
CA TYR A 91 -9.25 -32.36 27.93
C TYR A 91 -10.53 -31.70 27.42
N VAL A 92 -10.62 -31.43 26.12
CA VAL A 92 -11.83 -30.89 25.54
C VAL A 92 -12.53 -32.01 24.77
N ASP A 93 -13.86 -31.95 24.76
CA ASP A 93 -14.66 -33.01 24.15
C ASP A 93 -15.68 -32.37 23.20
N LYS A 94 -15.62 -31.05 23.05
CA LYS A 94 -16.53 -30.34 22.18
C LYS A 94 -15.78 -29.88 20.94
N GLY A 95 -16.48 -29.18 20.06
CA GLY A 95 -15.88 -28.60 18.88
C GLY A 95 -16.81 -28.69 17.67
N GLY A 96 -16.70 -27.68 16.80
CA GLY A 96 -17.48 -27.66 15.58
C GLY A 96 -16.77 -28.37 14.45
N PHE A 97 -17.49 -29.27 13.78
CA PHE A 97 -16.91 -30.07 12.71
C PHE A 97 -17.89 -30.16 11.55
N LEU A 98 -17.33 -30.35 10.34
CA LEU A 98 -18.15 -30.52 9.16
C LEU A 98 -18.88 -31.85 9.18
N ASP A 99 -20.06 -31.88 8.56
CA ASP A 99 -20.85 -33.10 8.48
C ASP A 99 -20.41 -34.00 7.32
N ASP A 100 -19.86 -33.43 6.27
CA ASP A 100 -19.40 -34.20 5.11
C ASP A 100 -18.06 -33.61 4.67
N ALA A 101 -16.97 -34.18 5.19
CA ALA A 101 -15.62 -33.76 4.83
C ALA A 101 -14.90 -34.78 3.96
N ALA A 102 -15.42 -36.00 3.83
CA ALA A 102 -14.79 -37.05 3.03
C ALA A 102 -15.59 -37.36 1.77
N GLY A 103 -16.32 -36.39 1.25
CA GLY A 103 -17.12 -36.58 0.05
C GLY A 103 -16.56 -35.80 -1.11
N PHE A 104 -16.58 -36.41 -2.30
CA PHE A 104 -16.04 -35.78 -3.49
C PHE A 104 -16.64 -36.45 -4.73
N ASP A 105 -16.89 -35.63 -5.75
CA ASP A 105 -17.38 -36.11 -7.05
C ASP A 105 -16.18 -36.18 -7.98
N ALA A 106 -15.55 -37.35 -8.05
CA ALA A 106 -14.31 -37.52 -8.81
C ALA A 106 -14.55 -37.44 -10.32
N GLU A 107 -15.60 -38.09 -10.82
CA GLU A 107 -15.82 -38.16 -12.26
C GLU A 107 -16.21 -36.81 -12.86
N PHE A 108 -16.79 -35.92 -12.06
CA PHE A 108 -17.22 -34.62 -12.58
C PHE A 108 -16.03 -33.77 -12.99
N PHE A 109 -15.00 -33.72 -12.15
CA PHE A 109 -13.83 -32.88 -12.39
C PHE A 109 -12.76 -33.58 -13.24
N GLY A 110 -13.01 -34.82 -13.64
CA GLY A 110 -12.03 -35.57 -14.42
C GLY A 110 -10.91 -36.19 -13.62
N VAL A 111 -11.11 -36.40 -12.31
CA VAL A 111 -10.08 -36.92 -11.42
C VAL A 111 -10.34 -38.40 -11.19
N SER A 112 -9.30 -39.22 -11.32
CA SER A 112 -9.41 -40.64 -11.11
C SER A 112 -9.68 -40.92 -9.63
N PRO A 113 -10.27 -42.08 -9.30
CA PRO A 113 -10.58 -42.36 -7.89
C PRO A 113 -9.36 -42.35 -7.00
N ARG A 114 -8.20 -42.81 -7.49
CA ARG A 114 -7.03 -42.91 -6.62
C ARG A 114 -6.44 -41.54 -6.36
N GLU A 115 -6.42 -40.68 -7.39
CA GLU A 115 -5.97 -39.32 -7.18
C GLU A 115 -6.90 -38.57 -6.24
N ALA A 116 -8.21 -38.76 -6.40
CA ALA A 116 -9.18 -38.19 -5.46
C ALA A 116 -8.97 -38.72 -4.04
N ALA A 117 -8.63 -40.01 -3.92
CA ALA A 117 -8.33 -40.58 -2.61
C ALA A 117 -7.00 -40.08 -2.06
N ALA A 118 -6.17 -39.46 -2.91
CA ALA A 118 -4.87 -38.95 -2.48
C ALA A 118 -4.89 -37.44 -2.23
N MET A 119 -6.07 -36.81 -2.24
CA MET A 119 -6.14 -35.37 -2.05
C MET A 119 -6.33 -35.02 -0.58
N ASP A 120 -5.76 -33.89 -0.17
CA ASP A 120 -6.22 -33.23 1.03
C ASP A 120 -7.67 -32.80 0.80
N PRO A 121 -8.60 -33.12 1.70
CA PRO A 121 -9.99 -32.72 1.49
C PRO A 121 -10.20 -31.21 1.33
N GLN A 122 -9.24 -30.39 1.79
CA GLN A 122 -9.36 -28.95 1.60
C GLN A 122 -9.42 -28.59 0.11
N GLN A 123 -8.59 -29.24 -0.72
CA GLN A 123 -8.59 -28.93 -2.14
C GLN A 123 -9.91 -29.31 -2.80
N ARG A 124 -10.47 -30.47 -2.46
CA ARG A 124 -11.74 -30.89 -3.04
C ARG A 124 -12.88 -29.97 -2.61
N LEU A 125 -12.92 -29.61 -1.33
CA LEU A 125 -13.94 -28.68 -0.86
C LEU A 125 -13.77 -27.31 -1.52
N LEU A 126 -12.54 -26.87 -1.72
CA LEU A 126 -12.30 -25.61 -2.43
C LEU A 126 -12.78 -25.68 -3.87
N LEU A 127 -12.56 -26.81 -4.55
CA LEU A 127 -13.05 -26.96 -5.91
C LEU A 127 -14.57 -26.87 -5.97
N GLU A 128 -15.26 -27.60 -5.08
CA GLU A 128 -16.72 -27.56 -5.07
C GLU A 128 -17.23 -26.16 -4.75
N THR A 129 -16.63 -25.53 -3.74
CA THR A 129 -17.04 -24.18 -3.36
C THR A 129 -16.77 -23.16 -4.45
N SER A 130 -15.67 -23.29 -5.19
CA SER A 130 -15.39 -22.38 -6.29
C SER A 130 -16.38 -22.57 -7.43
N TRP A 131 -16.74 -23.82 -7.74
CA TRP A 131 -17.75 -24.04 -8.77
C TRP A 131 -19.08 -23.42 -8.37
N GLU A 132 -19.50 -23.63 -7.11
CA GLU A 132 -20.74 -23.00 -6.65
C GLU A 132 -20.64 -21.48 -6.64
N LEU A 133 -19.47 -20.94 -6.28
CA LEU A 133 -19.27 -19.50 -6.27
C LEU A 133 -19.42 -18.92 -7.67
N VAL A 134 -18.84 -19.59 -8.66
CA VAL A 134 -18.96 -19.12 -10.04
C VAL A 134 -20.41 -19.22 -10.51
N GLU A 135 -21.09 -20.32 -10.19
CA GLU A 135 -22.48 -20.47 -10.63
C GLU A 135 -23.44 -19.54 -9.89
N ASN A 136 -23.06 -19.03 -8.72
CA ASN A 136 -23.97 -18.18 -7.95
C ASN A 136 -24.02 -16.75 -8.49
N ALA A 137 -23.06 -16.35 -9.32
CA ALA A 137 -23.00 -14.99 -9.83
C ALA A 137 -23.80 -14.80 -11.11
N GLY A 138 -24.52 -15.83 -11.56
CA GLY A 138 -25.19 -15.75 -12.85
C GLY A 138 -24.24 -15.69 -14.01
N ILE A 139 -23.10 -16.36 -13.92
CA ILE A 139 -22.07 -16.35 -14.95
C ILE A 139 -21.86 -17.78 -15.43
N ASP A 140 -21.86 -17.96 -16.74
CA ASP A 140 -21.60 -19.27 -17.32
C ASP A 140 -20.16 -19.64 -17.04
N PRO A 141 -19.90 -20.78 -16.37
CA PRO A 141 -18.52 -21.09 -15.96
C PRO A 141 -17.60 -21.46 -17.12
N HIS A 142 -18.14 -21.70 -18.31
CA HIS A 142 -17.34 -21.96 -19.49
C HIS A 142 -16.94 -20.69 -20.22
N SER A 143 -17.42 -19.53 -19.77
CA SER A 143 -17.06 -18.25 -20.37
C SER A 143 -15.85 -17.60 -19.70
N LEU A 144 -15.34 -18.19 -18.62
CA LEU A 144 -14.17 -17.69 -17.93
C LEU A 144 -12.88 -18.30 -18.43
N ARG A 145 -12.95 -19.14 -19.47
CA ARG A 145 -11.77 -19.81 -20.00
C ARG A 145 -10.92 -18.79 -20.76
N GLY A 146 -9.66 -18.64 -20.35
CA GLY A 146 -8.73 -17.74 -20.99
C GLY A 146 -8.74 -16.33 -20.45
N THR A 147 -9.70 -15.98 -19.59
CA THR A 147 -9.75 -14.65 -19.01
C THR A 147 -8.82 -14.55 -17.81
N ALA A 148 -8.38 -13.32 -17.54
CA ALA A 148 -7.40 -13.07 -16.47
C ALA A 148 -8.13 -12.93 -15.14
N THR A 149 -8.32 -14.06 -14.47
CA THR A 149 -8.99 -14.11 -13.18
C THR A 149 -8.02 -14.65 -12.14
N GLY A 150 -7.84 -13.92 -11.04
CA GLY A 150 -6.92 -14.32 -10.01
C GLY A 150 -7.57 -15.22 -8.96
N VAL A 151 -6.73 -16.03 -8.31
CA VAL A 151 -7.17 -16.93 -7.25
C VAL A 151 -6.24 -16.72 -6.06
N PHE A 152 -6.75 -16.06 -5.01
CA PHE A 152 -5.97 -15.76 -3.82
C PHE A 152 -6.58 -16.50 -2.64
N LEU A 153 -5.77 -17.31 -1.97
CA LEU A 153 -6.27 -18.25 -0.98
C LEU A 153 -5.43 -18.19 0.29
N GLY A 154 -6.07 -18.56 1.40
CA GLY A 154 -5.40 -18.79 2.66
C GLY A 154 -5.62 -20.20 3.14
N VAL A 155 -4.55 -21.01 3.13
CA VAL A 155 -4.66 -22.42 3.46
C VAL A 155 -3.33 -22.88 4.03
N ALA A 156 -3.39 -23.84 4.96
CA ALA A 156 -2.19 -24.39 5.59
C ALA A 156 -2.37 -25.89 5.75
N LYS A 157 -1.26 -26.59 5.93
CA LYS A 157 -1.25 -28.03 6.07
C LYS A 157 -1.63 -28.43 7.48
N PHE A 158 -2.41 -29.51 7.59
CA PHE A 158 -2.83 -30.04 8.88
C PHE A 158 -2.44 -31.50 9.08
N GLY A 159 -1.93 -32.17 8.04
CA GLY A 159 -1.53 -33.55 8.15
C GLY A 159 -2.53 -34.52 7.56
N TYR A 160 -2.25 -35.01 6.35
CA TYR A 160 -3.13 -35.95 5.67
C TYR A 160 -2.30 -37.04 5.02
N GLY A 161 -2.54 -38.29 5.43
CA GLY A 161 -1.85 -39.41 4.83
C GLY A 161 -0.36 -39.39 5.02
N GLU A 162 0.13 -38.49 5.86
CA GLU A 162 1.58 -38.36 6.06
C GLU A 162 2.07 -39.24 7.19
N ASP A 163 1.18 -39.87 7.94
CA ASP A 163 1.60 -40.79 8.97
C ASP A 163 1.81 -42.21 8.45
N THR A 164 1.19 -42.56 7.32
CA THR A 164 1.30 -43.88 6.73
C THR A 164 2.30 -43.87 5.58
N ALA A 165 2.72 -45.07 5.19
CA ALA A 165 3.66 -45.24 4.10
C ALA A 165 3.01 -44.94 2.76
N ALA A 166 3.77 -44.26 1.90
CA ALA A 166 3.25 -43.84 0.59
C ALA A 166 3.10 -45.04 -0.33
N ALA A 167 1.97 -45.09 -1.03
CA ALA A 167 1.70 -46.18 -1.96
C ALA A 167 2.47 -45.98 -3.27
N GLU A 168 2.50 -47.03 -4.09
CA GLU A 168 3.24 -47.00 -5.35
C GLU A 168 2.38 -46.36 -6.44
N ASP A 169 2.48 -45.03 -6.55
CA ASP A 169 1.94 -44.28 -7.69
C ASP A 169 3.11 -43.66 -8.43
N VAL A 170 3.48 -44.26 -9.57
CA VAL A 170 4.64 -43.77 -10.30
C VAL A 170 4.41 -42.33 -10.76
N GLU A 171 3.18 -41.98 -11.09
CA GLU A 171 2.84 -40.65 -11.59
C GLU A 171 2.88 -39.57 -10.53
N GLY A 172 3.07 -39.95 -9.26
CA GLY A 172 3.21 -38.96 -8.20
C GLY A 172 1.93 -38.24 -7.85
N TYR A 173 0.96 -38.98 -7.32
CA TYR A 173 -0.32 -38.40 -6.90
C TYR A 173 -0.34 -37.98 -5.44
N SER A 174 0.73 -38.23 -4.70
CA SER A 174 0.75 -37.96 -3.27
C SER A 174 1.55 -36.71 -2.89
N VAL A 175 1.94 -35.88 -3.85
CA VAL A 175 2.67 -34.65 -3.52
C VAL A 175 1.82 -33.43 -3.85
N THR A 176 1.25 -33.41 -5.05
CA THR A 176 0.41 -32.30 -5.47
C THR A 176 -0.96 -32.32 -4.81
N GLY A 177 -1.29 -33.39 -4.09
CA GLY A 177 -2.56 -33.48 -3.40
C GLY A 177 -2.54 -32.85 -2.03
N VAL A 178 -1.41 -32.96 -1.33
CA VAL A 178 -1.29 -32.47 0.04
C VAL A 178 -0.49 -31.16 0.09
N ALA A 179 0.10 -30.75 -1.04
CA ALA A 179 0.88 -29.52 -1.05
C ALA A 179 -0.03 -28.31 -0.94
N PRO A 180 0.38 -27.27 -0.21
CA PRO A 180 -0.44 -26.05 -0.08
C PRO A 180 -0.35 -25.09 -1.24
N ALA A 181 0.56 -25.32 -2.19
CA ALA A 181 0.69 -24.47 -3.36
C ALA A 181 -0.13 -24.96 -4.55
N VAL A 182 -0.78 -26.12 -4.43
CA VAL A 182 -1.63 -26.64 -5.50
C VAL A 182 -3.10 -26.33 -5.25
N ALA A 183 -3.46 -25.89 -4.05
CA ALA A 183 -4.86 -25.59 -3.74
C ALA A 183 -5.45 -24.54 -4.67
N SER A 184 -4.64 -23.64 -5.21
CA SER A 184 -5.11 -22.65 -6.17
C SER A 184 -4.74 -22.98 -7.61
N GLY A 185 -3.56 -23.57 -7.84
CA GLY A 185 -3.20 -23.99 -9.17
C GLY A 185 -4.13 -25.03 -9.75
N ARG A 186 -4.61 -25.96 -8.91
CA ARG A 186 -5.59 -26.95 -9.36
C ARG A 186 -6.90 -26.31 -9.75
N ILE A 187 -7.37 -25.30 -9.01
CA ILE A 187 -8.56 -24.57 -9.40
C ILE A 187 -8.35 -23.87 -10.74
N SER A 188 -7.20 -23.20 -10.89
CA SER A 188 -6.91 -22.51 -12.14
C SER A 188 -6.76 -23.47 -13.31
N TYR A 189 -6.34 -24.71 -13.05
CA TYR A 189 -6.18 -25.70 -14.12
C TYR A 189 -7.51 -26.34 -14.50
N THR A 190 -8.31 -26.72 -13.52
CA THR A 190 -9.60 -27.35 -13.79
C THR A 190 -10.66 -26.36 -14.24
N MET A 191 -10.49 -25.07 -13.99
CA MET A 191 -11.47 -24.07 -14.40
C MET A 191 -11.02 -23.23 -15.58
N GLY A 192 -9.73 -23.18 -15.86
CA GLY A 192 -9.21 -22.48 -17.01
C GLY A 192 -8.90 -21.01 -16.81
N LEU A 193 -8.80 -20.54 -15.57
CA LEU A 193 -8.49 -19.13 -15.33
C LEU A 193 -7.05 -18.84 -15.74
N GLU A 194 -6.80 -17.58 -16.11
CA GLU A 194 -5.52 -17.19 -16.70
C GLU A 194 -4.82 -16.13 -15.85
N GLY A 195 -5.17 -16.01 -14.58
CA GLY A 195 -4.63 -14.96 -13.74
C GLY A 195 -3.68 -15.46 -12.67
N PRO A 196 -3.01 -14.55 -11.98
CA PRO A 196 -2.10 -14.96 -10.90
C PRO A 196 -2.84 -15.71 -9.80
N SER A 197 -2.18 -16.73 -9.25
CA SER A 197 -2.74 -17.55 -8.18
C SER A 197 -1.73 -17.59 -7.04
N ILE A 198 -2.15 -17.14 -5.85
CA ILE A 198 -1.27 -17.06 -4.69
C ILE A 198 -1.98 -17.68 -3.49
N SER A 199 -1.23 -18.48 -2.73
CA SER A 199 -1.69 -19.11 -1.48
C SER A 199 -0.81 -18.59 -0.35
N VAL A 200 -1.32 -17.61 0.41
CA VAL A 200 -0.51 -16.90 1.41
C VAL A 200 -0.54 -17.63 2.76
N ASP A 201 0.34 -17.20 3.66
CA ASP A 201 0.36 -17.60 5.06
C ASP A 201 0.50 -16.35 5.92
N THR A 202 -0.48 -16.12 6.82
CA THR A 202 -0.44 -14.97 7.70
C THR A 202 -0.86 -15.35 9.13
N ALA A 203 -0.97 -16.65 9.41
CA ALA A 203 -1.32 -17.13 10.75
C ALA A 203 -2.67 -16.60 11.20
N CYS A 204 -3.73 -17.06 10.53
CA CYS A 204 -5.16 -16.83 10.73
C CYS A 204 -5.59 -15.41 10.36
N SER A 205 -4.70 -14.59 9.78
CA SER A 205 -5.09 -13.36 9.12
C SER A 205 -4.85 -13.46 7.61
N SER A 206 -4.80 -14.69 7.09
CA SER A 206 -4.45 -14.91 5.69
C SER A 206 -5.54 -14.43 4.75
N SER A 207 -6.81 -14.60 5.14
CA SER A 207 -7.91 -14.24 4.26
C SER A 207 -7.92 -12.75 3.94
N LEU A 208 -7.76 -11.89 4.96
CA LEU A 208 -7.74 -10.46 4.70
C LEU A 208 -6.48 -10.01 3.97
N VAL A 209 -5.35 -10.67 4.20
CA VAL A 209 -4.15 -10.37 3.43
C VAL A 209 -4.37 -10.69 1.96
N ALA A 210 -4.98 -11.84 1.67
CA ALA A 210 -5.31 -12.19 0.30
C ALA A 210 -6.30 -11.21 -0.30
N LEU A 211 -7.27 -10.75 0.49
CA LEU A 211 -8.22 -9.74 0.00
C LEU A 211 -7.50 -8.43 -0.33
N HIS A 212 -6.56 -8.01 0.52
CA HIS A 212 -5.79 -6.80 0.24
C HIS A 212 -4.96 -6.94 -1.03
N LEU A 213 -4.31 -8.10 -1.21
CA LEU A 213 -3.55 -8.33 -2.43
C LEU A 213 -4.45 -8.33 -3.66
N ALA A 214 -5.66 -8.90 -3.55
CA ALA A 214 -6.60 -8.88 -4.66
C ALA A 214 -7.05 -7.46 -4.98
N VAL A 215 -7.29 -6.65 -3.96
CA VAL A 215 -7.67 -5.26 -4.20
C VAL A 215 -6.52 -4.53 -4.90
N GLU A 216 -5.29 -4.76 -4.46
CA GLU A 216 -4.13 -4.16 -5.12
C GLU A 216 -4.06 -4.57 -6.59
N SER A 217 -4.21 -5.86 -6.86
CA SER A 217 -4.13 -6.37 -8.23
C SER A 217 -5.24 -5.81 -9.11
N LEU A 218 -6.47 -5.74 -8.59
CA LEU A 218 -7.58 -5.21 -9.36
C LEU A 218 -7.40 -3.73 -9.64
N ARG A 219 -6.92 -2.97 -8.66
CA ARG A 219 -6.73 -1.54 -8.86
C ARG A 219 -5.61 -1.26 -9.86
N LYS A 220 -4.52 -2.04 -9.80
CA LYS A 220 -3.44 -1.85 -10.76
C LYS A 220 -3.91 -2.14 -12.19
N GLY A 221 -4.66 -3.21 -12.38
CA GLY A 221 -5.23 -3.53 -13.67
C GLY A 221 -4.73 -4.79 -14.34
N GLU A 222 -4.05 -5.67 -13.61
CA GLU A 222 -3.55 -6.91 -14.19
C GLU A 222 -4.54 -8.06 -14.08
N SER A 223 -5.67 -7.86 -13.41
CA SER A 223 -6.69 -8.89 -13.27
C SER A 223 -8.06 -8.31 -13.55
N SER A 224 -8.99 -9.19 -13.92
CA SER A 224 -10.38 -8.82 -14.17
C SER A 224 -11.29 -9.15 -12.99
N MET A 225 -11.24 -10.39 -12.51
CA MET A 225 -11.99 -10.84 -11.35
C MET A 225 -11.02 -11.50 -10.38
N ALA A 226 -11.45 -11.59 -9.12
CA ALA A 226 -10.63 -12.23 -8.10
C ALA A 226 -11.50 -13.19 -7.28
N VAL A 227 -10.97 -14.38 -7.06
CA VAL A 227 -11.59 -15.38 -6.19
C VAL A 227 -10.77 -15.41 -4.91
N VAL A 228 -11.31 -14.82 -3.84
CA VAL A 228 -10.56 -14.62 -2.61
C VAL A 228 -11.19 -15.46 -1.52
N GLY A 229 -10.38 -16.25 -0.83
CA GLY A 229 -10.95 -17.05 0.24
C GLY A 229 -9.94 -17.79 1.09
N GLY A 230 -10.46 -18.72 1.88
CA GLY A 230 -9.64 -19.50 2.78
C GLY A 230 -10.28 -20.84 3.06
N ALA A 231 -9.46 -21.75 3.60
CA ALA A 231 -9.93 -23.09 3.90
C ALA A 231 -9.23 -23.61 5.15
N ALA A 232 -9.98 -24.34 5.99
CA ALA A 232 -9.42 -24.96 7.18
C ALA A 232 -10.25 -26.20 7.50
N VAL A 233 -9.74 -27.37 7.11
CA VAL A 233 -10.38 -28.64 7.40
C VAL A 233 -9.35 -29.53 8.08
N MET A 234 -9.65 -29.95 9.31
CA MET A 234 -8.74 -30.78 10.07
C MET A 234 -8.73 -32.21 9.54
N ALA A 235 -7.61 -32.89 9.75
CA ALA A 235 -7.50 -34.32 9.50
C ALA A 235 -6.89 -35.09 10.66
N THR A 236 -6.23 -34.41 11.60
CA THR A 236 -5.68 -35.01 12.81
C THR A 236 -6.11 -34.18 14.01
N PRO A 237 -6.28 -34.80 15.18
CA PRO A 237 -6.72 -34.05 16.36
C PRO A 237 -5.58 -33.31 17.04
N GLY A 238 -4.44 -33.21 16.36
CA GLY A 238 -3.24 -32.69 17.00
C GLY A 238 -3.42 -31.31 17.60
N VAL A 239 -4.10 -30.41 16.88
CA VAL A 239 -4.30 -29.05 17.39
C VAL A 239 -4.97 -29.09 18.76
N PHE A 240 -5.99 -29.93 18.92
CA PHE A 240 -6.66 -30.05 20.21
C PHE A 240 -5.71 -30.55 21.28
N VAL A 241 -4.87 -31.53 20.96
CA VAL A 241 -3.96 -32.07 21.96
C VAL A 241 -2.93 -31.02 22.37
N ASP A 242 -2.30 -30.38 21.38
CA ASP A 242 -1.28 -29.37 21.63
C ASP A 242 -1.83 -28.24 22.49
N PHE A 243 -2.98 -27.67 22.11
CA PHE A 243 -3.55 -26.59 22.90
C PHE A 243 -4.17 -27.09 24.21
N SER A 244 -4.29 -28.42 24.38
CA SER A 244 -4.64 -28.93 25.70
C SER A 244 -3.46 -28.85 26.67
N ARG A 245 -2.23 -28.82 26.13
CA ARG A 245 -1.05 -28.73 26.99
C ARG A 245 -0.85 -27.31 27.53
N GLN A 246 -1.14 -26.29 26.74
CA GLN A 246 -0.97 -24.91 27.14
C GLN A 246 -2.15 -24.37 27.94
N ARG A 247 -3.20 -25.17 28.11
CA ARG A 247 -4.43 -24.74 28.77
C ARG A 247 -4.96 -23.44 28.15
N ALA A 248 -5.01 -23.43 26.82
CA ALA A 248 -5.57 -22.30 26.08
C ALA A 248 -6.98 -22.55 25.59
N LEU A 249 -7.45 -23.79 25.64
CA LEU A 249 -8.77 -24.16 25.16
C LEU A 249 -9.82 -23.95 26.23
N ALA A 250 -11.02 -23.57 25.81
CA ALA A 250 -12.13 -23.40 26.74
C ALA A 250 -12.57 -24.76 27.28
N ALA A 251 -13.00 -24.77 28.55
CA ALA A 251 -13.43 -26.01 29.17
C ALA A 251 -14.66 -26.60 28.48
N ASP A 252 -15.64 -25.76 28.14
CA ASP A 252 -16.86 -26.21 27.48
C ASP A 252 -16.81 -26.07 25.97
N GLY A 253 -15.74 -25.51 25.41
CA GLY A 253 -15.59 -25.39 23.98
C GLY A 253 -16.33 -24.23 23.34
N ARG A 254 -16.82 -23.27 24.12
CA ARG A 254 -17.56 -22.13 23.59
C ARG A 254 -16.70 -20.87 23.66
N SER A 255 -16.67 -20.12 22.56
CA SER A 255 -15.95 -18.87 22.49
C SER A 255 -16.83 -17.75 23.07
N LYS A 256 -16.42 -17.21 24.20
CA LYS A 256 -17.18 -16.18 24.92
C LYS A 256 -16.57 -14.82 24.62
N ALA A 257 -17.00 -14.23 23.51
CA ALA A 257 -16.45 -12.96 23.06
C ALA A 257 -16.98 -11.82 23.93
N PHE A 258 -16.06 -11.03 24.50
CA PHE A 258 -16.36 -9.85 25.29
C PHE A 258 -17.28 -10.16 26.47
N GLY A 259 -17.13 -11.33 27.09
CA GLY A 259 -17.94 -11.69 28.23
C GLY A 259 -17.10 -11.92 29.47
N ALA A 260 -17.71 -11.65 30.63
CA ALA A 260 -17.03 -11.89 31.89
C ALA A 260 -16.99 -13.37 32.24
N GLY A 261 -15.89 -14.03 31.91
CA GLY A 261 -15.77 -15.46 32.10
C GLY A 261 -15.07 -16.18 30.99
N ALA A 262 -14.62 -15.46 29.95
CA ALA A 262 -13.91 -16.08 28.85
C ALA A 262 -12.63 -16.75 29.35
N ASP A 263 -12.48 -18.03 29.04
CA ASP A 263 -11.33 -18.78 29.53
C ASP A 263 -10.73 -19.66 28.45
N GLY A 264 -10.91 -19.30 27.18
CA GLY A 264 -10.37 -20.04 26.07
C GLY A 264 -11.29 -19.99 24.86
N PHE A 265 -10.63 -20.45 23.77
CA PHE A 265 -11.28 -20.43 22.46
C PHE A 265 -11.77 -21.79 22.03
N GLY A 266 -12.51 -21.81 20.93
CA GLY A 266 -12.90 -23.11 20.41
C GLY A 266 -12.85 -23.16 18.90
N PHE A 267 -12.29 -24.23 18.34
CA PHE A 267 -11.98 -24.28 16.93
C PHE A 267 -13.14 -24.86 16.12
N SER A 268 -13.06 -24.68 14.81
CA SER A 268 -14.06 -25.19 13.89
C SER A 268 -13.41 -25.35 12.51
N GLU A 269 -14.16 -25.97 11.60
CA GLU A 269 -13.72 -26.19 10.23
C GLU A 269 -14.60 -25.42 9.27
N GLY A 270 -14.02 -24.98 8.15
CA GLY A 270 -14.78 -24.24 7.17
C GLY A 270 -14.00 -23.79 5.95
N VAL A 271 -14.71 -23.65 4.83
CA VAL A 271 -14.14 -23.15 3.58
C VAL A 271 -15.01 -22.00 3.12
N THR A 272 -14.38 -20.88 2.76
CA THR A 272 -15.17 -19.71 2.39
C THR A 272 -14.50 -19.00 1.22
N LEU A 273 -15.30 -18.59 0.24
CA LEU A 273 -14.82 -17.89 -0.94
C LEU A 273 -15.77 -16.76 -1.31
N VAL A 274 -15.19 -15.69 -1.87
CA VAL A 274 -15.94 -14.55 -2.38
C VAL A 274 -15.35 -14.16 -3.74
N LEU A 275 -16.18 -13.44 -4.52
CA LEU A 275 -15.80 -12.98 -5.85
C LEU A 275 -15.77 -11.46 -5.86
N LEU A 276 -14.67 -10.89 -6.32
CA LEU A 276 -14.44 -9.46 -6.35
C LEU A 276 -14.23 -8.98 -7.77
N GLU A 277 -14.77 -7.79 -8.07
CA GLU A 277 -14.60 -7.17 -9.38
C GLU A 277 -14.68 -5.66 -9.21
N ARG A 278 -14.07 -4.93 -10.13
CA ARG A 278 -14.18 -3.48 -10.12
C ARG A 278 -15.63 -3.06 -10.33
N LEU A 279 -16.05 -2.01 -9.61
CA LEU A 279 -17.43 -1.57 -9.66
C LEU A 279 -17.83 -1.07 -11.04
N SER A 280 -16.95 -0.31 -11.70
CA SER A 280 -17.26 0.18 -13.04
C SER A 280 -17.48 -0.96 -14.02
N GLU A 281 -16.61 -1.96 -14.00
CA GLU A 281 -16.82 -3.14 -14.84
C GLU A 281 -17.96 -4.00 -14.35
N ALA A 282 -18.25 -3.98 -13.04
CA ALA A 282 -19.37 -4.74 -12.51
C ALA A 282 -20.71 -4.21 -12.99
N ARG A 283 -20.87 -2.89 -13.10
CA ARG A 283 -22.13 -2.35 -13.57
C ARG A 283 -22.10 -1.98 -15.06
N ARG A 284 -20.94 -2.09 -15.71
CA ARG A 284 -20.91 -2.02 -17.16
C ARG A 284 -21.41 -3.31 -17.79
N ASN A 285 -21.02 -4.45 -17.20
CA ASN A 285 -21.46 -5.74 -17.70
C ASN A 285 -22.85 -6.12 -17.21
N GLY A 286 -23.36 -5.44 -16.18
CA GLY A 286 -24.68 -5.73 -15.66
C GLY A 286 -24.74 -6.80 -14.59
N HIS A 287 -23.67 -6.96 -13.80
CA HIS A 287 -23.65 -7.97 -12.76
C HIS A 287 -24.39 -7.49 -11.52
N GLU A 288 -24.41 -8.32 -10.49
CA GLU A 288 -25.07 -8.02 -9.22
C GLU A 288 -24.04 -7.57 -8.20
N VAL A 289 -24.35 -6.48 -7.50
CA VAL A 289 -23.45 -5.88 -6.51
C VAL A 289 -24.09 -6.05 -5.14
N LEU A 290 -23.33 -6.64 -4.21
CA LEU A 290 -23.78 -6.84 -2.85
C LEU A 290 -23.23 -5.80 -1.89
N ALA A 291 -21.93 -5.51 -1.95
CA ALA A 291 -21.29 -4.50 -1.12
C ALA A 291 -20.05 -4.03 -1.86
N VAL A 292 -19.40 -3.00 -1.32
CA VAL A 292 -18.18 -2.46 -1.91
C VAL A 292 -17.11 -2.34 -0.84
N VAL A 293 -15.96 -2.94 -1.08
CA VAL A 293 -14.77 -2.74 -0.25
C VAL A 293 -14.16 -1.40 -0.64
N ARG A 294 -13.95 -0.55 0.37
CA ARG A 294 -13.48 0.82 0.16
C ARG A 294 -11.98 0.94 0.39
N GLY A 295 -11.49 0.49 1.54
CA GLY A 295 -10.07 0.57 1.84
C GLY A 295 -9.65 -0.56 2.76
N SER A 296 -8.33 -0.73 2.87
CA SER A 296 -7.76 -1.78 3.69
C SER A 296 -6.41 -1.32 4.21
N ALA A 297 -5.97 -1.94 5.30
CA ALA A 297 -4.69 -1.60 5.91
C ALA A 297 -4.07 -2.83 6.55
N LEU A 298 -2.75 -2.92 6.45
CA LEU A 298 -1.96 -4.01 7.01
C LEU A 298 -0.81 -3.45 7.81
N ASN A 299 -0.42 -4.15 8.87
CA ASN A 299 0.79 -3.80 9.61
C ASN A 299 1.23 -5.02 10.43
N GLN A 300 2.21 -4.79 11.31
CA GLN A 300 2.78 -5.84 12.15
C GLN A 300 2.72 -5.41 13.61
N ASP A 301 2.56 -6.39 14.50
CA ASP A 301 2.57 -6.08 15.93
C ASP A 301 3.91 -5.52 16.36
N GLY A 302 5.00 -5.99 15.77
CA GLY A 302 6.32 -5.46 16.05
C GLY A 302 6.95 -6.03 17.32
N ALA A 303 7.77 -5.22 17.99
CA ALA A 303 8.47 -5.64 19.20
C ALA A 303 7.53 -5.48 20.38
N SER A 304 7.10 -6.61 20.94
CA SER A 304 6.17 -6.63 22.05
C SER A 304 6.74 -7.48 23.18
N ASN A 305 5.92 -7.77 24.19
CA ASN A 305 6.35 -8.56 25.34
C ASN A 305 6.14 -10.06 25.09
N GLY A 306 6.12 -10.45 23.81
CA GLY A 306 5.96 -11.85 23.45
C GLY A 306 5.77 -12.01 21.96
N LEU A 307 6.18 -13.18 21.46
CA LEU A 307 6.02 -13.48 20.05
C LEU A 307 4.55 -13.62 19.66
N SER A 308 3.72 -14.16 20.55
CA SER A 308 2.31 -14.37 20.30
C SER A 308 1.45 -13.56 21.28
N ALA A 309 1.83 -12.30 21.49
CA ALA A 309 1.10 -11.42 22.40
C ALA A 309 0.61 -10.19 21.65
N PRO A 310 -0.60 -9.73 21.94
CA PRO A 310 -1.15 -8.58 21.21
C PRO A 310 -0.60 -7.26 21.72
N SER A 311 -0.81 -6.21 20.93
CA SER A 311 -0.39 -4.86 21.28
C SER A 311 -1.50 -3.88 20.89
N GLY A 312 -1.55 -2.75 21.58
CA GLY A 312 -2.58 -1.75 21.38
C GLY A 312 -2.26 -0.71 20.32
N PRO A 313 -1.11 -0.04 20.46
CA PRO A 313 -0.76 0.99 19.47
C PRO A 313 -0.72 0.48 18.04
N ALA A 314 -0.32 -0.77 17.81
CA ALA A 314 -0.35 -1.32 16.47
C ALA A 314 -1.78 -1.39 15.93
N GLN A 315 -2.72 -1.82 16.77
CA GLN A 315 -4.12 -1.86 16.36
C GLN A 315 -4.67 -0.46 16.07
N ARG A 316 -4.34 0.51 16.92
CA ARG A 316 -4.79 1.87 16.67
C ARG A 316 -4.20 2.41 15.36
N ARG A 317 -2.92 2.15 15.11
CA ARG A 317 -2.28 2.64 13.90
C ARG A 317 -2.87 1.99 12.65
N VAL A 318 -3.14 0.68 12.70
CA VAL A 318 -3.73 0.05 11.52
C VAL A 318 -5.17 0.53 11.31
N ILE A 319 -5.91 0.79 12.39
CA ILE A 319 -7.25 1.35 12.24
C ILE A 319 -7.17 2.72 11.56
N ARG A 320 -6.24 3.56 12.00
CA ARG A 320 -6.11 4.89 11.41
C ARG A 320 -5.64 4.82 9.95
N GLN A 321 -4.75 3.89 9.63
CA GLN A 321 -4.36 3.70 8.23
C GLN A 321 -5.53 3.25 7.37
N ALA A 322 -6.36 2.34 7.89
CA ALA A 322 -7.55 1.93 7.15
C ALA A 322 -8.53 3.08 6.97
N LEU A 323 -8.61 3.97 7.95
CA LEU A 323 -9.52 5.12 7.83
C LEU A 323 -9.00 6.12 6.81
N GLU A 324 -7.70 6.44 6.84
CA GLU A 324 -7.13 7.49 6.01
C GLU A 324 -6.98 7.09 4.54
N SER A 325 -6.74 5.81 4.25
CA SER A 325 -6.43 5.37 2.89
C SER A 325 -7.59 5.54 1.92
N CYS A 326 -8.81 5.77 2.42
CA CYS A 326 -9.97 5.93 1.56
C CYS A 326 -10.58 7.32 1.61
N GLY A 327 -10.19 8.17 2.56
CA GLY A 327 -10.71 9.51 2.66
C GLY A 327 -11.87 9.68 3.64
N LEU A 328 -11.98 8.82 4.63
CA LEU A 328 -13.06 8.88 5.61
C LEU A 328 -12.52 9.31 6.96
N GLU A 329 -13.42 9.40 7.93
CA GLU A 329 -13.12 9.78 9.30
C GLU A 329 -13.80 8.82 10.26
N PRO A 330 -13.31 8.72 11.50
CA PRO A 330 -14.01 7.90 12.49
C PRO A 330 -15.36 8.47 12.91
N GLY A 331 -16.46 7.82 12.52
CA GLY A 331 -17.79 8.31 12.78
C GLY A 331 -18.79 8.04 11.68
N ASP A 332 -18.33 7.60 10.51
CA ASP A 332 -19.22 7.13 9.45
C ASP A 332 -19.43 5.63 9.59
N VAL A 333 -19.80 5.17 10.78
CA VAL A 333 -19.80 3.75 11.12
C VAL A 333 -21.11 3.42 11.81
N ASP A 334 -21.64 2.22 11.51
CA ASP A 334 -22.79 1.69 12.23
C ASP A 334 -22.44 0.52 13.13
N ALA A 335 -21.51 -0.33 12.71
CA ALA A 335 -21.13 -1.49 13.51
C ALA A 335 -19.74 -1.95 13.07
N VAL A 336 -18.99 -2.56 13.99
CA VAL A 336 -17.65 -3.10 13.61
C VAL A 336 -17.56 -4.59 13.95
N GLU A 337 -17.08 -5.40 12.99
CA GLU A 337 -16.89 -6.85 13.25
C GLU A 337 -15.54 -7.02 13.96
N ALA A 338 -15.56 -7.53 15.20
CA ALA A 338 -14.29 -7.61 15.98
C ALA A 338 -13.70 -9.02 15.91
N HIS A 339 -12.49 -9.24 16.44
CA HIS A 339 -11.84 -10.58 16.48
C HIS A 339 -11.88 -11.03 17.92
N GLY A 340 -13.04 -11.12 18.51
CA GLY A 340 -13.17 -11.67 19.88
C GLY A 340 -13.21 -13.19 19.87
N THR A 341 -12.10 -13.83 20.25
CA THR A 341 -12.03 -15.32 20.22
C THR A 341 -12.32 -15.89 21.60
N GLY A 342 -12.62 -15.03 22.58
CA GLY A 342 -12.79 -15.52 23.96
C GLY A 342 -11.46 -15.49 24.68
N THR A 343 -10.61 -14.53 24.32
CA THR A 343 -9.26 -14.42 24.93
C THR A 343 -9.33 -13.52 26.17
N ALA A 344 -9.14 -14.10 27.35
CA ALA A 344 -9.20 -13.32 28.61
C ALA A 344 -8.25 -12.12 28.53
N LEU A 345 -7.23 -12.19 27.68
CA LEU A 345 -6.26 -11.11 27.58
C LEU A 345 -6.42 -10.23 26.35
N GLY A 346 -6.78 -10.79 25.20
CA GLY A 346 -6.89 -9.99 23.99
C GLY A 346 -8.16 -9.17 23.89
N ASP A 347 -9.25 -9.63 24.50
CA ASP A 347 -10.52 -8.91 24.41
C ASP A 347 -10.44 -7.51 25.02
N PRO A 348 -9.94 -7.33 26.26
CA PRO A 348 -9.82 -5.96 26.77
C PRO A 348 -8.90 -5.08 25.94
N ILE A 349 -7.81 -5.64 25.41
CA ILE A 349 -6.88 -4.85 24.61
C ILE A 349 -7.55 -4.37 23.34
N GLU A 350 -8.24 -5.26 22.62
CA GLU A 350 -8.93 -4.87 21.40
C GLU A 350 -10.05 -3.89 21.68
N ALA A 351 -10.82 -4.11 22.75
CA ALA A 351 -11.89 -3.18 23.08
C ALA A 351 -11.36 -1.79 23.42
N ASN A 352 -10.30 -1.71 24.24
CA ASN A 352 -9.69 -0.43 24.56
C ASN A 352 -9.09 0.24 23.33
N ALA A 353 -8.55 -0.53 22.40
CA ALA A 353 -8.12 0.04 21.12
C ALA A 353 -9.29 0.61 20.33
N LEU A 354 -10.45 -0.05 20.37
CA LEU A 354 -11.64 0.45 19.69
C LEU A 354 -12.22 1.70 20.32
N LEU A 355 -12.20 1.82 21.65
CA LEU A 355 -12.73 3.02 22.29
C LEU A 355 -11.79 4.22 22.22
N ASP A 356 -10.54 4.04 21.81
CA ASP A 356 -9.60 5.15 21.71
C ASP A 356 -9.59 5.81 20.33
N THR A 357 -10.29 5.24 19.36
CA THR A 357 -10.44 5.82 18.03
C THR A 357 -11.88 6.09 17.66
N TYR A 358 -12.80 5.19 18.02
CA TYR A 358 -14.16 5.19 17.49
C TYR A 358 -15.15 5.67 18.54
N GLY A 359 -15.09 5.14 19.75
CA GLY A 359 -15.84 5.67 20.87
C GLY A 359 -15.23 6.92 21.47
N ARG A 360 -14.14 7.41 20.90
CA ARG A 360 -13.50 8.64 21.36
C ARG A 360 -14.31 9.85 20.92
N ASP A 361 -14.78 10.62 21.90
CA ASP A 361 -15.45 11.91 21.66
C ASP A 361 -16.58 11.78 20.64
N ARG A 362 -17.27 10.64 20.70
CA ARG A 362 -18.21 10.26 19.67
C ARG A 362 -19.57 10.90 19.91
N ASP A 363 -20.39 10.93 18.86
CA ASP A 363 -21.76 11.41 18.96
C ASP A 363 -22.52 10.59 19.99
N ALA A 364 -23.53 11.22 20.60
CA ALA A 364 -24.12 10.70 21.83
C ALA A 364 -25.46 9.99 21.63
N ASP A 365 -26.16 10.23 20.52
CA ASP A 365 -27.50 9.71 20.36
C ASP A 365 -27.53 8.27 19.84
N ARG A 366 -26.36 7.68 19.59
CA ARG A 366 -26.20 6.23 19.68
C ARG A 366 -24.76 5.93 20.12
N PRO A 367 -24.54 4.77 20.71
CA PRO A 367 -23.19 4.21 20.77
C PRO A 367 -22.86 3.51 19.46
N LEU A 368 -21.63 3.01 19.37
CA LEU A 368 -21.20 2.21 18.23
C LEU A 368 -21.38 0.73 18.56
N TRP A 369 -22.03 0.01 17.66
CA TRP A 369 -22.38 -1.38 17.90
C TRP A 369 -21.15 -2.27 17.75
N LEU A 370 -20.90 -3.09 18.76
CA LEU A 370 -19.76 -4.02 18.77
C LEU A 370 -20.30 -5.44 18.80
N GLY A 371 -19.85 -6.26 17.83
CA GLY A 371 -20.27 -7.64 17.74
C GLY A 371 -19.14 -8.54 17.28
N SER A 372 -19.39 -9.84 17.37
CA SER A 372 -18.42 -10.85 16.96
C SER A 372 -19.16 -12.09 16.49
N VAL A 373 -18.68 -12.69 15.41
CA VAL A 373 -19.30 -13.89 14.86
C VAL A 373 -18.78 -15.16 15.51
N LYS A 374 -17.60 -15.10 16.15
CA LYS A 374 -16.98 -16.30 16.72
C LYS A 374 -17.81 -16.90 17.85
N SER A 375 -18.77 -16.15 18.39
CA SER A 375 -19.65 -16.68 19.43
C SER A 375 -20.75 -17.56 18.87
N ASN A 376 -20.92 -17.62 17.55
CA ASN A 376 -21.95 -18.44 16.93
C ASN A 376 -21.40 -19.74 16.36
N ILE A 377 -20.35 -19.66 15.55
CA ILE A 377 -19.79 -20.84 14.89
C ILE A 377 -18.44 -21.25 15.45
N GLY A 378 -17.70 -20.35 16.08
CA GLY A 378 -16.40 -20.68 16.63
C GLY A 378 -15.25 -20.15 15.77
N HIS A 379 -14.04 -20.51 16.18
CA HIS A 379 -12.83 -20.07 15.51
C HIS A 379 -12.61 -20.90 14.24
N THR A 380 -12.39 -20.21 13.12
CA THR A 380 -12.13 -20.87 11.85
C THR A 380 -10.64 -20.97 11.52
N GLN A 381 -9.82 -20.07 12.08
CA GLN A 381 -8.36 -20.09 12.14
C GLN A 381 -7.71 -20.00 10.76
N ALA A 382 -8.51 -20.03 9.69
CA ALA A 382 -8.00 -19.70 8.36
C ALA A 382 -8.94 -18.83 7.55
N ALA A 383 -10.23 -18.79 7.85
CA ALA A 383 -11.21 -18.04 7.08
C ALA A 383 -12.09 -17.19 7.99
N ALA A 384 -11.51 -16.65 9.07
CA ALA A 384 -12.27 -15.84 10.00
C ALA A 384 -12.62 -14.47 9.43
N GLY A 385 -11.65 -13.81 8.77
CA GLY A 385 -11.92 -12.50 8.21
C GLY A 385 -12.95 -12.54 7.10
N VAL A 386 -12.86 -13.53 6.21
CA VAL A 386 -13.86 -13.67 5.16
C VAL A 386 -15.21 -14.10 5.75
N THR A 387 -15.22 -14.85 6.85
CA THR A 387 -16.48 -15.14 7.53
C THR A 387 -17.12 -13.86 8.06
N GLY A 388 -16.32 -12.97 8.65
CA GLY A 388 -16.84 -11.67 9.04
C GLY A 388 -17.33 -10.86 7.85
N LEU A 389 -16.65 -10.98 6.72
CA LEU A 389 -17.11 -10.32 5.49
C LEU A 389 -18.47 -10.84 5.07
N LEU A 390 -18.68 -12.16 5.11
CA LEU A 390 -19.99 -12.72 4.80
C LEU A 390 -21.05 -12.27 5.79
N LYS A 391 -20.71 -12.20 7.08
CA LYS A 391 -21.68 -11.71 8.06
C LYS A 391 -22.08 -10.27 7.77
N VAL A 392 -21.09 -9.43 7.43
CA VAL A 392 -21.38 -8.03 7.10
C VAL A 392 -22.24 -7.94 5.85
N VAL A 393 -21.93 -8.73 4.82
CA VAL A 393 -22.71 -8.68 3.59
C VAL A 393 -24.14 -9.12 3.84
N LEU A 394 -24.33 -10.19 4.62
CA LEU A 394 -25.67 -10.64 4.96
C LEU A 394 -26.44 -9.60 5.75
N ALA A 395 -25.79 -8.94 6.73
CA ALA A 395 -26.45 -7.90 7.49
C ALA A 395 -26.84 -6.72 6.61
N LEU A 396 -25.96 -6.31 5.69
CA LEU A 396 -26.29 -5.22 4.78
C LEU A 396 -27.44 -5.57 3.85
N ARG A 397 -27.40 -6.78 3.27
CA ARG A 397 -28.43 -7.17 2.32
C ARG A 397 -29.80 -7.33 2.99
N ASN A 398 -29.83 -7.98 4.14
CA ASN A 398 -31.09 -8.26 4.83
C ASN A 398 -31.51 -7.16 5.80
N GLY A 399 -30.69 -6.14 5.99
CA GLY A 399 -31.08 -4.97 6.75
C GLY A 399 -31.32 -5.21 8.23
N GLU A 400 -30.43 -5.94 8.89
CA GLU A 400 -30.55 -6.15 10.33
C GLU A 400 -29.18 -6.53 10.88
N LEU A 401 -28.93 -6.14 12.13
CA LEU A 401 -27.70 -6.48 12.82
C LEU A 401 -27.96 -7.62 13.79
N PRO A 402 -27.39 -8.80 13.56
CA PRO A 402 -27.60 -9.92 14.49
C PRO A 402 -26.92 -9.69 15.83
N ALA A 403 -27.47 -10.33 16.85
CA ALA A 403 -26.99 -10.14 18.21
C ALA A 403 -25.72 -10.95 18.44
N THR A 404 -25.15 -10.79 19.64
CA THR A 404 -23.97 -11.51 20.07
C THR A 404 -24.32 -12.35 21.29
N LEU A 405 -23.81 -13.58 21.31
CA LEU A 405 -24.12 -14.50 22.39
C LEU A 405 -23.12 -14.37 23.53
N HIS A 406 -23.54 -14.81 24.72
CA HIS A 406 -22.70 -14.85 25.91
C HIS A 406 -22.19 -13.48 26.32
N VAL A 407 -23.07 -12.46 26.27
CA VAL A 407 -22.72 -11.11 26.69
C VAL A 407 -23.75 -10.61 27.70
N GLU A 408 -24.30 -11.53 28.49
CA GLU A 408 -25.38 -11.21 29.42
C GLU A 408 -25.04 -10.02 30.31
N GLU A 409 -23.81 -9.96 30.80
CA GLU A 409 -23.20 -8.69 31.19
C GLU A 409 -21.75 -8.66 30.69
N PRO A 410 -21.16 -7.49 30.49
CA PRO A 410 -19.83 -7.41 29.88
C PRO A 410 -18.74 -7.69 30.90
N THR A 411 -17.53 -7.93 30.38
CA THR A 411 -16.38 -8.11 31.24
C THR A 411 -16.05 -6.79 31.95
N PRO A 412 -15.62 -6.84 33.21
CA PRO A 412 -15.35 -5.61 33.97
C PRO A 412 -14.00 -4.97 33.67
N HIS A 413 -13.29 -5.51 32.68
CA HIS A 413 -11.98 -4.98 32.31
C HIS A 413 -12.05 -3.98 31.15
N VAL A 414 -13.23 -3.72 30.61
CA VAL A 414 -13.41 -2.72 29.57
C VAL A 414 -14.21 -1.57 30.16
N ASP A 415 -13.73 -0.35 29.91
CA ASP A 415 -14.34 0.85 30.48
C ASP A 415 -15.57 1.16 29.62
N TRP A 416 -16.73 0.65 30.05
CA TRP A 416 -17.95 0.72 29.25
C TRP A 416 -18.77 1.98 29.50
N SER A 417 -18.40 2.82 30.46
CA SER A 417 -19.21 3.97 30.84
C SER A 417 -19.07 5.15 29.90
N SER A 418 -18.16 5.07 28.93
CA SER A 418 -17.98 6.19 28.01
C SER A 418 -19.18 6.38 27.10
N GLY A 419 -19.85 5.30 26.71
CA GLY A 419 -20.98 5.37 25.82
C GLY A 419 -20.65 5.45 24.35
N GLY A 420 -19.39 5.31 23.97
CA GLY A 420 -19.01 5.35 22.57
C GLY A 420 -19.10 4.00 21.90
N VAL A 421 -19.01 2.92 22.68
CA VAL A 421 -19.09 1.56 22.17
C VAL A 421 -20.02 0.77 23.07
N ALA A 422 -21.04 0.14 22.48
CA ALA A 422 -21.96 -0.73 23.20
C ALA A 422 -22.05 -2.07 22.51
N LEU A 423 -22.17 -3.13 23.30
CA LEU A 423 -22.24 -4.48 22.77
C LEU A 423 -23.63 -4.75 22.18
N LEU A 424 -23.66 -5.65 21.20
CA LEU A 424 -24.92 -6.07 20.60
C LEU A 424 -25.56 -7.15 21.47
N ALA A 425 -26.63 -6.78 22.18
CA ALA A 425 -27.35 -7.72 23.03
C ALA A 425 -28.73 -8.05 22.47
N GLY A 426 -28.96 -7.70 21.21
CA GLY A 426 -30.23 -7.96 20.57
C GLY A 426 -30.21 -7.55 19.12
N ASN A 427 -31.25 -7.95 18.39
CA ASN A 427 -31.37 -7.61 16.98
C ASN A 427 -31.78 -6.15 16.83
N GLN A 428 -30.98 -5.38 16.11
CA GLN A 428 -31.22 -3.96 15.92
C GLN A 428 -31.53 -3.68 14.46
N PRO A 429 -32.60 -2.93 14.17
CA PRO A 429 -32.91 -2.60 12.77
C PRO A 429 -31.80 -1.80 12.12
N TRP A 430 -31.56 -2.10 10.84
CA TRP A 430 -30.48 -1.46 10.09
C TRP A 430 -30.98 -1.10 8.70
N ARG A 431 -32.18 -0.53 8.67
CA ARG A 431 -32.79 -0.10 7.42
C ARG A 431 -32.08 1.13 6.86
N ARG A 432 -32.21 1.31 5.55
CA ARG A 432 -31.54 2.39 4.85
C ARG A 432 -32.29 3.71 4.97
N GLY A 433 -31.54 4.80 5.06
CA GLY A 433 -32.11 6.12 5.29
C GLY A 433 -31.27 7.23 4.69
N GLU A 434 -31.14 8.33 5.44
CA GLU A 434 -30.44 9.50 4.93
C GLU A 434 -28.92 9.26 4.87
N ARG A 435 -28.40 8.37 5.70
CA ARG A 435 -26.96 8.20 5.84
C ARG A 435 -26.53 6.86 5.25
N THR A 436 -25.37 6.80 4.61
CA THR A 436 -24.90 5.50 4.11
C THR A 436 -24.60 4.60 5.29
N ARG A 437 -24.76 3.30 5.12
CA ARG A 437 -24.62 2.37 6.24
C ARG A 437 -23.31 1.64 6.05
N ARG A 438 -22.30 1.95 6.85
CA ARG A 438 -20.98 1.35 6.70
C ARG A 438 -20.68 0.56 7.94
N ALA A 439 -19.70 -0.33 7.92
CA ALA A 439 -19.36 -1.20 9.04
C ALA A 439 -17.97 -1.71 8.78
N ARG A 440 -17.31 -2.47 9.66
CA ARG A 440 -15.91 -2.85 9.36
C ARG A 440 -15.46 -4.15 10.02
N VAL A 441 -14.55 -4.91 9.44
CA VAL A 441 -14.16 -6.25 9.98
C VAL A 441 -12.73 -6.19 10.48
N SER A 442 -12.34 -6.88 11.53
CA SER A 442 -10.97 -6.72 12.08
C SER A 442 -10.34 -8.06 12.40
N ALA A 443 -9.27 -8.43 11.71
CA ALA A 443 -8.58 -9.71 11.95
C ALA A 443 -7.15 -9.45 12.35
N PHE A 444 -6.75 -9.88 13.49
CA PHE A 444 -5.47 -9.70 14.18
C PHE A 444 -4.81 -11.06 14.31
N GLY A 445 -3.83 -11.33 13.46
CA GLY A 445 -3.19 -12.62 13.42
C GLY A 445 -2.31 -12.88 14.64
N ILE A 446 -1.94 -14.15 14.80
CA ILE A 446 -1.11 -14.57 15.93
C ILE A 446 0.38 -14.39 15.64
N SER A 447 0.78 -14.35 14.37
CA SER A 447 2.18 -14.12 14.02
C SER A 447 2.56 -12.64 14.06
N GLY A 448 1.58 -11.74 14.12
CA GLY A 448 1.88 -10.33 14.24
C GLY A 448 1.14 -9.43 13.27
N THR A 449 0.87 -9.92 12.06
CA THR A 449 0.25 -9.10 11.04
C THR A 449 -1.21 -8.81 11.39
N ASN A 450 -1.62 -7.55 11.56
CA ASN A 450 -2.97 -7.18 12.00
C ASN A 450 -3.67 -6.57 10.80
N ALA A 451 -4.97 -6.75 10.56
CA ALA A 451 -5.65 -6.08 9.43
C ALA A 451 -7.02 -5.49 9.78
N HIS A 452 -7.53 -4.49 9.05
CA HIS A 452 -8.88 -3.89 9.25
C HIS A 452 -9.46 -3.49 7.90
N VAL A 453 -10.69 -3.86 7.53
CA VAL A 453 -11.30 -3.59 6.20
C VAL A 453 -12.62 -2.86 6.44
N ILE A 454 -13.01 -1.85 5.65
CA ILE A 454 -14.27 -1.03 5.79
C ILE A 454 -15.26 -1.32 4.66
N VAL A 455 -16.37 -2.01 4.88
CA VAL A 455 -17.45 -2.38 3.91
C VAL A 455 -18.51 -1.28 3.91
N GLU A 456 -19.35 -1.12 2.88
CA GLU A 456 -20.32 -0.01 2.76
C GLU A 456 -21.59 -0.62 2.17
N GLU A 457 -22.62 0.10 1.76
CA GLU A 457 -23.83 -0.57 1.21
C GLU A 457 -23.74 -0.46 -0.29
N ALA A 458 -24.56 -1.14 -1.08
CA ALA A 458 -24.38 -1.07 -2.54
C ALA A 458 -25.13 0.13 -3.10
N PRO A 459 -24.71 0.87 -4.15
CA PRO A 459 -25.44 2.07 -4.58
C PRO A 459 -26.90 1.79 -4.91
N GLU A 460 -27.67 2.86 -5.00
CA GLU A 460 -29.10 2.79 -5.32
C GLU A 460 -29.28 2.11 -6.68
N ARG A 461 -30.13 1.08 -6.72
CA ARG A 461 -30.31 0.30 -7.98
C ARG A 461 -31.73 -0.27 -8.04
N GLU A 462 -32.22 -0.58 -9.24
CA GLU A 462 -33.57 -1.19 -9.39
C GLU A 462 -33.44 -2.61 -9.94
N HIS A 463 -34.08 -3.59 -9.30
CA HIS A 463 -34.05 -4.99 -9.78
C HIS A 463 -35.48 -5.51 -9.91
N ARG A 464 -36.46 -4.61 -9.98
CA ARG A 464 -37.89 -5.03 -10.02
C ARG A 464 -38.33 -5.19 -11.49
N GLU A 465 -37.66 -6.08 -12.23
CA GLU A 465 -38.00 -6.32 -13.65
C GLU A 465 -38.03 -7.83 -13.91
N THR A 466 -37.73 -8.63 -12.88
CA THR A 466 -37.70 -10.11 -13.04
C THR A 466 -39.10 -10.63 -13.41
N THR A 467 -40.13 -10.10 -12.75
CA THR A 467 -41.52 -10.59 -13.00
C THR A 467 -42.04 -10.04 -14.32
N ALA A 468 -41.90 -10.80 -15.41
CA ALA A 468 -42.40 -10.39 -16.75
C ALA A 468 -42.64 -11.66 -17.57
N HIS A 469 -43.90 -12.03 -17.79
CA HIS A 469 -44.19 -13.31 -18.50
C HIS A 469 -45.19 -13.11 -19.65
N ASP A 470 -45.07 -13.94 -20.70
CA ASP A 470 -46.00 -13.89 -21.83
C ASP A 470 -46.66 -15.25 -22.00
N GLY A 471 -47.71 -15.27 -22.81
CA GLY A 471 -48.41 -16.52 -23.11
C GLY A 471 -47.75 -17.37 -24.16
N ARG A 472 -46.62 -16.93 -24.69
CA ARG A 472 -45.94 -17.65 -25.75
C ARG A 472 -45.12 -18.81 -25.16
N PRO A 473 -44.88 -19.86 -25.94
CA PRO A 473 -44.16 -21.03 -25.41
C PRO A 473 -42.76 -20.69 -24.94
N VAL A 474 -42.33 -21.40 -23.90
CA VAL A 474 -41.01 -21.22 -23.30
C VAL A 474 -40.29 -22.56 -23.35
N PRO A 475 -39.05 -22.61 -23.86
CA PRO A 475 -38.26 -23.84 -23.75
C PRO A 475 -37.40 -23.87 -22.50
N LEU A 476 -37.44 -24.97 -21.75
CA LEU A 476 -36.58 -25.17 -20.58
C LEU A 476 -35.63 -26.32 -20.90
N VAL A 477 -34.33 -26.04 -20.83
CA VAL A 477 -33.29 -27.01 -21.20
C VAL A 477 -32.43 -27.24 -19.97
N VAL A 478 -32.26 -28.51 -19.61
CA VAL A 478 -31.39 -28.91 -18.51
C VAL A 478 -30.29 -29.79 -19.07
N SER A 479 -29.13 -29.76 -18.38
CA SER A 479 -27.98 -30.52 -18.84
C SER A 479 -27.13 -30.90 -17.63
N ALA A 480 -26.53 -32.09 -17.70
CA ALA A 480 -25.71 -32.61 -16.62
C ALA A 480 -24.72 -33.60 -17.19
N ARG A 481 -23.68 -33.91 -16.40
CA ARG A 481 -22.65 -34.83 -16.82
C ARG A 481 -23.09 -36.30 -16.72
N THR A 482 -24.08 -36.60 -15.88
CA THR A 482 -24.56 -37.96 -15.70
C THR A 482 -26.09 -37.96 -15.67
N THR A 483 -26.67 -39.12 -15.98
CA THR A 483 -28.12 -39.26 -15.98
C THR A 483 -28.71 -39.07 -14.59
N ALA A 484 -28.05 -39.61 -13.55
CA ALA A 484 -28.53 -39.41 -12.18
C ALA A 484 -28.53 -37.93 -11.83
N ALA A 485 -27.47 -37.22 -12.19
CA ALA A 485 -27.47 -35.77 -12.04
C ALA A 485 -28.54 -35.11 -12.91
N LEU A 486 -28.86 -35.70 -14.07
CA LEU A 486 -29.89 -35.13 -14.93
C LEU A 486 -31.25 -35.15 -14.24
N ARG A 487 -31.66 -36.32 -13.72
CA ARG A 487 -32.88 -36.36 -12.91
C ARG A 487 -32.79 -35.55 -11.62
N ALA A 488 -31.61 -35.45 -11.00
CA ALA A 488 -31.50 -34.61 -9.81
C ALA A 488 -31.80 -33.16 -10.13
N GLN A 489 -31.21 -32.62 -11.20
CA GLN A 489 -31.47 -31.25 -11.60
C GLN A 489 -32.91 -31.07 -12.08
N ALA A 490 -33.45 -32.08 -12.76
CA ALA A 490 -34.85 -32.01 -13.18
C ALA A 490 -35.79 -31.94 -11.99
N ALA A 491 -35.56 -32.75 -10.96
CA ALA A 491 -36.37 -32.68 -9.75
C ALA A 491 -36.20 -31.34 -9.05
N GLN A 492 -34.97 -30.81 -9.02
CA GLN A 492 -34.74 -29.50 -8.43
C GLN A 492 -35.56 -28.43 -9.13
N ILE A 493 -35.51 -28.40 -10.47
CA ILE A 493 -36.26 -27.39 -11.21
C ILE A 493 -37.76 -27.61 -11.09
N ALA A 494 -38.22 -28.87 -11.08
CA ALA A 494 -39.63 -29.15 -10.91
C ALA A 494 -40.16 -28.67 -9.56
N GLU A 495 -39.40 -28.89 -8.49
CA GLU A 495 -39.82 -28.38 -7.19
C GLU A 495 -39.61 -26.88 -7.07
N LEU A 496 -38.77 -26.30 -7.94
CA LEU A 496 -38.65 -24.85 -7.99
C LEU A 496 -39.88 -24.21 -8.62
N LEU A 497 -40.45 -24.86 -9.64
CA LEU A 497 -41.61 -24.32 -10.34
C LEU A 497 -42.93 -24.61 -9.64
N GLU A 498 -42.90 -24.91 -8.34
CA GLU A 498 -44.11 -25.20 -7.58
C GLU A 498 -44.76 -23.93 -7.02
N ARG A 499 -43.95 -22.95 -6.63
CA ARG A 499 -44.40 -21.82 -5.85
C ARG A 499 -45.08 -20.78 -6.73
N PRO A 500 -46.07 -20.03 -6.19
CA PRO A 500 -46.86 -19.14 -7.03
C PRO A 500 -46.15 -17.85 -7.41
N ASP A 501 -44.87 -17.70 -7.10
CA ASP A 501 -44.12 -16.50 -7.46
C ASP A 501 -42.91 -16.79 -8.32
N ALA A 502 -42.78 -18.01 -8.84
CA ALA A 502 -41.66 -18.36 -9.70
C ALA A 502 -42.03 -18.08 -11.15
N ASP A 503 -41.36 -17.08 -11.74
CA ASP A 503 -41.65 -16.71 -13.12
C ASP A 503 -41.10 -17.75 -14.09
N LEU A 504 -41.97 -18.21 -14.99
CA LEU A 504 -41.57 -19.22 -15.97
C LEU A 504 -40.55 -18.68 -16.97
N ALA A 505 -40.80 -17.48 -17.50
CA ALA A 505 -39.86 -16.87 -18.44
C ALA A 505 -38.51 -16.58 -17.78
N GLY A 506 -38.52 -16.11 -16.53
CA GLY A 506 -37.27 -15.89 -15.83
C GLY A 506 -36.48 -17.16 -15.62
N VAL A 507 -37.16 -18.23 -15.23
CA VAL A 507 -36.47 -19.52 -15.06
C VAL A 507 -35.91 -20.01 -16.39
N GLY A 508 -36.68 -19.89 -17.47
CA GLY A 508 -36.19 -20.29 -18.77
C GLY A 508 -34.97 -19.50 -19.20
N LEU A 509 -35.01 -18.18 -19.03
CA LEU A 509 -33.86 -17.35 -19.40
C LEU A 509 -32.64 -17.66 -18.54
N GLY A 510 -32.83 -17.88 -17.24
CA GLY A 510 -31.71 -18.24 -16.39
C GLY A 510 -31.10 -19.58 -16.76
N LEU A 511 -31.93 -20.55 -17.10
CA LEU A 511 -31.41 -21.84 -17.55
C LEU A 511 -30.67 -21.71 -18.88
N ALA A 512 -31.20 -20.89 -19.79
CA ALA A 512 -30.60 -20.77 -21.12
C ALA A 512 -29.30 -19.96 -21.11
N THR A 513 -29.18 -18.99 -20.20
CA THR A 513 -28.07 -18.06 -20.24
C THR A 513 -27.04 -18.27 -19.13
N THR A 514 -27.48 -18.54 -17.90
CA THR A 514 -26.59 -18.52 -16.74
C THR A 514 -26.14 -19.91 -16.31
N ARG A 515 -26.30 -20.91 -17.16
CA ARG A 515 -25.87 -22.26 -16.84
C ARG A 515 -25.07 -22.85 -17.99
N ALA A 516 -24.13 -23.71 -17.64
CA ALA A 516 -23.27 -24.33 -18.64
C ALA A 516 -23.98 -25.49 -19.32
N ARG A 517 -23.39 -25.96 -20.41
CA ARG A 517 -23.94 -27.03 -21.23
C ARG A 517 -23.06 -28.26 -21.04
N HIS A 518 -23.68 -29.40 -20.71
CA HIS A 518 -22.94 -30.62 -20.43
C HIS A 518 -23.35 -31.72 -21.43
N GLU A 519 -22.87 -32.94 -21.18
CA GLU A 519 -23.03 -34.03 -22.14
C GLU A 519 -24.45 -34.55 -22.25
N HIS A 520 -25.16 -34.73 -21.13
CA HIS A 520 -26.50 -35.29 -21.14
C HIS A 520 -27.49 -34.14 -21.07
N ARG A 521 -28.38 -34.04 -22.06
CA ARG A 521 -29.27 -32.89 -22.18
C ARG A 521 -30.71 -33.32 -22.30
N ALA A 522 -31.62 -32.45 -21.86
CA ALA A 522 -33.05 -32.66 -21.98
C ALA A 522 -33.73 -31.31 -22.13
N ALA A 523 -34.91 -31.32 -22.73
CA ALA A 523 -35.61 -30.07 -23.03
C ALA A 523 -37.12 -30.31 -23.03
N VAL A 524 -37.85 -29.34 -22.49
CA VAL A 524 -39.31 -29.34 -22.46
C VAL A 524 -39.80 -27.99 -22.94
N VAL A 525 -40.65 -27.99 -23.95
CA VAL A 525 -41.28 -26.77 -24.44
C VAL A 525 -42.68 -26.69 -23.84
N ALA A 526 -42.95 -25.64 -23.07
CA ALA A 526 -44.21 -25.57 -22.34
C ALA A 526 -44.85 -24.21 -22.57
N SER A 527 -46.17 -24.22 -22.78
CA SER A 527 -46.95 -23.01 -22.91
C SER A 527 -47.49 -22.52 -21.58
N THR A 528 -47.84 -23.43 -20.67
CA THR A 528 -48.29 -23.08 -19.34
C THR A 528 -47.31 -23.63 -18.29
N ARG A 529 -47.73 -23.54 -17.03
CA ARG A 529 -46.83 -23.74 -15.91
C ARG A 529 -46.87 -25.18 -15.40
N GLU A 530 -48.07 -25.74 -15.24
CA GLU A 530 -48.22 -27.15 -14.89
C GLU A 530 -47.69 -28.07 -15.98
N GLU A 531 -47.73 -27.65 -17.25
CA GLU A 531 -47.12 -28.45 -18.31
C GLU A 531 -45.62 -28.59 -18.12
N ALA A 532 -44.93 -27.48 -17.81
CA ALA A 532 -43.51 -27.57 -17.50
C ALA A 532 -43.26 -28.41 -16.26
N VAL A 533 -44.14 -28.27 -15.25
CA VAL A 533 -44.02 -29.09 -14.05
C VAL A 533 -44.08 -30.58 -14.41
N ARG A 534 -45.04 -30.97 -15.26
CA ARG A 534 -45.22 -32.37 -15.61
C ARG A 534 -44.07 -32.88 -16.49
N GLY A 535 -43.58 -32.03 -17.41
CA GLY A 535 -42.44 -32.43 -18.21
C GLY A 535 -41.20 -32.70 -17.37
N LEU A 536 -40.91 -31.79 -16.43
CA LEU A 536 -39.81 -32.03 -15.50
C LEU A 536 -40.11 -33.21 -14.59
N ARG A 537 -41.39 -33.45 -14.28
CA ARG A 537 -41.79 -34.60 -13.50
C ARG A 537 -41.34 -35.88 -14.19
N GLU A 538 -41.67 -36.01 -15.48
CA GLU A 538 -41.26 -37.15 -16.28
C GLU A 538 -39.76 -37.27 -16.42
N ILE A 539 -39.06 -36.14 -16.65
CA ILE A 539 -37.61 -36.19 -16.81
C ILE A 539 -36.95 -36.70 -15.53
N ALA A 540 -37.40 -36.23 -14.38
CA ALA A 540 -36.86 -36.71 -13.11
C ALA A 540 -37.33 -38.12 -12.81
N ALA A 541 -38.40 -38.57 -13.46
CA ALA A 541 -38.95 -39.91 -13.21
C ALA A 541 -38.18 -41.01 -13.94
N GLY A 542 -37.25 -40.66 -14.81
CA GLY A 542 -36.45 -41.66 -15.50
C GLY A 542 -37.11 -42.23 -16.74
N ALA A 543 -37.93 -41.42 -17.42
CA ALA A 543 -38.61 -41.86 -18.63
C ALA A 543 -38.94 -40.65 -19.47
N ALA A 544 -39.24 -40.89 -20.75
CA ALA A 544 -39.61 -39.82 -21.68
C ALA A 544 -40.65 -40.39 -22.64
N THR A 545 -41.93 -40.16 -22.32
CA THR A 545 -43.03 -40.70 -23.10
C THR A 545 -43.94 -39.62 -23.67
N ALA A 546 -43.96 -38.44 -23.05
CA ALA A 546 -44.88 -37.39 -23.47
C ALA A 546 -44.42 -36.77 -24.79
N ASP A 547 -45.15 -35.76 -25.25
CA ASP A 547 -44.90 -35.14 -26.55
C ASP A 547 -43.91 -33.99 -26.48
N ALA A 548 -43.88 -33.24 -25.38
CA ALA A 548 -43.06 -32.05 -25.30
C ALA A 548 -41.64 -32.30 -24.78
N VAL A 549 -41.34 -33.52 -24.34
CA VAL A 549 -40.05 -33.83 -23.75
C VAL A 549 -39.15 -34.45 -24.81
N VAL A 550 -37.96 -33.86 -25.00
CA VAL A 550 -36.96 -34.40 -25.91
C VAL A 550 -35.62 -34.42 -25.19
N GLU A 551 -34.97 -35.58 -25.16
CA GLU A 551 -33.73 -35.72 -24.40
C GLU A 551 -32.74 -36.55 -25.20
N GLY A 552 -31.46 -36.40 -24.87
CA GLY A 552 -30.42 -37.13 -25.56
C GLY A 552 -29.07 -36.88 -24.94
N VAL A 553 -28.03 -37.39 -25.61
CA VAL A 553 -26.65 -37.23 -25.16
C VAL A 553 -25.78 -36.90 -26.37
N THR A 554 -24.80 -36.03 -26.17
CA THR A 554 -23.88 -35.62 -27.23
C THR A 554 -22.45 -35.77 -26.75
N GLU A 555 -21.55 -36.08 -27.70
CA GLU A 555 -20.14 -36.23 -27.41
C GLU A 555 -19.27 -35.25 -28.19
N VAL A 556 -19.81 -34.58 -29.20
CA VAL A 556 -19.08 -33.56 -29.95
C VAL A 556 -19.82 -32.24 -29.78
N ASP A 557 -19.07 -31.22 -29.33
CA ASP A 557 -19.64 -29.97 -28.87
C ASP A 557 -19.79 -28.96 -30.01
N GLY A 558 -20.46 -29.36 -31.09
CA GLY A 558 -20.65 -28.47 -32.22
C GLY A 558 -20.75 -29.23 -33.52
N ARG A 559 -21.61 -28.74 -34.40
CA ARG A 559 -21.92 -29.44 -35.65
C ARG A 559 -21.68 -28.52 -36.84
N ASN A 560 -21.77 -29.11 -38.03
CA ASN A 560 -21.71 -28.40 -39.30
C ASN A 560 -23.07 -28.59 -39.97
N VAL A 561 -23.85 -27.50 -40.05
CA VAL A 561 -25.23 -27.57 -40.50
C VAL A 561 -25.28 -27.53 -42.02
N VAL A 562 -26.08 -28.41 -42.62
CA VAL A 562 -26.31 -28.44 -44.06
C VAL A 562 -27.81 -28.32 -44.27
N PHE A 563 -28.23 -27.37 -45.11
CA PHE A 563 -29.65 -27.15 -45.38
C PHE A 563 -30.08 -27.98 -46.59
N LEU A 564 -31.17 -28.74 -46.42
CA LEU A 564 -31.72 -29.57 -47.48
C LEU A 564 -33.09 -29.03 -47.87
N PHE A 565 -33.25 -28.71 -49.15
CA PHE A 565 -34.52 -28.19 -49.65
C PHE A 565 -35.17 -29.25 -50.54
N PRO A 566 -36.24 -29.90 -50.09
CA PRO A 566 -36.86 -30.94 -50.92
C PRO A 566 -37.66 -30.36 -52.07
N GLY A 567 -38.12 -31.23 -52.96
CA GLY A 567 -38.85 -30.81 -54.12
C GLY A 567 -40.32 -30.52 -53.84
N GLN A 568 -41.17 -30.87 -54.80
CA GLN A 568 -42.60 -30.61 -54.71
C GLN A 568 -43.34 -31.88 -54.32
N GLY A 569 -44.35 -31.72 -53.46
CA GLY A 569 -45.15 -32.83 -53.00
C GLY A 569 -45.30 -32.93 -51.50
N SER A 570 -44.92 -31.90 -50.76
CA SER A 570 -44.99 -31.88 -49.31
C SER A 570 -45.77 -30.67 -48.79
N GLN A 571 -46.81 -30.27 -49.50
CA GLN A 571 -47.60 -29.10 -49.13
C GLN A 571 -48.91 -29.54 -48.48
N TRP A 572 -49.54 -28.59 -47.80
CA TRP A 572 -50.83 -28.80 -47.16
C TRP A 572 -51.47 -27.45 -46.88
N ALA A 573 -52.79 -27.38 -47.06
CA ALA A 573 -53.50 -26.11 -46.94
C ALA A 573 -53.36 -25.54 -45.53
N GLY A 574 -52.79 -24.34 -45.43
CA GLY A 574 -52.63 -23.67 -44.16
C GLY A 574 -51.25 -23.78 -43.56
N MET A 575 -50.21 -23.60 -44.38
CA MET A 575 -48.85 -23.64 -43.89
C MET A 575 -48.54 -22.38 -43.10
N GLY A 576 -48.17 -22.56 -41.83
CA GLY A 576 -47.84 -21.43 -40.98
C GLY A 576 -48.97 -20.43 -40.82
N ALA A 577 -50.20 -20.91 -40.66
CA ALA A 577 -51.36 -20.03 -40.58
C ALA A 577 -51.27 -19.06 -39.40
N GLU A 578 -50.59 -19.45 -38.33
CA GLU A 578 -50.40 -18.58 -37.17
C GLU A 578 -49.00 -17.98 -37.13
N LEU A 579 -48.03 -18.62 -37.79
CA LEU A 579 -46.63 -18.17 -37.73
C LEU A 579 -46.46 -16.76 -38.26
N LEU A 580 -47.30 -16.32 -39.20
CA LEU A 580 -47.28 -14.94 -39.65
C LEU A 580 -47.78 -13.99 -38.56
N SER A 581 -48.49 -14.52 -37.55
CA SER A 581 -49.01 -13.70 -36.47
C SER A 581 -48.16 -13.78 -35.21
N SER A 582 -47.47 -14.90 -34.99
CA SER A 582 -46.67 -15.09 -33.79
C SER A 582 -45.18 -14.82 -34.00
N SER A 583 -44.68 -14.91 -35.23
CA SER A 583 -43.27 -14.67 -35.52
C SER A 583 -43.18 -13.58 -36.59
N PRO A 584 -42.42 -12.50 -36.34
CA PRO A 584 -42.34 -11.41 -37.30
C PRO A 584 -41.38 -11.65 -38.47
N VAL A 585 -40.33 -12.44 -38.28
CA VAL A 585 -39.37 -12.69 -39.35
C VAL A 585 -40.03 -13.46 -40.49
N PHE A 586 -40.83 -14.47 -40.14
CA PHE A 586 -41.54 -15.24 -41.17
C PHE A 586 -42.45 -14.34 -41.99
N ALA A 587 -43.24 -13.49 -41.32
CA ALA A 587 -44.13 -12.60 -42.04
C ALA A 587 -43.36 -11.59 -42.88
N GLY A 588 -42.26 -11.07 -42.36
CA GLY A 588 -41.46 -10.11 -43.13
C GLY A 588 -40.87 -10.71 -44.38
N LYS A 589 -40.29 -11.91 -44.26
CA LYS A 589 -39.72 -12.56 -45.45
C LYS A 589 -40.79 -12.94 -46.46
N ILE A 590 -41.91 -13.52 -46.00
CA ILE A 590 -43.02 -13.82 -46.89
C ILE A 590 -43.49 -12.56 -47.60
N ARG A 591 -43.62 -11.46 -46.86
CA ARG A 591 -44.15 -10.20 -47.37
C ARG A 591 -43.21 -9.55 -48.39
N ALA A 592 -41.90 -9.60 -48.15
CA ALA A 592 -40.95 -9.11 -49.15
C ALA A 592 -40.99 -9.96 -50.41
N CYS A 593 -40.99 -11.28 -50.25
CA CYS A 593 -41.19 -12.16 -51.41
C CYS A 593 -42.48 -11.82 -52.15
N ASP A 594 -43.52 -11.44 -51.40
CA ASP A 594 -44.80 -11.11 -52.01
C ASP A 594 -44.73 -9.84 -52.83
N GLU A 595 -44.07 -8.79 -52.33
CA GLU A 595 -43.89 -7.60 -53.15
C GLU A 595 -43.08 -7.90 -54.41
N SER A 596 -42.00 -8.68 -54.27
CA SER A 596 -41.21 -9.00 -55.44
C SER A 596 -41.96 -9.87 -56.45
N MET A 597 -42.95 -10.65 -56.01
CA MET A 597 -43.75 -11.48 -56.90
C MET A 597 -45.02 -10.80 -57.35
N ALA A 598 -45.34 -9.63 -56.77
CA ALA A 598 -46.58 -8.94 -57.10
C ALA A 598 -46.71 -8.53 -58.57
N PRO A 599 -45.70 -7.95 -59.24
CA PRO A 599 -45.88 -7.55 -60.64
C PRO A 599 -46.23 -8.69 -61.58
N MET A 600 -45.98 -9.92 -61.17
CA MET A 600 -46.08 -11.06 -62.07
C MET A 600 -47.18 -12.03 -61.71
N GLN A 601 -48.01 -11.71 -60.70
CA GLN A 601 -49.25 -12.43 -60.45
C GLN A 601 -50.22 -11.49 -59.73
N ASP A 602 -51.51 -11.86 -59.75
CA ASP A 602 -52.57 -11.01 -59.22
C ASP A 602 -53.03 -11.42 -57.83
N TRP A 603 -52.32 -12.33 -57.16
CA TRP A 603 -52.74 -12.83 -55.86
C TRP A 603 -51.60 -12.74 -54.86
N LYS A 604 -51.97 -12.66 -53.57
CA LYS A 604 -51.02 -12.50 -52.48
C LYS A 604 -50.72 -13.84 -51.83
N VAL A 605 -49.46 -14.06 -51.49
CA VAL A 605 -49.04 -15.34 -50.94
C VAL A 605 -49.68 -15.58 -49.58
N SER A 606 -49.68 -14.57 -48.70
CA SER A 606 -50.33 -14.71 -47.40
C SER A 606 -51.82 -14.98 -47.54
N ASP A 607 -52.45 -14.43 -48.58
CA ASP A 607 -53.86 -14.70 -48.82
C ASP A 607 -54.11 -16.18 -49.07
N VAL A 608 -53.23 -16.83 -49.83
CA VAL A 608 -53.36 -18.26 -50.09
C VAL A 608 -53.00 -19.08 -48.84
N LEU A 609 -51.98 -18.66 -48.09
CA LEU A 609 -51.59 -19.37 -46.88
C LEU A 609 -52.67 -19.35 -45.81
N ARG A 610 -53.42 -18.25 -45.71
CA ARG A 610 -54.37 -18.03 -44.64
C ARG A 610 -55.80 -18.42 -45.01
N GLN A 611 -56.00 -18.92 -46.24
CA GLN A 611 -57.27 -19.52 -46.67
C GLN A 611 -58.43 -18.52 -46.63
N ALA A 612 -58.13 -17.26 -46.85
CA ALA A 612 -59.19 -16.26 -46.93
C ALA A 612 -59.96 -16.40 -48.24
N PRO A 613 -61.25 -16.07 -48.24
CA PRO A 613 -62.04 -16.16 -49.48
C PRO A 613 -61.52 -15.21 -50.55
N GLY A 614 -61.69 -15.62 -51.81
CA GLY A 614 -61.19 -14.86 -52.93
C GLY A 614 -59.78 -15.19 -53.36
N ALA A 615 -59.26 -16.36 -52.96
CA ALA A 615 -57.92 -16.78 -53.30
C ALA A 615 -57.95 -18.18 -53.91
N PRO A 616 -57.00 -18.50 -54.79
CA PRO A 616 -57.00 -19.83 -55.40
C PRO A 616 -56.56 -20.90 -54.41
N GLY A 617 -56.88 -22.15 -54.75
CA GLY A 617 -56.49 -23.28 -53.93
C GLY A 617 -55.04 -23.68 -54.15
N LEU A 618 -54.71 -24.88 -53.67
CA LEU A 618 -53.36 -25.43 -53.76
C LEU A 618 -53.38 -26.72 -54.57
N ASP A 619 -54.18 -26.75 -55.64
CA ASP A 619 -54.22 -27.89 -56.55
C ASP A 619 -53.58 -27.59 -57.90
N ARG A 620 -53.33 -26.32 -58.21
CA ARG A 620 -52.70 -25.94 -59.45
C ARG A 620 -51.22 -25.68 -59.23
N VAL A 621 -50.39 -26.20 -60.13
CA VAL A 621 -48.94 -26.18 -59.92
C VAL A 621 -48.40 -24.75 -59.90
N ASP A 622 -48.92 -23.88 -60.76
CA ASP A 622 -48.41 -22.53 -60.90
C ASP A 622 -48.60 -21.68 -59.64
N VAL A 623 -49.51 -22.08 -58.75
CA VAL A 623 -49.65 -21.44 -57.44
C VAL A 623 -48.97 -22.24 -56.34
N VAL A 624 -48.90 -23.56 -56.47
CA VAL A 624 -48.26 -24.40 -55.47
C VAL A 624 -46.76 -24.14 -55.39
N GLN A 625 -46.08 -24.04 -56.53
CA GLN A 625 -44.62 -23.87 -56.49
C GLN A 625 -44.18 -22.57 -55.83
N PRO A 626 -44.70 -21.39 -56.19
CA PRO A 626 -44.23 -20.17 -55.52
C PRO A 626 -44.54 -20.15 -54.03
N VAL A 627 -45.66 -20.72 -53.63
CA VAL A 627 -45.99 -20.78 -52.21
C VAL A 627 -44.98 -21.60 -51.45
N LEU A 628 -44.60 -22.77 -51.99
CA LEU A 628 -43.58 -23.59 -51.35
C LEU A 628 -42.23 -22.88 -51.33
N PHE A 629 -41.87 -22.19 -52.41
CA PHE A 629 -40.64 -21.42 -52.43
C PHE A 629 -40.61 -20.39 -51.31
N ALA A 630 -41.69 -19.62 -51.17
CA ALA A 630 -41.73 -18.60 -50.14
C ALA A 630 -41.69 -19.21 -48.74
N VAL A 631 -42.43 -20.31 -48.52
CA VAL A 631 -42.43 -20.95 -47.22
C VAL A 631 -41.05 -21.46 -46.86
N MET A 632 -40.36 -22.11 -47.80
CA MET A 632 -39.02 -22.62 -47.50
C MET A 632 -38.02 -21.50 -47.25
N VAL A 633 -38.05 -20.43 -48.06
CA VAL A 633 -37.08 -19.37 -47.83
C VAL A 633 -37.34 -18.65 -46.51
N SER A 634 -38.62 -18.43 -46.16
CA SER A 634 -38.93 -17.82 -44.87
C SER A 634 -38.50 -18.72 -43.72
N LEU A 635 -38.73 -20.03 -43.85
CA LEU A 635 -38.30 -20.96 -42.81
C LEU A 635 -36.78 -21.00 -42.68
N ALA A 636 -36.05 -20.92 -43.79
CA ALA A 636 -34.59 -20.88 -43.72
C ALA A 636 -34.10 -19.62 -43.03
N GLU A 637 -34.69 -18.47 -43.36
CA GLU A 637 -34.34 -17.23 -42.66
C GLU A 637 -34.70 -17.26 -41.19
N LEU A 638 -35.83 -17.86 -40.83
CA LEU A 638 -36.19 -18.03 -39.44
C LEU A 638 -35.21 -18.95 -38.70
N TRP A 639 -34.76 -20.01 -39.36
CA TRP A 639 -33.73 -20.87 -38.79
C TRP A 639 -32.44 -20.10 -38.55
N ARG A 640 -32.04 -19.27 -39.51
CA ARG A 640 -30.81 -18.49 -39.38
C ARG A 640 -30.94 -17.35 -38.37
N SER A 641 -32.15 -16.93 -38.04
CA SER A 641 -32.34 -15.87 -37.06
C SER A 641 -32.10 -16.34 -35.63
N TYR A 642 -32.05 -17.66 -35.41
CA TYR A 642 -31.85 -18.22 -34.09
C TYR A 642 -30.42 -18.66 -33.84
N GLY A 643 -29.51 -18.39 -34.76
CA GLY A 643 -28.12 -18.76 -34.57
C GLY A 643 -27.73 -20.09 -35.21
N VAL A 644 -28.40 -20.48 -36.28
CA VAL A 644 -28.06 -21.68 -37.04
C VAL A 644 -27.42 -21.21 -38.34
N GLU A 645 -26.09 -21.24 -38.38
CA GLU A 645 -25.38 -20.73 -39.54
C GLU A 645 -25.04 -21.88 -40.48
N PRO A 646 -25.61 -21.92 -41.68
CA PRO A 646 -25.39 -23.07 -42.57
C PRO A 646 -24.00 -23.07 -43.18
N ALA A 647 -23.60 -24.26 -43.67
CA ALA A 647 -22.34 -24.41 -44.37
C ALA A 647 -22.49 -24.95 -45.79
N ALA A 648 -23.64 -25.53 -46.14
CA ALA A 648 -23.87 -26.03 -47.48
C ALA A 648 -25.38 -26.09 -47.71
N VAL A 649 -25.78 -25.96 -48.98
CA VAL A 649 -27.19 -26.03 -49.36
C VAL A 649 -27.36 -27.02 -50.50
N VAL A 650 -28.39 -27.86 -50.40
CA VAL A 650 -28.70 -28.88 -51.38
C VAL A 650 -30.17 -28.78 -51.75
N GLY A 651 -30.49 -29.03 -53.03
CA GLY A 651 -31.86 -28.98 -53.49
C GLY A 651 -32.22 -30.21 -54.29
N HIS A 652 -33.45 -30.70 -54.10
CA HIS A 652 -33.85 -31.97 -54.71
C HIS A 652 -34.30 -31.81 -56.15
N SER A 653 -35.42 -31.12 -56.38
CA SER A 653 -35.97 -30.97 -57.72
C SER A 653 -36.08 -29.52 -58.15
N GLN A 654 -36.76 -28.68 -57.37
CA GLN A 654 -36.91 -27.26 -57.69
C GLN A 654 -36.48 -26.40 -56.50
N GLY A 655 -35.97 -27.04 -55.45
CA GLY A 655 -35.44 -26.33 -54.31
C GLY A 655 -34.05 -25.76 -54.53
N GLU A 656 -33.44 -26.03 -55.68
CA GLU A 656 -32.14 -25.46 -55.98
C GLU A 656 -32.21 -23.94 -56.17
N ILE A 657 -33.35 -23.43 -56.63
CA ILE A 657 -33.52 -21.97 -56.72
C ILE A 657 -33.45 -21.35 -55.33
N ALA A 658 -34.16 -21.94 -54.36
CA ALA A 658 -34.10 -21.45 -52.99
C ALA A 658 -32.73 -21.67 -52.37
N ALA A 659 -32.05 -22.76 -52.74
CA ALA A 659 -30.69 -22.99 -52.25
C ALA A 659 -29.73 -21.94 -52.76
N ALA A 660 -29.83 -21.57 -54.04
CA ALA A 660 -29.02 -20.49 -54.59
C ALA A 660 -29.36 -19.15 -53.93
N HIS A 661 -30.65 -18.94 -53.64
CA HIS A 661 -31.05 -17.76 -52.87
C HIS A 661 -30.37 -17.71 -51.52
N VAL A 662 -30.43 -18.79 -50.74
CA VAL A 662 -29.88 -18.76 -49.39
C VAL A 662 -28.36 -18.68 -49.42
N ALA A 663 -27.73 -19.34 -50.39
CA ALA A 663 -26.29 -19.31 -50.52
C ALA A 663 -25.77 -17.95 -50.96
N GLY A 664 -26.64 -17.07 -51.45
CA GLY A 664 -26.24 -15.78 -51.97
C GLY A 664 -25.81 -15.80 -53.41
N ALA A 665 -25.75 -16.97 -54.03
CA ALA A 665 -25.41 -17.06 -55.45
C ALA A 665 -26.45 -16.40 -56.34
N LEU A 666 -27.65 -16.16 -55.83
CA LEU A 666 -28.67 -15.41 -56.52
C LEU A 666 -29.24 -14.38 -55.55
N THR A 667 -30.18 -13.59 -56.05
CA THR A 667 -30.99 -12.71 -55.23
C THR A 667 -32.41 -13.25 -55.15
N LEU A 668 -33.23 -12.58 -54.34
CA LEU A 668 -34.66 -12.82 -54.35
C LEU A 668 -35.29 -12.41 -55.68
N GLU A 669 -34.65 -11.47 -56.41
CA GLU A 669 -35.22 -10.89 -57.61
C GLU A 669 -35.30 -11.91 -58.74
N ASP A 670 -34.13 -12.38 -59.20
CA ASP A 670 -34.11 -13.40 -60.23
C ASP A 670 -34.74 -14.69 -59.74
N ALA A 671 -34.82 -14.88 -58.42
CA ALA A 671 -35.51 -16.04 -57.87
C ALA A 671 -37.01 -15.98 -58.13
N ALA A 672 -37.64 -14.82 -57.90
CA ALA A 672 -39.05 -14.67 -58.25
C ALA A 672 -39.25 -14.90 -59.73
N LYS A 673 -38.39 -14.28 -60.55
CA LYS A 673 -38.45 -14.51 -62.00
C LYS A 673 -38.41 -16.01 -62.33
N LEU A 674 -37.42 -16.72 -61.77
CA LEU A 674 -37.26 -18.15 -62.05
C LEU A 674 -38.51 -18.92 -61.66
N VAL A 675 -38.98 -18.71 -60.43
CA VAL A 675 -40.10 -19.51 -59.93
C VAL A 675 -41.34 -19.31 -60.79
N VAL A 676 -41.77 -18.06 -60.99
CA VAL A 676 -43.04 -17.86 -61.67
C VAL A 676 -42.92 -18.21 -63.16
N GLY A 677 -41.81 -17.84 -63.80
CA GLY A 677 -41.64 -18.14 -65.21
C GLY A 677 -41.63 -19.63 -65.48
N ARG A 678 -40.84 -20.39 -64.70
CA ARG A 678 -40.85 -21.84 -64.83
C ARG A 678 -42.24 -22.39 -64.53
N SER A 679 -42.94 -21.78 -63.56
CA SER A 679 -44.26 -22.27 -63.17
C SER A 679 -45.26 -22.22 -64.32
N ARG A 680 -45.44 -21.04 -64.96
CA ARG A 680 -46.46 -21.03 -66.01
C ARG A 680 -45.89 -21.42 -67.37
N LEU A 681 -44.59 -21.63 -67.49
CA LEU A 681 -44.14 -22.33 -68.70
C LEU A 681 -44.39 -23.82 -68.60
N MET A 682 -44.36 -24.37 -67.39
CA MET A 682 -44.71 -25.77 -67.16
C MET A 682 -46.22 -25.95 -66.99
N ARG A 683 -46.96 -24.86 -66.83
CA ARG A 683 -48.42 -24.90 -66.84
C ARG A 683 -48.95 -25.33 -68.20
N SER A 684 -48.32 -24.89 -69.28
CA SER A 684 -48.81 -25.20 -70.61
C SER A 684 -48.75 -26.68 -70.93
N LEU A 685 -47.69 -27.37 -70.52
CA LEU A 685 -47.53 -28.78 -70.80
C LEU A 685 -48.13 -29.67 -69.71
N SER A 686 -48.74 -29.09 -68.68
CA SER A 686 -49.35 -29.87 -67.62
C SER A 686 -50.65 -30.52 -68.10
N GLY A 687 -51.19 -31.41 -67.28
CA GLY A 687 -52.37 -32.19 -67.62
C GLY A 687 -52.07 -33.36 -68.50
N GLU A 688 -50.81 -33.63 -68.78
CA GLU A 688 -50.42 -34.49 -69.88
C GLU A 688 -49.22 -35.32 -69.48
N GLY A 689 -49.47 -36.52 -68.98
CA GLY A 689 -48.39 -37.34 -68.43
C GLY A 689 -48.30 -37.28 -66.91
N GLY A 690 -47.64 -38.28 -66.32
CA GLY A 690 -47.64 -38.42 -64.88
C GLY A 690 -46.37 -39.03 -64.29
N MET A 691 -46.45 -39.38 -63.00
CA MET A 691 -45.31 -39.86 -62.25
C MET A 691 -45.73 -40.95 -61.26
N ALA A 692 -44.82 -41.91 -61.04
CA ALA A 692 -45.08 -43.03 -60.14
C ALA A 692 -43.79 -43.45 -59.47
N ALA A 693 -43.83 -43.67 -58.17
CA ALA A 693 -42.66 -44.10 -57.40
C ALA A 693 -42.62 -45.61 -57.33
N VAL A 694 -41.42 -46.16 -57.61
CA VAL A 694 -41.22 -47.63 -57.58
C VAL A 694 -40.08 -47.86 -56.60
N ALA A 695 -39.83 -49.12 -56.22
CA ALA A 695 -38.67 -49.40 -55.36
C ALA A 695 -37.97 -50.64 -55.90
N LEU A 696 -37.01 -50.47 -56.82
CA LEU A 696 -36.35 -51.64 -57.45
C LEU A 696 -34.92 -51.29 -57.84
N GLY A 697 -34.38 -50.15 -57.41
CA GLY A 697 -32.97 -49.87 -57.72
C GLY A 697 -32.76 -49.05 -58.98
N GLU A 698 -31.54 -48.55 -59.21
CA GLU A 698 -31.33 -47.60 -60.33
C GLU A 698 -30.95 -48.30 -61.64
N ALA A 699 -30.79 -49.62 -61.61
CA ALA A 699 -30.32 -50.34 -62.83
C ALA A 699 -31.45 -51.21 -63.36
N ALA A 700 -32.17 -51.86 -62.46
CA ALA A 700 -33.31 -52.70 -62.87
C ALA A 700 -34.34 -51.81 -63.58
N VAL A 701 -34.63 -50.62 -63.02
CA VAL A 701 -35.70 -49.77 -63.62
C VAL A 701 -35.24 -49.24 -64.96
N ARG A 702 -33.93 -49.14 -65.20
CA ARG A 702 -33.42 -48.71 -66.52
C ARG A 702 -33.76 -49.82 -67.51
N GLU A 703 -33.49 -51.07 -67.13
CA GLU A 703 -33.70 -52.22 -68.03
C GLU A 703 -35.19 -52.52 -68.19
N ARG A 704 -35.97 -52.27 -67.15
CA ARG A 704 -37.39 -52.66 -67.22
C ARG A 704 -38.18 -51.58 -67.97
N LEU A 705 -37.63 -50.37 -68.07
CA LEU A 705 -38.32 -49.29 -68.83
C LEU A 705 -37.64 -49.08 -70.18
N ARG A 706 -36.83 -50.05 -70.58
CA ARG A 706 -36.08 -49.93 -71.86
C ARG A 706 -36.91 -50.56 -73.00
N PRO A 707 -37.63 -51.72 -72.86
CA PRO A 707 -38.58 -52.14 -73.91
C PRO A 707 -39.56 -51.05 -74.30
N TRP A 708 -39.67 -49.97 -73.53
CA TRP A 708 -40.39 -48.76 -73.91
C TRP A 708 -39.38 -47.65 -74.20
N GLN A 709 -39.82 -46.61 -74.90
CA GLN A 709 -38.99 -45.43 -75.19
C GLN A 709 -39.74 -44.17 -74.75
N ASP A 710 -40.32 -44.22 -73.55
CA ASP A 710 -40.95 -43.04 -72.98
C ASP A 710 -39.98 -42.20 -72.17
N ARG A 711 -38.73 -42.63 -72.04
CA ARG A 711 -37.81 -42.08 -71.07
C ARG A 711 -36.38 -42.29 -71.55
N LEU A 712 -35.53 -41.28 -71.36
CA LEU A 712 -34.13 -41.36 -71.71
C LEU A 712 -33.22 -41.59 -70.50
N SER A 713 -33.56 -41.02 -69.35
CA SER A 713 -32.80 -41.22 -68.12
C SER A 713 -33.77 -41.16 -66.94
N VAL A 714 -33.33 -41.66 -65.79
CA VAL A 714 -34.19 -41.69 -64.61
C VAL A 714 -34.57 -40.27 -64.20
N ALA A 715 -35.63 -40.16 -63.40
CA ALA A 715 -36.07 -38.84 -62.96
C ALA A 715 -35.31 -38.40 -61.72
N ALA A 716 -35.30 -39.22 -60.68
CA ALA A 716 -34.58 -38.92 -59.46
C ALA A 716 -34.20 -40.22 -58.78
N VAL A 717 -33.20 -40.15 -57.91
CA VAL A 717 -32.72 -41.31 -57.17
C VAL A 717 -32.68 -40.91 -55.70
N ASN A 718 -33.79 -41.16 -54.99
CA ASN A 718 -33.86 -40.88 -53.57
C ASN A 718 -32.93 -41.76 -52.75
N GLY A 719 -32.76 -43.02 -53.14
CA GLY A 719 -31.89 -43.93 -52.46
C GLY A 719 -31.41 -45.03 -53.36
N PRO A 720 -30.61 -45.95 -52.82
CA PRO A 720 -30.13 -47.08 -53.64
C PRO A 720 -31.25 -48.03 -54.07
N ARG A 721 -32.43 -47.93 -53.46
CA ARG A 721 -33.49 -48.89 -53.72
C ARG A 721 -34.81 -48.24 -54.12
N SER A 722 -34.85 -46.92 -54.25
CA SER A 722 -36.09 -46.20 -54.54
C SER A 722 -35.86 -45.28 -55.73
N VAL A 723 -36.76 -45.35 -56.72
CA VAL A 723 -36.65 -44.56 -57.93
C VAL A 723 -38.05 -44.06 -58.30
N VAL A 724 -38.09 -42.98 -59.09
CA VAL A 724 -39.34 -42.42 -59.59
C VAL A 724 -39.33 -42.47 -61.11
N VAL A 725 -40.41 -43.00 -61.70
CA VAL A 725 -40.55 -43.11 -63.14
C VAL A 725 -41.61 -42.13 -63.60
N SER A 726 -41.25 -41.29 -64.55
CA SER A 726 -42.12 -40.23 -65.06
C SER A 726 -42.28 -40.40 -66.57
N GLY A 727 -43.41 -39.93 -67.10
CA GLY A 727 -43.55 -39.92 -68.54
C GLY A 727 -44.99 -39.91 -69.00
N GLU A 728 -45.19 -40.31 -70.26
CA GLU A 728 -46.51 -40.28 -70.87
C GLU A 728 -47.45 -41.24 -70.16
N PRO A 729 -48.76 -40.91 -70.12
CA PRO A 729 -49.69 -41.75 -69.34
C PRO A 729 -49.79 -43.18 -69.82
N GLY A 730 -49.70 -43.42 -71.13
CA GLY A 730 -49.87 -44.77 -71.64
C GLY A 730 -48.79 -45.73 -71.16
N ALA A 731 -47.52 -45.33 -71.33
CA ALA A 731 -46.42 -46.20 -70.92
C ALA A 731 -46.35 -46.31 -69.41
N LEU A 732 -46.64 -45.23 -68.69
CA LEU A 732 -46.63 -45.30 -67.23
C LEU A 732 -47.71 -46.25 -66.71
N ARG A 733 -48.92 -46.18 -67.27
CA ARG A 733 -49.98 -47.12 -66.89
C ARG A 733 -49.59 -48.54 -67.25
N ALA A 734 -49.01 -48.73 -68.44
CA ALA A 734 -48.60 -50.06 -68.86
C ALA A 734 -47.57 -50.65 -67.90
N PHE A 735 -46.59 -49.85 -67.48
CA PHE A 735 -45.59 -50.35 -66.54
C PHE A 735 -46.17 -50.59 -65.15
N SER A 736 -47.05 -49.70 -64.68
CA SER A 736 -47.63 -49.91 -63.36
C SER A 736 -48.44 -51.20 -63.32
N GLU A 737 -49.29 -51.43 -64.32
CA GLU A 737 -50.07 -52.67 -64.37
C GLU A 737 -49.21 -53.87 -64.76
N ASP A 738 -48.06 -53.64 -65.39
CA ASP A 738 -47.22 -54.75 -65.81
C ASP A 738 -46.37 -55.28 -64.66
N CYS A 739 -45.83 -54.38 -63.83
CA CYS A 739 -45.03 -54.79 -62.70
C CYS A 739 -45.86 -54.97 -61.43
N ALA A 740 -47.16 -54.67 -61.48
CA ALA A 740 -48.02 -54.87 -60.31
C ALA A 740 -48.08 -56.32 -59.86
N ALA A 741 -47.73 -57.27 -60.71
CA ALA A 741 -47.84 -58.68 -60.37
C ALA A 741 -46.49 -59.34 -60.09
N GLU A 742 -45.38 -58.60 -60.17
CA GLU A 742 -44.07 -59.20 -60.01
C GLU A 742 -43.10 -58.35 -59.17
N GLY A 743 -43.57 -57.74 -58.09
CA GLY A 743 -42.65 -57.01 -57.24
C GLY A 743 -43.33 -56.02 -56.30
N ILE A 744 -42.54 -55.04 -55.85
CA ILE A 744 -42.98 -54.04 -54.88
C ILE A 744 -43.97 -53.10 -55.54
N ARG A 745 -45.06 -52.80 -54.82
CA ARG A 745 -46.17 -52.03 -55.37
C ARG A 745 -45.72 -50.62 -55.71
N VAL A 746 -46.29 -50.08 -56.77
CA VAL A 746 -45.95 -48.75 -57.29
C VAL A 746 -46.96 -47.74 -56.76
N ARG A 747 -46.45 -46.61 -56.28
CA ARG A 747 -47.33 -45.52 -55.79
C ARG A 747 -47.50 -44.52 -56.93
N ASP A 748 -48.59 -44.60 -57.69
CA ASP A 748 -48.84 -43.59 -58.74
C ASP A 748 -49.14 -42.26 -58.06
N ILE A 749 -48.14 -41.38 -57.96
CA ILE A 749 -48.34 -40.04 -57.33
C ILE A 749 -49.27 -39.24 -58.23
N ASP A 750 -50.17 -38.44 -57.64
CA ASP A 750 -51.10 -37.60 -58.43
C ASP A 750 -50.34 -36.40 -59.00
N VAL A 751 -49.53 -36.62 -60.04
CA VAL A 751 -48.71 -35.52 -60.62
C VAL A 751 -49.30 -35.15 -61.98
N ASP A 752 -49.80 -33.91 -62.12
CA ASP A 752 -50.48 -33.50 -63.37
C ASP A 752 -49.51 -33.46 -64.56
N TYR A 753 -48.21 -33.32 -64.32
CA TYR A 753 -47.30 -33.17 -65.43
C TYR A 753 -46.23 -34.24 -65.32
N ALA A 754 -45.21 -34.18 -66.19
CA ALA A 754 -44.14 -35.17 -66.16
C ALA A 754 -42.80 -34.49 -66.45
N SER A 755 -42.07 -34.14 -65.40
CA SER A 755 -40.81 -33.45 -65.53
C SER A 755 -39.66 -34.45 -65.55
N HIS A 756 -38.46 -33.93 -65.81
CA HIS A 756 -37.25 -34.74 -65.93
C HIS A 756 -37.39 -35.81 -67.01
N SER A 757 -38.07 -35.48 -68.09
CA SER A 757 -38.42 -36.39 -69.17
C SER A 757 -38.14 -35.74 -70.51
N PRO A 758 -37.98 -36.52 -71.57
CA PRO A 758 -37.84 -35.93 -72.92
C PRO A 758 -38.99 -35.02 -73.33
N GLN A 759 -40.07 -34.93 -72.54
CA GLN A 759 -41.15 -34.00 -72.83
C GLN A 759 -40.69 -32.55 -72.73
N ILE A 760 -39.62 -32.29 -71.98
CA ILE A 760 -39.17 -30.92 -71.76
C ILE A 760 -38.59 -30.31 -73.02
N GLU A 761 -37.89 -31.12 -73.82
CA GLU A 761 -37.17 -30.56 -74.99
C GLU A 761 -38.05 -29.67 -75.86
N ARG A 762 -39.33 -29.99 -76.01
CA ARG A 762 -40.11 -29.12 -76.95
C ARG A 762 -40.16 -27.68 -76.43
N VAL A 763 -40.48 -27.46 -75.16
CA VAL A 763 -40.70 -26.09 -74.62
C VAL A 763 -39.36 -25.38 -74.36
N ARG A 764 -38.26 -26.01 -74.78
CA ARG A 764 -36.92 -25.43 -74.53
C ARG A 764 -36.89 -23.96 -74.94
N GLU A 765 -37.35 -23.63 -76.16
CA GLU A 765 -37.21 -22.25 -76.69
C GLU A 765 -37.85 -21.24 -75.74
N GLU A 766 -38.96 -21.61 -75.09
CA GLU A 766 -39.65 -20.58 -74.29
C GLU A 766 -38.91 -20.33 -72.98
N LEU A 767 -38.30 -21.35 -72.38
CA LEU A 767 -37.69 -21.13 -71.04
C LEU A 767 -36.39 -20.35 -71.19
N LEU A 768 -36.03 -20.01 -72.42
CA LEU A 768 -34.77 -19.29 -72.66
C LEU A 768 -35.12 -17.85 -73.04
N GLU A 769 -36.40 -17.60 -73.41
CA GLU A 769 -36.83 -16.21 -73.70
C GLU A 769 -37.44 -15.57 -72.44
N THR A 770 -37.36 -16.27 -71.31
CA THR A 770 -37.90 -15.71 -70.06
C THR A 770 -36.82 -15.54 -69.01
N THR A 771 -35.90 -16.50 -68.88
CA THR A 771 -34.85 -16.38 -67.86
C THR A 771 -33.47 -16.15 -68.46
N GLY A 772 -33.37 -15.53 -69.65
CA GLY A 772 -32.08 -15.14 -70.16
C GLY A 772 -31.58 -13.78 -69.72
N ASP A 773 -31.99 -13.33 -68.52
CA ASP A 773 -31.58 -12.03 -67.99
C ASP A 773 -31.15 -12.12 -66.54
N ILE A 774 -30.25 -13.04 -66.22
CA ILE A 774 -29.87 -13.31 -64.83
C ILE A 774 -28.45 -12.79 -64.58
N ALA A 775 -28.21 -12.32 -63.36
CA ALA A 775 -26.90 -11.88 -62.91
C ALA A 775 -26.44 -12.80 -61.79
N PRO A 776 -25.58 -13.79 -62.06
CA PRO A 776 -25.13 -14.70 -61.00
C PRO A 776 -24.10 -14.07 -60.07
N ARG A 777 -24.39 -14.07 -58.77
CA ARG A 777 -23.47 -13.51 -57.79
C ARG A 777 -22.65 -14.63 -57.14
N PRO A 778 -21.50 -14.31 -56.56
CA PRO A 778 -20.75 -15.32 -55.79
C PRO A 778 -21.54 -15.82 -54.60
N ALA A 779 -21.35 -17.11 -54.30
CA ALA A 779 -22.07 -17.78 -53.22
C ALA A 779 -21.23 -17.78 -51.95
N ARG A 780 -21.84 -17.37 -50.84
CA ARG A 780 -21.13 -17.36 -49.56
C ARG A 780 -20.82 -18.76 -49.06
N VAL A 781 -21.81 -19.66 -49.10
CA VAL A 781 -21.64 -21.02 -48.59
C VAL A 781 -21.51 -21.97 -49.77
N THR A 782 -21.06 -23.19 -49.47
CA THR A 782 -20.77 -24.19 -50.50
C THR A 782 -22.07 -24.81 -51.00
N PHE A 783 -22.67 -24.18 -51.99
CA PHE A 783 -23.87 -24.71 -52.64
C PHE A 783 -23.50 -25.97 -53.42
N HIS A 784 -23.94 -27.13 -52.92
CA HIS A 784 -23.55 -28.41 -53.49
C HIS A 784 -24.64 -28.87 -54.44
N SER A 785 -24.33 -28.88 -55.74
CA SER A 785 -25.33 -29.18 -56.77
C SER A 785 -25.71 -30.65 -56.73
N THR A 786 -26.89 -30.94 -57.30
CA THR A 786 -27.37 -32.31 -57.44
C THR A 786 -27.54 -32.71 -58.90
N VAL A 787 -27.36 -31.78 -59.83
CA VAL A 787 -27.37 -32.11 -61.25
C VAL A 787 -25.94 -32.13 -61.80
N GLU A 788 -25.00 -31.37 -61.22
CA GLU A 788 -23.57 -31.49 -61.64
C GLU A 788 -22.74 -32.33 -60.64
N SER A 789 -23.33 -32.91 -59.58
CA SER A 789 -22.64 -33.85 -58.72
C SER A 789 -21.29 -33.31 -58.26
N ARG A 790 -21.27 -31.97 -58.15
CA ARG A 790 -20.03 -31.24 -57.86
C ARG A 790 -20.26 -29.94 -57.15
N SER A 791 -19.31 -29.46 -56.34
CA SER A 791 -19.48 -28.15 -55.73
C SER A 791 -19.31 -27.06 -56.78
N MET A 792 -20.40 -26.34 -57.06
CA MET A 792 -20.40 -25.29 -58.05
C MET A 792 -19.90 -23.98 -57.45
N ASP A 793 -19.75 -23.00 -58.33
CA ASP A 793 -19.42 -21.63 -57.94
C ASP A 793 -20.62 -20.74 -58.21
N GLY A 794 -20.60 -19.55 -57.62
CA GLY A 794 -21.75 -18.66 -57.73
C GLY A 794 -21.92 -18.03 -59.09
N THR A 795 -20.87 -18.02 -59.90
CA THR A 795 -20.85 -17.31 -61.18
C THR A 795 -21.26 -18.21 -62.35
N GLU A 796 -21.56 -19.48 -62.09
CA GLU A 796 -21.83 -20.44 -63.15
C GLU A 796 -23.33 -20.73 -63.34
N LEU A 797 -24.22 -19.85 -62.88
CA LEU A 797 -25.65 -20.12 -62.87
C LEU A 797 -26.32 -19.25 -63.94
N ASP A 798 -26.86 -19.89 -64.97
CA ASP A 798 -27.51 -19.17 -66.08
C ASP A 798 -28.69 -20.00 -66.60
N ALA A 799 -29.35 -19.34 -67.56
CA ALA A 799 -30.56 -19.91 -68.16
C ALA A 799 -30.20 -21.25 -68.77
N ARG A 800 -28.93 -21.58 -68.75
CA ARG A 800 -28.62 -22.95 -69.17
C ARG A 800 -28.74 -23.79 -67.91
N TYR A 801 -28.01 -23.41 -66.85
CA TYR A 801 -27.99 -24.25 -65.64
C TYR A 801 -29.38 -24.73 -65.27
N TRP A 802 -30.35 -23.83 -65.12
CA TRP A 802 -31.67 -24.16 -64.65
C TRP A 802 -32.42 -25.05 -65.63
N TYR A 803 -32.17 -24.92 -66.94
CA TYR A 803 -32.72 -25.93 -67.84
C TYR A 803 -32.16 -27.30 -67.49
N ARG A 804 -30.84 -27.40 -67.54
CA ARG A 804 -30.18 -28.69 -67.21
C ARG A 804 -30.91 -29.22 -65.99
N ASN A 805 -30.99 -28.42 -64.91
CA ASN A 805 -31.72 -28.86 -63.73
C ASN A 805 -33.08 -29.45 -64.11
N LEU A 806 -33.84 -28.76 -64.98
CA LEU A 806 -35.21 -29.16 -65.25
C LEU A 806 -35.30 -30.44 -66.08
N ARG A 807 -34.27 -30.73 -66.88
CA ARG A 807 -34.34 -31.73 -67.94
C ARG A 807 -33.98 -33.13 -67.49
N GLU A 808 -32.73 -33.31 -67.04
CA GLU A 808 -32.20 -34.61 -66.69
C GLU A 808 -32.18 -34.84 -65.18
N THR A 809 -31.45 -35.87 -64.79
CA THR A 809 -31.51 -36.46 -63.46
C THR A 809 -31.13 -35.44 -62.40
N VAL A 810 -31.54 -35.72 -61.16
CA VAL A 810 -30.91 -35.14 -59.98
C VAL A 810 -30.37 -36.29 -59.14
N ARG A 811 -29.09 -36.21 -58.77
CA ARG A 811 -28.42 -37.28 -58.04
C ARG A 811 -28.39 -36.87 -56.57
N PHE A 812 -29.49 -37.14 -55.87
CA PHE A 812 -29.64 -36.70 -54.49
C PHE A 812 -29.01 -37.67 -53.50
N ALA A 813 -29.24 -38.97 -53.70
CA ALA A 813 -28.66 -39.96 -52.79
C ALA A 813 -27.15 -39.94 -52.83
N ASP A 814 -26.55 -39.89 -54.03
CA ASP A 814 -25.11 -39.80 -54.14
C ASP A 814 -24.59 -38.52 -53.49
N ALA A 815 -25.27 -37.39 -53.72
CA ALA A 815 -24.83 -36.12 -53.15
C ALA A 815 -24.85 -36.16 -51.63
N VAL A 816 -25.92 -36.69 -51.02
CA VAL A 816 -25.96 -36.72 -49.57
C VAL A 816 -24.95 -37.72 -49.01
N THR A 817 -24.76 -38.86 -49.69
CA THR A 817 -23.78 -39.84 -49.22
C THR A 817 -22.36 -39.28 -49.23
N ARG A 818 -21.95 -38.63 -50.33
CA ARG A 818 -20.57 -38.17 -50.41
C ARG A 818 -20.43 -36.73 -49.94
N LEU A 819 -21.51 -36.15 -49.40
CA LEU A 819 -21.39 -35.03 -48.49
C LEU A 819 -21.21 -35.48 -47.06
N ALA A 820 -21.82 -36.61 -46.68
CA ALA A 820 -21.60 -37.15 -45.34
C ALA A 820 -20.15 -37.57 -45.12
N GLU A 821 -19.44 -37.91 -46.18
CA GLU A 821 -18.03 -38.28 -46.09
C GLU A 821 -17.10 -37.07 -46.00
N SER A 822 -17.60 -35.87 -46.30
CA SER A 822 -16.77 -34.67 -46.30
C SER A 822 -16.66 -34.04 -44.92
N GLY A 823 -17.34 -34.57 -43.91
CA GLY A 823 -17.27 -34.04 -42.57
C GLY A 823 -18.49 -33.26 -42.11
N TYR A 824 -19.65 -33.50 -42.72
CA TYR A 824 -20.89 -32.85 -42.34
C TYR A 824 -21.76 -33.83 -41.58
N ASP A 825 -22.24 -33.43 -40.39
CA ASP A 825 -23.00 -34.32 -39.54
C ASP A 825 -24.25 -33.63 -38.98
N ALA A 826 -24.82 -32.69 -39.72
CA ALA A 826 -26.07 -32.04 -39.30
C ALA A 826 -26.85 -31.70 -40.56
N PHE A 827 -27.75 -32.61 -40.96
CA PHE A 827 -28.54 -32.44 -42.17
C PHE A 827 -29.92 -31.88 -41.82
N ILE A 828 -29.94 -30.62 -41.41
CA ILE A 828 -31.18 -29.97 -41.01
C ILE A 828 -32.00 -29.67 -42.26
N GLU A 829 -33.22 -30.19 -42.29
CA GLU A 829 -34.13 -29.94 -43.40
C GLU A 829 -34.94 -28.68 -43.16
N VAL A 830 -35.25 -27.98 -44.25
CA VAL A 830 -36.06 -26.76 -44.20
C VAL A 830 -37.25 -26.99 -45.13
N SER A 831 -38.37 -27.43 -44.55
CA SER A 831 -39.55 -27.78 -45.32
C SER A 831 -40.75 -27.79 -44.38
N PRO A 832 -41.94 -27.44 -44.88
CA PRO A 832 -43.16 -27.56 -44.07
C PRO A 832 -43.55 -29.00 -43.74
N HIS A 833 -42.99 -29.98 -44.44
CA HIS A 833 -43.27 -31.39 -44.16
C HIS A 833 -42.09 -32.25 -44.62
N PRO A 834 -41.43 -32.95 -43.70
CA PRO A 834 -40.25 -33.75 -44.07
C PRO A 834 -40.64 -35.04 -44.77
N VAL A 835 -40.23 -35.17 -46.03
CA VAL A 835 -40.55 -36.36 -46.82
C VAL A 835 -39.32 -37.13 -47.27
N VAL A 836 -38.11 -36.69 -46.92
CA VAL A 836 -36.89 -37.32 -47.41
C VAL A 836 -35.98 -37.73 -46.26
N VAL A 837 -36.54 -37.84 -45.06
CA VAL A 837 -35.74 -38.26 -43.91
C VAL A 837 -35.34 -39.73 -44.04
N GLN A 838 -36.27 -40.57 -44.49
CA GLN A 838 -35.98 -41.99 -44.69
C GLN A 838 -34.82 -42.18 -45.66
N ALA A 839 -34.87 -41.51 -46.81
CA ALA A 839 -33.80 -41.63 -47.81
C ALA A 839 -32.48 -41.09 -47.27
N VAL A 840 -32.53 -39.98 -46.54
CA VAL A 840 -31.30 -39.40 -46.01
C VAL A 840 -30.64 -40.34 -45.02
N GLU A 841 -31.40 -40.92 -44.10
CA GLU A 841 -30.80 -41.84 -43.14
C GLU A 841 -30.32 -43.12 -43.82
N GLU A 842 -31.13 -43.68 -44.73
CA GLU A 842 -30.73 -44.91 -45.39
C GLU A 842 -29.64 -44.71 -46.43
N ALA A 843 -29.28 -43.45 -46.72
CA ALA A 843 -28.11 -43.15 -47.54
C ALA A 843 -26.87 -42.88 -46.69
N VAL A 844 -27.00 -42.08 -45.63
CA VAL A 844 -25.87 -41.80 -44.74
C VAL A 844 -25.48 -43.02 -43.91
N GLU A 845 -26.35 -44.03 -43.80
CA GLU A 845 -26.07 -45.23 -43.00
C GLU A 845 -24.86 -45.99 -43.49
N GLU A 846 -24.61 -46.01 -44.81
CA GLU A 846 -23.64 -46.93 -45.40
C GLU A 846 -22.35 -46.24 -45.77
N ALA A 847 -22.24 -44.96 -45.53
CA ALA A 847 -21.07 -44.14 -45.81
C ALA A 847 -20.01 -44.26 -44.71
N ASP A 848 -18.74 -44.13 -45.09
CA ASP A 848 -17.64 -44.24 -44.12
C ASP A 848 -17.43 -42.91 -43.41
N GLY A 849 -18.40 -42.50 -42.61
CA GLY A 849 -18.26 -41.31 -41.79
C GLY A 849 -18.65 -41.56 -40.36
N ALA A 850 -19.48 -40.69 -39.80
CA ALA A 850 -20.07 -40.93 -38.50
C ALA A 850 -21.50 -41.38 -38.66
N GLU A 851 -22.00 -42.16 -37.71
CA GLU A 851 -23.35 -42.73 -37.73
C GLU A 851 -24.36 -41.84 -37.03
N ASP A 852 -23.92 -41.04 -36.06
CA ASP A 852 -24.82 -40.26 -35.23
C ASP A 852 -25.10 -38.89 -35.84
N ALA A 853 -24.96 -38.77 -37.16
CA ALA A 853 -25.38 -37.55 -37.84
C ALA A 853 -26.88 -37.38 -37.69
N VAL A 854 -27.31 -36.17 -37.34
CA VAL A 854 -28.68 -35.91 -36.93
C VAL A 854 -29.44 -35.28 -38.09
N VAL A 855 -30.67 -35.74 -38.31
CA VAL A 855 -31.54 -35.24 -39.37
C VAL A 855 -32.88 -34.86 -38.73
N VAL A 856 -33.24 -33.58 -38.84
CA VAL A 856 -34.47 -33.07 -38.23
C VAL A 856 -35.25 -32.28 -39.26
N GLY A 857 -36.57 -32.25 -39.11
CA GLY A 857 -37.43 -31.45 -39.95
C GLY A 857 -37.74 -30.10 -39.33
N SER A 858 -38.70 -29.39 -39.93
CA SER A 858 -39.15 -28.11 -39.41
C SER A 858 -40.59 -28.16 -38.91
N LEU A 859 -41.53 -28.56 -39.76
CA LEU A 859 -42.94 -28.65 -39.39
C LEU A 859 -43.53 -29.97 -39.91
N HIS A 860 -44.62 -30.40 -39.30
CA HIS A 860 -45.29 -31.63 -39.70
C HIS A 860 -46.72 -31.35 -40.08
N ARG A 861 -47.45 -32.40 -40.47
CA ARG A 861 -48.84 -32.29 -40.87
C ARG A 861 -49.73 -31.82 -39.73
N ASP A 862 -49.48 -32.28 -38.50
CA ASP A 862 -50.40 -32.09 -37.39
C ASP A 862 -50.00 -30.90 -36.53
N GLY A 863 -49.40 -29.88 -37.13
CA GLY A 863 -49.03 -28.68 -36.40
C GLY A 863 -48.22 -27.69 -37.21
N GLY A 864 -48.54 -26.41 -37.04
CA GLY A 864 -47.77 -25.35 -37.62
C GLY A 864 -47.51 -24.18 -36.68
N ASP A 865 -47.81 -24.42 -35.41
CA ASP A 865 -47.62 -23.39 -34.35
C ASP A 865 -46.16 -23.36 -33.92
N LEU A 866 -45.78 -22.37 -33.11
CA LEU A 866 -44.39 -22.24 -32.69
C LEU A 866 -43.93 -23.38 -31.79
N SER A 867 -44.85 -24.08 -31.13
CA SER A 867 -44.45 -25.17 -30.24
C SER A 867 -43.76 -26.29 -31.02
N ALA A 868 -44.31 -26.66 -32.18
CA ALA A 868 -43.70 -27.70 -32.99
C ALA A 868 -42.32 -27.30 -33.49
N PHE A 869 -42.17 -26.05 -33.95
CA PHE A 869 -40.87 -25.56 -34.40
C PHE A 869 -39.86 -25.55 -33.26
N LEU A 870 -40.28 -25.13 -32.06
CA LEU A 870 -39.39 -25.15 -30.91
C LEU A 870 -38.97 -26.57 -30.53
N ARG A 871 -39.90 -27.53 -30.61
CA ARG A 871 -39.53 -28.92 -30.35
C ARG A 871 -38.57 -29.47 -31.38
N SER A 872 -38.75 -29.13 -32.66
CA SER A 872 -37.78 -29.53 -33.68
C SER A 872 -36.41 -28.90 -33.40
N MET A 873 -36.40 -27.62 -33.01
CA MET A 873 -35.16 -26.96 -32.67
C MET A 873 -34.46 -27.62 -31.48
N ALA A 874 -35.24 -28.00 -30.46
CA ALA A 874 -34.65 -28.68 -29.31
C ALA A 874 -34.14 -30.07 -29.68
N THR A 875 -34.85 -30.77 -30.56
CA THR A 875 -34.37 -32.06 -31.04
C THR A 875 -33.04 -31.92 -31.78
N ALA A 876 -32.92 -30.88 -32.59
CA ALA A 876 -31.63 -30.61 -33.24
C ALA A 876 -30.57 -30.20 -32.22
N HIS A 877 -30.96 -29.50 -31.16
CA HIS A 877 -29.99 -28.97 -30.20
C HIS A 877 -29.43 -30.06 -29.30
N VAL A 878 -30.24 -31.03 -28.89
CA VAL A 878 -29.79 -32.04 -27.92
C VAL A 878 -28.79 -33.02 -28.52
N SER A 879 -28.43 -32.86 -29.78
CA SER A 879 -27.48 -33.76 -30.44
C SER A 879 -26.20 -33.05 -30.84
N GLY A 880 -25.97 -31.84 -30.32
CA GLY A 880 -24.72 -31.15 -30.56
C GLY A 880 -24.84 -29.76 -31.14
N VAL A 881 -25.91 -29.51 -31.92
CA VAL A 881 -26.07 -28.22 -32.56
C VAL A 881 -26.31 -27.15 -31.50
N ASP A 882 -25.60 -26.03 -31.62
CA ASP A 882 -25.65 -24.96 -30.63
C ASP A 882 -26.80 -24.03 -31.01
N ILE A 883 -27.75 -23.86 -30.10
CA ILE A 883 -28.92 -23.02 -30.32
C ILE A 883 -28.93 -21.89 -29.31
N ARG A 884 -29.10 -20.68 -29.81
CA ARG A 884 -29.20 -19.49 -28.97
C ARG A 884 -30.65 -19.31 -28.57
N TRP A 885 -30.93 -19.47 -27.28
CA TRP A 885 -32.29 -19.52 -26.76
C TRP A 885 -32.78 -18.17 -26.23
N ASP A 886 -31.96 -17.13 -26.29
CA ASP A 886 -32.35 -15.82 -25.81
C ASP A 886 -33.29 -15.09 -26.78
N VAL A 887 -33.37 -15.53 -28.04
CA VAL A 887 -34.25 -14.87 -28.99
C VAL A 887 -35.72 -15.14 -28.67
N ALA A 888 -36.05 -16.33 -28.19
CA ALA A 888 -37.43 -16.72 -27.89
C ALA A 888 -37.96 -16.12 -26.60
N LEU A 889 -37.12 -15.44 -25.82
CA LEU A 889 -37.55 -14.78 -24.58
C LEU A 889 -37.08 -13.34 -24.62
N PRO A 890 -37.74 -12.48 -25.39
CA PRO A 890 -37.24 -11.12 -25.58
C PRO A 890 -37.73 -10.14 -24.53
N GLY A 891 -38.43 -10.66 -23.52
CA GLY A 891 -39.00 -9.83 -22.48
C GLY A 891 -38.86 -10.38 -21.08
N ALA A 892 -37.78 -11.10 -20.79
CA ALA A 892 -37.60 -11.71 -19.48
C ALA A 892 -36.30 -11.25 -18.86
N ALA A 893 -36.15 -11.57 -17.56
CA ALA A 893 -34.95 -11.29 -16.80
C ALA A 893 -34.48 -12.56 -16.11
N PRO A 894 -33.17 -12.74 -15.92
CA PRO A 894 -32.68 -13.99 -15.32
C PRO A 894 -33.15 -14.16 -13.88
N PHE A 895 -33.36 -15.40 -13.50
CA PHE A 895 -33.81 -15.76 -12.16
C PHE A 895 -32.66 -16.35 -11.35
N ALA A 896 -32.91 -16.52 -10.06
CA ALA A 896 -31.96 -17.13 -9.14
C ALA A 896 -32.26 -18.62 -9.09
N LEU A 897 -31.32 -19.43 -9.58
CA LEU A 897 -31.50 -20.86 -9.73
C LEU A 897 -30.58 -21.62 -8.80
N PRO A 898 -30.93 -22.86 -8.42
CA PRO A 898 -30.02 -23.68 -7.62
C PRO A 898 -28.77 -24.08 -8.38
N THR A 899 -27.83 -24.73 -7.71
CA THR A 899 -26.54 -25.07 -8.27
C THR A 899 -26.54 -26.54 -8.73
N TYR A 900 -25.38 -26.98 -9.21
CA TYR A 900 -25.24 -28.32 -9.75
C TYR A 900 -25.34 -29.36 -8.63
N PRO A 901 -26.21 -30.36 -8.77
CA PRO A 901 -26.30 -31.45 -7.77
C PRO A 901 -25.19 -32.47 -7.97
N PHE A 902 -24.23 -32.47 -7.04
CA PHE A 902 -23.10 -33.39 -7.13
C PHE A 902 -23.51 -34.79 -6.67
N GLN A 903 -22.81 -35.79 -7.20
CA GLN A 903 -22.99 -37.18 -6.82
C GLN A 903 -21.69 -37.64 -6.17
N ARG A 904 -21.73 -37.87 -4.86
CA ARG A 904 -20.51 -38.05 -4.08
C ARG A 904 -20.39 -39.47 -3.54
N LYS A 905 -19.17 -39.99 -3.54
CA LYS A 905 -18.79 -41.16 -2.78
C LYS A 905 -17.82 -40.74 -1.68
N ARG A 906 -17.38 -41.71 -0.88
CA ARG A 906 -16.50 -41.44 0.25
C ARG A 906 -15.07 -41.83 -0.12
N TYR A 907 -14.23 -40.83 -0.37
CA TYR A 907 -12.81 -41.01 -0.59
C TYR A 907 -12.08 -40.51 0.65
N TRP A 908 -11.39 -41.41 1.35
CA TRP A 908 -10.70 -41.03 2.59
C TRP A 908 -9.54 -41.99 2.81
N LEU A 909 -8.34 -41.53 2.50
CA LEU A 909 -7.12 -42.21 2.92
C LEU A 909 -6.94 -41.98 4.41
N GLN A 910 -6.25 -42.90 5.09
CA GLN A 910 -6.03 -42.76 6.51
C GLN A 910 -5.17 -41.53 6.77
N PRO A 911 -5.64 -40.56 7.57
CA PRO A 911 -4.94 -39.29 7.78
C PRO A 911 -3.73 -39.42 8.70
N THR B 4 -5.27 42.86 -25.11
CA THR B 4 -4.45 41.83 -25.79
C THR B 4 -4.98 40.45 -25.40
N ASP B 5 -5.59 39.71 -26.34
CA ASP B 5 -6.20 38.41 -25.98
C ASP B 5 -5.16 37.33 -26.04
N SER B 6 -3.96 37.68 -26.45
CA SER B 6 -2.91 36.66 -26.39
C SER B 6 -2.49 36.61 -24.93
N GLU B 7 -2.19 37.75 -24.34
CA GLU B 7 -1.66 37.76 -22.95
C GLU B 7 -2.58 36.97 -22.01
N LYS B 8 -3.89 37.20 -22.02
CA LYS B 8 -4.79 36.54 -21.03
C LYS B 8 -4.84 35.04 -21.30
N VAL B 9 -5.02 34.64 -22.56
CA VAL B 9 -5.17 33.20 -22.88
C VAL B 9 -3.80 32.52 -22.88
N ALA B 10 -2.69 33.25 -22.87
CA ALA B 10 -1.39 32.55 -22.77
C ALA B 10 -1.07 32.34 -21.32
N GLU B 11 -1.28 33.33 -20.46
CA GLU B 11 -0.86 33.14 -19.04
C GLU B 11 -1.67 32.03 -18.37
N TYR B 12 -2.89 31.76 -18.82
CA TYR B 12 -3.67 30.66 -18.22
C TYR B 12 -3.08 29.36 -18.73
N LEU B 13 -2.40 29.36 -19.88
CA LEU B 13 -1.86 28.10 -20.49
C LEU B 13 -0.45 27.88 -19.97
N ARG B 14 0.03 28.74 -19.09
CA ARG B 14 1.33 28.43 -18.50
C ARG B 14 1.03 27.98 -17.08
N ARG B 15 -0.20 28.15 -16.62
CA ARG B 15 -0.57 27.62 -15.28
C ARG B 15 -1.35 26.35 -15.57
N ALA B 16 -1.43 25.96 -16.83
CA ALA B 16 -2.00 24.64 -17.11
C ALA B 16 -0.81 23.78 -17.48
N THR B 17 0.23 24.36 -18.11
CA THR B 17 1.41 23.52 -18.33
C THR B 17 2.06 23.10 -17.03
N LEU B 18 2.02 23.95 -16.00
CA LEU B 18 2.57 23.58 -14.70
C LEU B 18 1.79 22.45 -14.05
N ASP B 19 0.49 22.67 -13.83
CA ASP B 19 -0.31 21.68 -13.12
C ASP B 19 -0.39 20.36 -13.88
N LEU B 20 -0.47 20.41 -15.21
CA LEU B 20 -0.56 19.17 -15.97
C LEU B 20 0.71 18.35 -15.82
N ARG B 21 1.88 19.01 -15.85
CA ARG B 21 3.13 18.29 -15.60
C ARG B 21 3.13 17.67 -14.22
N ALA B 22 2.71 18.44 -13.21
CA ALA B 22 2.72 17.91 -11.84
C ALA B 22 1.84 16.67 -11.72
N ALA B 23 0.64 16.72 -12.29
CA ALA B 23 -0.26 15.57 -12.23
C ALA B 23 0.27 14.36 -12.97
N ARG B 24 0.76 14.54 -14.21
CA ARG B 24 1.32 13.42 -14.96
C ARG B 24 2.53 12.81 -14.28
N GLN B 25 3.38 13.66 -13.70
CA GLN B 25 4.57 13.19 -13.01
C GLN B 25 4.22 12.41 -11.75
N ARG B 26 3.19 12.86 -11.03
CA ARG B 26 2.69 12.07 -9.91
C ARG B 26 2.14 10.73 -10.39
N ILE B 27 1.48 10.70 -11.55
CA ILE B 27 1.02 9.43 -12.12
C ILE B 27 2.20 8.49 -12.37
N ARG B 28 3.25 9.01 -13.01
CA ARG B 28 4.44 8.18 -13.24
C ARG B 28 5.04 7.69 -11.94
N GLU B 29 5.08 8.53 -10.90
CA GLU B 29 5.56 8.05 -9.60
C GLU B 29 4.67 6.93 -9.06
N LEU B 30 3.36 7.03 -9.27
CA LEU B 30 2.44 6.00 -8.80
C LEU B 30 2.67 4.65 -9.46
N GLU B 31 2.90 4.62 -10.78
CA GLU B 31 2.87 3.33 -11.45
C GLU B 31 4.24 2.80 -11.85
N SER B 32 5.22 3.66 -12.13
CA SER B 32 6.47 3.21 -12.74
C SER B 32 7.67 3.74 -11.96
N ASP B 33 7.65 3.58 -10.65
CA ASP B 33 8.79 4.00 -9.84
C ASP B 33 9.82 2.86 -9.77
N PRO B 34 11.05 3.09 -10.24
CA PRO B 34 12.10 2.07 -10.11
C PRO B 34 12.49 1.88 -8.65
N ILE B 35 12.87 0.64 -8.31
CA ILE B 35 13.17 0.27 -6.93
C ILE B 35 14.64 -0.10 -6.84
N ALA B 36 15.41 0.67 -6.06
CA ALA B 36 16.82 0.41 -5.90
C ALA B 36 17.07 -0.73 -4.92
N ILE B 37 18.15 -1.48 -5.17
CA ILE B 37 18.60 -2.57 -4.31
C ILE B 37 19.76 -2.03 -3.49
N VAL B 38 19.68 -2.23 -2.17
CA VAL B 38 20.69 -1.68 -1.27
C VAL B 38 21.76 -2.70 -0.87
N SER B 39 21.36 -3.90 -0.44
CA SER B 39 22.33 -4.89 0.01
C SER B 39 21.72 -6.27 -0.13
N MET B 40 22.58 -7.28 -0.02
CA MET B 40 22.19 -8.66 -0.25
C MET B 40 23.00 -9.57 0.66
N ALA B 41 22.37 -10.67 1.10
CA ALA B 41 23.03 -11.65 1.95
C ALA B 41 22.55 -13.04 1.55
N CYS B 42 23.40 -14.04 1.78
CA CYS B 42 23.06 -15.39 1.37
C CYS B 42 23.87 -16.41 2.16
N ARG B 43 23.22 -17.53 2.46
CA ARG B 43 23.88 -18.75 2.93
C ARG B 43 23.69 -19.80 1.85
N LEU B 44 24.79 -20.31 1.33
CA LEU B 44 24.81 -21.22 0.19
C LEU B 44 25.64 -22.44 0.53
N PRO B 45 25.40 -23.58 -0.13
CA PRO B 45 26.16 -24.80 0.18
C PRO B 45 27.61 -24.66 -0.24
N GLY B 46 28.48 -25.46 0.38
CA GLY B 46 29.87 -25.50 -0.01
C GLY B 46 30.74 -24.48 0.71
N GLY B 47 30.28 -24.01 1.86
CA GLY B 47 31.00 -23.01 2.62
C GLY B 47 30.81 -21.59 2.15
N VAL B 48 29.95 -21.35 1.17
CA VAL B 48 29.71 -20.00 0.67
C VAL B 48 28.69 -19.32 1.59
N ASN B 49 29.14 -18.29 2.30
CA ASN B 49 28.27 -17.54 3.20
C ASN B 49 28.46 -16.04 3.02
N THR B 50 28.93 -15.63 1.84
CA THR B 50 29.15 -14.22 1.53
C THR B 50 29.07 -14.06 0.02
N PRO B 51 28.52 -12.94 -0.46
CA PRO B 51 28.37 -12.76 -1.92
C PRO B 51 29.68 -12.78 -2.69
N GLN B 52 30.78 -12.32 -2.08
CA GLN B 52 32.08 -12.33 -2.75
C GLN B 52 32.57 -13.75 -3.06
N ARG B 53 32.42 -14.68 -2.12
CA ARG B 53 32.74 -16.07 -2.40
C ARG B 53 31.84 -16.64 -3.49
N LEU B 54 30.57 -16.24 -3.52
CA LEU B 54 29.70 -16.66 -4.61
C LEU B 54 30.22 -16.19 -5.96
N TRP B 55 30.66 -14.94 -6.04
CA TRP B 55 31.21 -14.43 -7.30
C TRP B 55 32.48 -15.16 -7.71
N GLU B 56 33.37 -15.42 -6.75
CA GLU B 56 34.57 -16.20 -7.06
C GLU B 56 34.23 -17.58 -7.58
N LEU B 57 33.30 -18.28 -6.92
CA LEU B 57 32.88 -19.59 -7.39
C LEU B 57 32.27 -19.51 -8.78
N LEU B 58 31.59 -18.40 -9.09
CA LEU B 58 30.98 -18.26 -10.41
C LEU B 58 32.03 -18.03 -11.50
N ARG B 59 33.08 -17.23 -11.23
CA ARG B 59 34.12 -17.04 -12.24
C ARG B 59 35.03 -18.25 -12.44
N GLU B 60 35.21 -19.10 -11.42
CA GLU B 60 35.92 -20.34 -11.69
C GLU B 60 35.16 -21.26 -12.63
N GLY B 61 33.84 -21.26 -12.58
CA GLY B 61 33.06 -22.30 -13.24
C GLY B 61 33.18 -23.59 -12.44
N GLY B 62 33.10 -23.45 -11.12
CA GLY B 62 33.32 -24.55 -10.20
C GLY B 62 32.05 -25.34 -9.90
N GLU B 63 32.17 -26.19 -8.88
CA GLU B 63 31.11 -27.09 -8.49
C GLU B 63 30.87 -27.01 -6.98
N THR B 64 29.61 -27.23 -6.58
CA THR B 64 29.23 -27.31 -5.17
C THR B 64 28.47 -28.62 -4.96
N LEU B 65 29.02 -29.70 -5.48
CA LEU B 65 28.36 -31.01 -5.39
C LEU B 65 29.11 -31.88 -4.39
N SER B 66 28.41 -32.36 -3.37
CA SER B 66 29.01 -33.17 -2.33
C SER B 66 28.12 -34.37 -2.02
N GLY B 67 28.49 -35.12 -1.00
CA GLY B 67 27.73 -36.27 -0.57
C GLY B 67 26.63 -35.90 0.40
N PHE B 68 25.90 -36.92 0.84
CA PHE B 68 24.83 -36.73 1.80
C PHE B 68 25.39 -36.36 3.17
N PRO B 69 24.67 -35.56 3.94
CA PRO B 69 25.12 -35.22 5.30
C PRO B 69 25.10 -36.43 6.21
N THR B 70 26.02 -36.44 7.18
CA THR B 70 26.15 -37.55 8.10
C THR B 70 25.73 -37.23 9.52
N ASP B 71 25.72 -35.95 9.91
CA ASP B 71 25.42 -35.55 11.28
C ASP B 71 23.97 -35.10 11.46
N ARG B 72 23.12 -35.29 10.45
CA ARG B 72 21.71 -34.92 10.55
C ARG B 72 20.84 -36.07 11.04
N GLY B 73 21.43 -37.19 11.41
CA GLY B 73 20.67 -38.34 11.87
C GLY B 73 20.12 -39.22 10.78
N TRP B 74 20.54 -39.02 9.53
CA TRP B 74 20.05 -39.83 8.44
C TRP B 74 20.65 -41.24 8.49
N ASP B 75 19.93 -42.18 7.88
CA ASP B 75 20.35 -43.58 7.78
C ASP B 75 20.85 -43.82 6.36
N LEU B 76 22.13 -43.52 6.14
CA LEU B 76 22.69 -43.51 4.79
C LEU B 76 23.00 -44.91 4.27
N ALA B 77 23.11 -45.90 5.14
CA ALA B 77 23.28 -47.28 4.72
C ALA B 77 21.94 -47.95 4.46
N ARG B 78 20.81 -47.38 4.83
CA ARG B 78 19.56 -48.13 4.54
C ARG B 78 18.74 -47.33 3.56
N LEU B 79 19.39 -46.38 2.90
CA LEU B 79 18.70 -45.44 2.04
C LEU B 79 19.02 -45.58 0.56
N HIS B 80 20.27 -45.83 0.19
CA HIS B 80 20.71 -45.80 -1.20
C HIS B 80 20.48 -47.17 -1.85
N HIS B 81 20.03 -47.15 -3.10
CA HIS B 81 19.72 -48.35 -3.87
C HIS B 81 19.90 -48.04 -5.34
N PRO B 82 20.77 -48.76 -6.05
CA PRO B 82 21.08 -48.42 -7.44
C PRO B 82 19.93 -48.68 -8.43
N ASP B 83 18.77 -49.07 -7.92
CA ASP B 83 17.57 -49.38 -8.71
C ASP B 83 16.47 -48.35 -8.39
N PRO B 84 15.82 -47.76 -9.40
CA PRO B 84 14.76 -46.78 -9.10
C PRO B 84 13.46 -47.42 -8.60
N ASP B 85 13.52 -48.67 -8.16
CA ASP B 85 12.40 -49.34 -7.51
C ASP B 85 12.73 -49.66 -6.05
N ASN B 86 11.92 -50.50 -5.41
CA ASN B 86 12.00 -50.71 -3.96
C ASN B 86 11.76 -49.39 -3.23
N PRO B 87 10.51 -48.90 -3.19
CA PRO B 87 10.25 -47.56 -2.62
C PRO B 87 10.71 -47.48 -1.16
N GLY B 88 10.94 -46.25 -0.72
CA GLY B 88 11.66 -46.00 0.51
C GLY B 88 13.16 -45.88 0.35
N THR B 89 13.67 -46.03 -0.88
CA THR B 89 15.08 -45.91 -1.19
C THR B 89 15.25 -44.93 -2.35
N SER B 90 16.43 -44.33 -2.43
CA SER B 90 16.75 -43.33 -3.45
C SER B 90 17.98 -43.77 -4.23
N TYR B 91 17.95 -43.57 -5.54
CA TYR B 91 19.03 -43.99 -6.42
C TYR B 91 20.06 -42.90 -6.69
N VAL B 92 19.92 -41.74 -6.04
CA VAL B 92 20.91 -40.67 -6.17
C VAL B 92 21.75 -40.63 -4.90
N ASP B 93 23.02 -40.28 -5.06
CA ASP B 93 23.97 -40.30 -3.95
C ASP B 93 24.69 -38.96 -3.89
N LYS B 94 24.32 -38.03 -4.78
CA LYS B 94 24.93 -36.72 -4.83
C LYS B 94 23.96 -35.69 -4.27
N GLY B 95 24.37 -34.44 -4.30
CA GLY B 95 23.52 -33.34 -3.88
C GLY B 95 24.29 -32.28 -3.12
N GLY B 96 23.86 -31.02 -3.27
CA GLY B 96 24.48 -29.91 -2.56
C GLY B 96 23.81 -29.69 -1.22
N PHE B 97 24.62 -29.59 -0.18
CA PHE B 97 24.12 -29.43 1.18
C PHE B 97 24.94 -28.38 1.92
N LEU B 98 24.32 -27.74 2.90
CA LEU B 98 25.01 -26.76 3.73
C LEU B 98 26.02 -27.45 4.64
N ASP B 99 27.08 -26.72 4.97
CA ASP B 99 28.12 -27.25 5.86
C ASP B 99 27.76 -27.06 7.32
N ASP B 100 26.97 -26.04 7.65
CA ASP B 100 26.56 -25.76 9.03
C ASP B 100 25.09 -25.39 9.01
N ALA B 101 24.23 -26.39 9.19
CA ALA B 101 22.78 -26.18 9.24
C ALA B 101 22.20 -26.34 10.64
N ALA B 102 22.97 -26.88 11.58
CA ALA B 102 22.51 -27.09 12.95
C ALA B 102 23.19 -26.16 13.94
N GLY B 103 23.63 -25.00 13.49
CA GLY B 103 24.30 -24.03 14.36
C GLY B 103 23.44 -22.81 14.58
N PHE B 104 23.46 -22.32 15.82
CA PHE B 104 22.66 -21.16 16.19
C PHE B 104 23.24 -20.52 17.44
N ASP B 105 23.18 -19.19 17.49
CA ASP B 105 23.60 -18.41 18.65
C ASP B 105 22.35 -18.03 19.43
N ALA B 106 22.00 -18.87 20.40
CA ALA B 106 20.76 -18.70 21.15
C ALA B 106 20.78 -17.47 22.06
N GLU B 107 21.88 -17.27 22.78
CA GLU B 107 21.94 -16.18 23.76
C GLU B 107 21.95 -14.80 23.10
N PHE B 108 22.40 -14.70 21.86
CA PHE B 108 22.46 -13.39 21.20
C PHE B 108 21.07 -12.84 20.94
N PHE B 109 20.16 -13.68 20.45
CA PHE B 109 18.81 -13.25 20.09
C PHE B 109 17.85 -13.31 21.27
N GLY B 110 18.31 -13.73 22.44
CA GLY B 110 17.45 -13.85 23.60
C GLY B 110 16.59 -15.10 23.64
N VAL B 111 16.98 -16.15 22.91
CA VAL B 111 16.21 -17.39 22.82
C VAL B 111 16.83 -18.42 23.75
N SER B 112 15.99 -19.08 24.54
CA SER B 112 16.43 -20.11 25.45
C SER B 112 16.94 -21.31 24.66
N PRO B 113 17.81 -22.15 25.25
CA PRO B 113 18.33 -23.29 24.51
C PRO B 113 17.26 -24.24 24.03
N ARG B 114 16.18 -24.44 24.81
CA ARG B 114 15.19 -25.43 24.43
C ARG B 114 14.33 -24.90 23.28
N GLU B 115 14.00 -23.61 23.32
CA GLU B 115 13.28 -23.01 22.21
C GLU B 115 14.12 -23.02 20.94
N ALA B 116 15.42 -22.71 21.06
CA ALA B 116 16.33 -22.82 19.93
C ALA B 116 16.42 -24.26 19.41
N ALA B 117 16.39 -25.24 20.32
CA ALA B 117 16.38 -26.64 19.92
C ALA B 117 15.05 -27.05 19.31
N ALA B 118 14.01 -26.23 19.48
CA ALA B 118 12.69 -26.54 18.93
C ALA B 118 12.39 -25.77 17.65
N MET B 119 13.38 -25.09 17.07
CA MET B 119 13.17 -24.32 15.86
C MET B 119 13.43 -25.15 14.61
N ASP B 120 12.68 -24.87 13.56
CA ASP B 120 13.12 -25.24 12.23
C ASP B 120 14.40 -24.46 11.93
N PRO B 121 15.47 -25.11 11.47
CA PRO B 121 16.70 -24.37 11.19
C PRO B 121 16.54 -23.26 10.15
N GLN B 122 15.50 -23.32 9.32
CA GLN B 122 15.25 -22.24 8.36
C GLN B 122 15.06 -20.91 9.07
N GLN B 123 14.30 -20.89 10.17
CA GLN B 123 14.06 -19.64 10.88
C GLN B 123 15.35 -19.07 11.48
N ARG B 124 16.19 -19.92 12.05
CA ARG B 124 17.44 -19.44 12.64
C ARG B 124 18.39 -18.92 11.57
N LEU B 125 18.50 -19.65 10.45
CA LEU B 125 19.33 -19.17 9.35
C LEU B 125 18.79 -17.86 8.78
N LEU B 126 17.47 -17.72 8.69
CA LEU B 126 16.88 -16.47 8.24
C LEU B 126 17.18 -15.34 9.19
N LEU B 127 17.14 -15.58 10.50
CA LEU B 127 17.49 -14.54 11.47
C LEU B 127 18.94 -14.09 11.29
N GLU B 128 19.86 -15.04 11.19
CA GLU B 128 21.27 -14.68 11.03
C GLU B 128 21.50 -13.93 9.72
N THR B 129 20.89 -14.41 8.63
CA THR B 129 21.02 -13.76 7.34
C THR B 129 20.40 -12.38 7.32
N SER B 130 19.27 -12.17 8.01
CA SER B 130 18.67 -10.86 8.08
C SER B 130 19.54 -9.89 8.87
N TRP B 131 20.13 -10.35 9.98
CA TRP B 131 21.04 -9.49 10.72
C TRP B 131 22.23 -9.08 9.87
N GLU B 132 22.83 -10.04 9.16
CA GLU B 132 23.95 -9.70 8.28
C GLU B 132 23.51 -8.79 7.14
N LEU B 133 22.30 -8.99 6.62
CA LEU B 133 21.78 -8.15 5.55
C LEU B 133 21.63 -6.70 6.02
N VAL B 134 21.10 -6.51 7.23
CA VAL B 134 20.95 -5.17 7.78
C VAL B 134 22.31 -4.54 8.02
N GLU B 135 23.26 -5.31 8.57
CA GLU B 135 24.58 -4.75 8.84
C GLU B 135 25.39 -4.49 7.57
N ASN B 136 25.05 -5.13 6.46
CA ASN B 136 25.82 -4.95 5.23
C ASN B 136 25.50 -3.65 4.52
N ALA B 137 24.38 -3.02 4.85
CA ALA B 137 23.95 -1.80 4.18
C ALA B 137 24.53 -0.53 4.81
N GLY B 138 25.40 -0.67 5.80
CA GLY B 138 25.88 0.49 6.53
C GLY B 138 24.80 1.18 7.34
N ILE B 139 23.86 0.41 7.88
CA ILE B 139 22.74 0.94 8.65
C ILE B 139 22.81 0.36 10.05
N ASP B 140 22.70 1.22 11.05
CA ASP B 140 22.67 0.77 12.43
C ASP B 140 21.40 -0.03 12.67
N PRO B 141 21.48 -1.29 13.09
CA PRO B 141 20.26 -2.11 13.20
C PRO B 141 19.32 -1.70 14.32
N HIS B 142 19.77 -0.84 15.22
CA HIS B 142 18.91 -0.31 16.28
C HIS B 142 18.15 0.93 15.84
N SER B 143 18.40 1.44 14.64
CA SER B 143 17.69 2.59 14.11
C SER B 143 16.47 2.22 13.30
N LEU B 144 16.23 0.93 13.07
CA LEU B 144 15.06 0.44 12.35
C LEU B 144 13.89 0.13 13.27
N ARG B 145 14.02 0.39 14.57
CA ARG B 145 12.97 0.10 15.52
C ARG B 145 11.83 1.10 15.35
N GLY B 146 10.63 0.59 15.08
CA GLY B 146 9.45 1.42 14.91
C GLY B 146 9.21 1.90 13.50
N THR B 147 10.15 1.69 12.59
CA THR B 147 9.98 2.11 11.21
C THR B 147 9.19 1.06 10.43
N ALA B 148 8.52 1.52 9.38
CA ALA B 148 7.64 0.65 8.58
C ALA B 148 8.47 -0.08 7.53
N THR B 149 8.99 -1.24 7.91
CA THR B 149 9.80 -2.07 7.04
C THR B 149 9.12 -3.41 6.85
N GLY B 150 8.91 -3.81 5.60
CA GLY B 150 8.23 -5.05 5.30
C GLY B 150 9.18 -6.23 5.22
N VAL B 151 8.64 -7.42 5.48
CA VAL B 151 9.38 -8.68 5.41
C VAL B 151 8.57 -9.65 4.56
N PHE B 152 9.05 -9.89 3.34
CA PHE B 152 8.36 -10.77 2.40
C PHE B 152 9.26 -11.96 2.11
N LEU B 153 8.74 -13.16 2.35
CA LEU B 153 9.55 -14.37 2.35
C LEU B 153 8.88 -15.48 1.55
N GLY B 154 9.71 -16.38 1.05
CA GLY B 154 9.25 -17.62 0.44
C GLY B 154 9.85 -18.81 1.17
N VAL B 155 9.00 -19.56 1.87
CA VAL B 155 9.45 -20.67 2.71
C VAL B 155 8.34 -21.70 2.80
N ALA B 156 8.72 -22.97 2.89
CA ALA B 156 7.78 -24.06 3.01
C ALA B 156 8.31 -25.08 4.01
N LYS B 157 7.40 -25.91 4.50
CA LYS B 157 7.73 -26.93 5.50
C LYS B 157 8.37 -28.13 4.82
N PHE B 158 9.37 -28.71 5.48
CA PHE B 158 10.05 -29.90 5.00
C PHE B 158 10.02 -31.04 5.99
N GLY B 159 9.56 -30.81 7.22
CA GLY B 159 9.49 -31.86 8.22
C GLY B 159 10.61 -31.78 9.24
N TYR B 160 10.31 -31.26 10.43
CA TYR B 160 11.30 -31.13 11.50
C TYR B 160 10.66 -31.53 12.82
N GLY B 161 11.22 -32.55 13.46
CA GLY B 161 10.74 -32.97 14.76
C GLY B 161 9.31 -33.46 14.76
N GLU B 162 8.73 -33.63 13.58
CA GLU B 162 7.33 -34.04 13.48
C GLU B 162 7.18 -35.55 13.44
N ASP B 163 8.27 -36.29 13.33
CA ASP B 163 8.20 -37.74 13.37
C ASP B 163 8.26 -38.28 14.80
N THR B 164 8.79 -37.51 15.75
CA THR B 164 8.92 -37.93 17.14
C THR B 164 7.82 -37.30 17.98
N ALA B 165 7.64 -37.87 19.18
CA ALA B 165 6.63 -37.38 20.10
C ALA B 165 7.03 -36.04 20.70
N ALA B 166 6.05 -35.15 20.83
CA ALA B 166 6.29 -33.80 21.33
C ALA B 166 6.61 -33.83 22.82
N ALA B 167 7.62 -33.07 23.22
CA ALA B 167 8.03 -33.00 24.61
C ALA B 167 7.09 -32.07 25.40
N GLU B 168 7.19 -32.14 26.73
CA GLU B 168 6.32 -31.35 27.60
C GLU B 168 6.88 -29.94 27.76
N ASP B 169 6.47 -29.05 26.85
CA ASP B 169 6.69 -27.62 26.99
C ASP B 169 5.32 -26.94 27.13
N VAL B 170 4.97 -26.56 28.35
CA VAL B 170 3.65 -25.98 28.57
C VAL B 170 3.49 -24.68 27.79
N GLU B 171 4.56 -23.93 27.62
CA GLU B 171 4.54 -22.65 26.93
C GLU B 171 4.38 -22.78 25.42
N GLY B 172 4.44 -23.99 24.89
CA GLY B 172 4.21 -24.21 23.47
C GLY B 172 5.32 -23.71 22.59
N TYR B 173 6.49 -24.33 22.69
CA TYR B 173 7.64 -23.98 21.86
C TYR B 173 7.74 -24.80 20.59
N SER B 174 6.85 -25.77 20.39
CA SER B 174 6.93 -26.66 19.24
C SER B 174 5.93 -26.35 18.14
N VAL B 175 5.24 -25.21 18.18
CA VAL B 175 4.31 -24.86 17.12
C VAL B 175 4.81 -23.65 16.34
N THR B 176 5.21 -22.60 17.06
CA THR B 176 5.73 -21.40 16.44
C THR B 176 7.14 -21.58 15.89
N GLY B 177 7.78 -22.71 16.18
CA GLY B 177 9.11 -22.97 15.68
C GLY B 177 9.12 -23.61 14.30
N VAL B 178 8.13 -24.47 14.04
CA VAL B 178 8.06 -25.20 12.78
C VAL B 178 7.00 -24.61 11.83
N ALA B 179 6.20 -23.66 12.32
CA ALA B 179 5.17 -23.06 11.49
C ALA B 179 5.80 -22.16 10.42
N PRO B 180 5.24 -22.16 9.21
CA PRO B 180 5.78 -21.30 8.14
C PRO B 180 5.33 -19.85 8.19
N ALA B 181 4.39 -19.51 9.08
CA ALA B 181 3.94 -18.13 9.22
C ALA B 181 4.70 -17.37 10.29
N VAL B 182 5.62 -18.02 11.02
CA VAL B 182 6.41 -17.35 12.03
C VAL B 182 7.81 -17.00 11.50
N ALA B 183 8.20 -17.53 10.34
CA ALA B 183 9.52 -17.25 9.79
C ALA B 183 9.75 -15.76 9.56
N SER B 184 8.69 -14.99 9.32
CA SER B 184 8.80 -13.54 9.16
C SER B 184 8.35 -12.76 10.39
N GLY B 185 7.32 -13.24 11.09
CA GLY B 185 6.90 -12.60 12.32
C GLY B 185 7.98 -12.60 13.40
N ARG B 186 8.75 -13.69 13.49
CA ARG B 186 9.85 -13.74 14.43
C ARG B 186 10.95 -12.74 14.08
N ILE B 187 11.25 -12.56 12.81
CA ILE B 187 12.20 -11.52 12.41
C ILE B 187 11.67 -10.14 12.79
N SER B 188 10.40 -9.88 12.48
CA SER B 188 9.81 -8.59 12.82
C SER B 188 9.74 -8.35 14.33
N TYR B 189 9.65 -9.43 15.12
CA TYR B 189 9.59 -9.29 16.57
C TYR B 189 10.98 -9.08 17.17
N THR B 190 11.96 -9.87 16.74
CA THR B 190 13.32 -9.75 17.27
C THR B 190 14.07 -8.54 16.73
N MET B 191 13.64 -7.96 15.61
CA MET B 191 14.31 -6.81 15.04
C MET B 191 13.54 -5.50 15.24
N GLY B 192 12.25 -5.57 15.50
CA GLY B 192 11.46 -4.40 15.79
C GLY B 192 10.84 -3.70 14.59
N LEU B 193 10.79 -4.35 13.43
CA LEU B 193 10.20 -3.72 12.26
C LEU B 193 8.69 -3.58 12.45
N GLU B 194 8.13 -2.58 11.76
CA GLU B 194 6.73 -2.20 11.98
C GLU B 194 5.92 -2.33 10.70
N GLY B 195 6.37 -3.12 9.74
CA GLY B 195 5.71 -3.21 8.45
C GLY B 195 5.04 -4.55 8.21
N PRO B 196 4.26 -4.65 7.13
CA PRO B 196 3.61 -5.92 6.82
C PRO B 196 4.61 -7.04 6.58
N SER B 197 4.28 -8.23 7.05
CA SER B 197 5.13 -9.42 6.91
C SER B 197 4.30 -10.53 6.28
N ILE B 198 4.74 -11.03 5.12
CA ILE B 198 4.01 -12.06 4.38
C ILE B 198 4.97 -13.17 3.99
N SER B 199 4.52 -14.42 4.15
CA SER B 199 5.25 -15.62 3.76
C SER B 199 4.42 -16.35 2.71
N VAL B 200 4.78 -16.18 1.43
CA VAL B 200 3.96 -16.67 0.32
C VAL B 200 4.31 -18.11 -0.03
N ASP B 201 3.46 -18.72 -0.86
CA ASP B 201 3.71 -20.02 -1.48
C ASP B 201 3.39 -19.91 -2.97
N THR B 202 4.38 -20.22 -3.82
CA THR B 202 4.19 -20.15 -5.26
C THR B 202 4.85 -21.35 -5.95
N ALA B 203 5.30 -22.36 -5.18
CA ALA B 203 5.90 -23.56 -5.73
C ALA B 203 7.14 -23.24 -6.55
N CYS B 204 8.19 -22.79 -5.87
CA CYS B 204 9.54 -22.45 -6.32
C CYS B 204 9.58 -21.18 -7.17
N SER B 205 8.48 -20.46 -7.31
CA SER B 205 8.49 -19.10 -7.84
C SER B 205 8.10 -18.10 -6.74
N SER B 206 8.27 -18.50 -5.48
CA SER B 206 7.82 -17.68 -4.36
C SER B 206 8.66 -16.42 -4.20
N SER B 207 9.97 -16.51 -4.46
CA SER B 207 10.86 -15.37 -4.25
C SER B 207 10.49 -14.20 -5.16
N LEU B 208 10.25 -14.46 -6.44
CA LEU B 208 9.89 -13.37 -7.35
C LEU B 208 8.48 -12.85 -7.09
N VAL B 209 7.56 -13.71 -6.62
CA VAL B 209 6.23 -13.22 -6.23
C VAL B 209 6.35 -12.28 -5.05
N ALA B 210 7.17 -12.64 -4.06
CA ALA B 210 7.41 -11.76 -2.92
C ALA B 210 8.06 -10.46 -3.36
N LEU B 211 9.00 -10.54 -4.31
CA LEU B 211 9.63 -9.33 -4.83
C LEU B 211 8.60 -8.42 -5.52
N HIS B 212 7.69 -9.01 -6.30
CA HIS B 212 6.64 -8.23 -6.96
C HIS B 212 5.73 -7.57 -5.93
N LEU B 213 5.34 -8.32 -4.90
CA LEU B 213 4.51 -7.73 -3.84
C LEU B 213 5.23 -6.60 -3.12
N ALA B 214 6.54 -6.76 -2.88
CA ALA B 214 7.32 -5.70 -2.24
C ALA B 214 7.39 -4.47 -3.14
N VAL B 215 7.57 -4.66 -4.45
CA VAL B 215 7.59 -3.52 -5.36
C VAL B 215 6.24 -2.81 -5.33
N GLU B 216 5.14 -3.58 -5.33
CA GLU B 216 3.82 -2.99 -5.24
C GLU B 216 3.66 -2.17 -3.96
N SER B 217 4.07 -2.74 -2.83
CA SER B 217 3.94 -2.06 -1.55
C SER B 217 4.79 -0.79 -1.49
N LEU B 218 6.02 -0.85 -2.00
CA LEU B 218 6.89 0.32 -1.98
C LEU B 218 6.34 1.42 -2.90
N ARG B 219 5.83 1.05 -4.08
CA ARG B 219 5.29 2.06 -4.98
C ARG B 219 4.02 2.70 -4.43
N LYS B 220 3.15 1.91 -3.79
CA LYS B 220 1.95 2.49 -3.19
C LYS B 220 2.30 3.49 -2.08
N GLY B 221 3.25 3.12 -1.22
CA GLY B 221 3.72 4.03 -0.19
C GLY B 221 3.43 3.61 1.24
N GLU B 222 3.07 2.36 1.48
CA GLU B 222 2.80 1.90 2.83
C GLU B 222 4.03 1.33 3.53
N SER B 223 5.16 1.22 2.83
CA SER B 223 6.39 0.72 3.41
C SER B 223 7.55 1.63 3.03
N SER B 224 8.61 1.56 3.84
CA SER B 224 9.84 2.30 3.61
C SER B 224 10.92 1.43 2.99
N MET B 225 11.23 0.30 3.62
CA MET B 225 12.18 -0.67 3.11
C MET B 225 11.52 -2.04 3.06
N ALA B 226 12.09 -2.93 2.24
CA ALA B 226 11.57 -4.28 2.13
C ALA B 226 12.71 -5.28 2.23
N VAL B 227 12.51 -6.32 3.03
CA VAL B 227 13.43 -7.44 3.15
C VAL B 227 12.80 -8.60 2.40
N VAL B 228 13.31 -8.91 1.21
CA VAL B 228 12.69 -9.87 0.31
C VAL B 228 13.62 -11.07 0.16
N GLY B 229 13.09 -12.26 0.38
CA GLY B 229 13.95 -13.41 0.21
C GLY B 229 13.24 -14.75 0.30
N GLY B 230 14.04 -15.80 0.42
CA GLY B 230 13.53 -17.16 0.49
C GLY B 230 14.49 -18.05 1.26
N ALA B 231 13.97 -19.22 1.65
CA ALA B 231 14.76 -20.16 2.42
C ALA B 231 14.34 -21.58 2.05
N ALA B 232 15.34 -22.47 1.97
CA ALA B 232 15.07 -23.89 1.70
C ALA B 232 16.19 -24.70 2.34
N VAL B 233 15.91 -25.27 3.51
CA VAL B 233 16.86 -26.13 4.21
C VAL B 233 16.15 -27.44 4.52
N MET B 234 16.68 -28.54 4.00
CA MET B 234 16.07 -29.84 4.21
C MET B 234 16.32 -30.34 5.63
N ALA B 235 15.41 -31.19 6.11
CA ALA B 235 15.60 -31.93 7.35
C ALA B 235 15.32 -33.42 7.22
N THR B 236 14.64 -33.85 6.15
CA THR B 236 14.39 -35.24 5.85
C THR B 236 14.76 -35.52 4.41
N PRO B 237 15.20 -36.74 4.09
CA PRO B 237 15.60 -37.05 2.71
C PRO B 237 14.42 -37.36 1.81
N GLY B 238 13.21 -37.06 2.29
CA GLY B 238 12.00 -37.48 1.59
C GLY B 238 11.93 -37.03 0.15
N VAL B 239 12.30 -35.78 -0.11
CA VAL B 239 12.26 -35.26 -1.48
C VAL B 239 13.07 -36.14 -2.42
N PHE B 240 14.26 -36.54 -1.99
CA PHE B 240 15.09 -37.41 -2.82
C PHE B 240 14.41 -38.76 -3.06
N VAL B 241 13.78 -39.33 -2.04
CA VAL B 241 13.13 -40.62 -2.21
C VAL B 241 11.96 -40.50 -3.15
N ASP B 242 11.09 -39.52 -2.92
CA ASP B 242 9.91 -39.32 -3.76
C ASP B 242 10.28 -39.12 -5.21
N PHE B 243 11.22 -38.21 -5.50
CA PHE B 243 11.62 -38.00 -6.88
C PHE B 243 12.50 -39.12 -7.42
N SER B 244 12.93 -40.05 -6.56
CA SER B 244 13.53 -41.28 -7.08
C SER B 244 12.49 -42.21 -7.66
N ARG B 245 11.23 -42.10 -7.21
CA ARG B 245 10.17 -42.96 -7.74
C ARG B 245 9.72 -42.53 -9.12
N GLN B 246 9.68 -41.23 -9.40
CA GLN B 246 9.25 -40.70 -10.68
C GLN B 246 10.36 -40.68 -11.72
N ARG B 247 11.58 -41.06 -11.33
CA ARG B 247 12.75 -40.98 -12.21
C ARG B 247 12.90 -39.59 -12.81
N ALA B 248 12.79 -38.57 -11.96
CA ALA B 248 12.97 -37.19 -12.37
C ALA B 248 14.34 -36.65 -11.98
N LEU B 249 15.09 -37.35 -11.13
CA LEU B 249 16.39 -36.90 -10.67
C LEU B 249 17.49 -37.33 -11.63
N ALA B 250 18.51 -36.50 -11.75
CA ALA B 250 19.65 -36.81 -12.59
C ALA B 250 20.45 -37.97 -11.97
N ALA B 251 21.02 -38.80 -12.84
CA ALA B 251 21.80 -39.95 -12.37
C ALA B 251 23.03 -39.51 -11.59
N ASP B 252 23.75 -38.50 -12.08
CA ASP B 252 24.95 -38.01 -11.42
C ASP B 252 24.69 -36.81 -10.53
N GLY B 253 23.47 -36.29 -10.49
CA GLY B 253 23.13 -35.18 -9.62
C GLY B 253 23.50 -33.81 -10.13
N ARG B 254 23.85 -33.67 -11.40
CA ARG B 254 24.25 -32.40 -11.98
C ARG B 254 23.14 -31.87 -12.88
N SER B 255 22.82 -30.58 -12.72
CA SER B 255 21.82 -29.92 -13.55
C SER B 255 22.49 -29.44 -14.84
N LYS B 256 22.11 -30.05 -15.95
CA LYS B 256 22.70 -29.75 -17.26
C LYS B 256 21.76 -28.82 -18.02
N ALA B 257 21.91 -27.52 -17.77
CA ALA B 257 21.04 -26.52 -18.38
C ALA B 257 21.40 -26.34 -19.85
N PHE B 258 20.39 -26.49 -20.72
CA PHE B 258 20.52 -26.27 -22.16
C PHE B 258 21.61 -27.12 -22.79
N GLY B 259 21.81 -28.34 -22.31
CA GLY B 259 22.81 -29.23 -22.87
C GLY B 259 22.19 -30.49 -23.42
N ALA B 260 22.85 -31.04 -24.45
CA ALA B 260 22.40 -32.29 -25.05
C ALA B 260 22.74 -33.48 -24.16
N GLY B 261 21.78 -33.92 -23.35
CA GLY B 261 22.02 -34.98 -22.39
C GLY B 261 21.36 -34.76 -21.05
N ALA B 262 20.65 -33.65 -20.87
CA ALA B 262 19.98 -33.38 -19.61
C ALA B 262 18.95 -34.47 -19.33
N ASP B 263 19.06 -35.09 -18.15
CA ASP B 263 18.16 -36.20 -17.80
C ASP B 263 17.65 -36.08 -16.38
N GLY B 264 17.39 -34.82 -15.97
CA GLY B 264 16.71 -34.56 -14.67
C GLY B 264 17.22 -33.39 -13.86
N PHE B 265 16.69 -33.18 -12.64
CA PHE B 265 17.07 -32.08 -11.71
C PHE B 265 18.11 -32.51 -10.69
N GLY B 266 18.59 -31.60 -9.84
CA GLY B 266 19.54 -31.89 -8.73
C GLY B 266 19.33 -30.80 -7.72
N PHE B 267 19.01 -31.05 -6.47
CA PHE B 267 18.54 -30.11 -5.46
C PHE B 267 19.70 -29.60 -4.61
N SER B 268 19.43 -28.53 -3.87
CA SER B 268 20.41 -27.92 -2.98
C SER B 268 19.65 -27.16 -1.89
N GLU B 269 20.40 -26.68 -0.90
CA GLU B 269 19.87 -25.91 0.21
C GLU B 269 20.43 -24.50 0.19
N GLY B 270 19.64 -23.54 0.64
CA GLY B 270 20.09 -22.17 0.67
C GLY B 270 19.09 -21.16 1.21
N VAL B 271 19.61 -20.07 1.78
CA VAL B 271 18.80 -18.97 2.28
C VAL B 271 19.33 -17.70 1.64
N THR B 272 18.44 -16.88 1.10
CA THR B 272 18.89 -15.68 0.40
C THR B 272 17.94 -14.52 0.69
N LEU B 273 18.51 -13.35 0.96
CA LEU B 273 17.74 -12.16 1.26
C LEU B 273 18.36 -10.95 0.56
N VAL B 274 17.49 -9.99 0.20
CA VAL B 274 17.90 -8.72 -0.39
C VAL B 274 17.09 -7.61 0.26
N LEU B 275 17.62 -6.39 0.16
CA LEU B 275 17.01 -5.21 0.73
C LEU B 275 16.63 -4.25 -0.40
N LEU B 276 15.37 -3.81 -0.41
CA LEU B 276 14.83 -2.94 -1.45
C LEU B 276 14.35 -1.64 -0.85
N GLU B 277 14.58 -0.55 -1.58
CA GLU B 277 14.11 0.77 -1.18
C GLU B 277 13.87 1.61 -2.43
N ARG B 278 13.01 2.61 -2.31
CA ARG B 278 12.79 3.54 -3.41
C ARG B 278 14.07 4.30 -3.72
N LEU B 279 14.32 4.51 -5.01
CA LEU B 279 15.56 5.15 -5.44
C LEU B 279 15.66 6.59 -4.94
N SER B 280 14.57 7.34 -4.98
CA SER B 280 14.59 8.72 -4.51
C SER B 280 14.95 8.80 -3.03
N GLU B 281 14.34 7.93 -2.21
CA GLU B 281 14.70 7.88 -0.80
C GLU B 281 16.07 7.24 -0.58
N ALA B 282 16.49 6.36 -1.49
CA ALA B 282 17.81 5.74 -1.37
C ALA B 282 18.93 6.75 -1.58
N ARG B 283 18.77 7.70 -2.51
CA ARG B 283 19.82 8.70 -2.72
C ARG B 283 19.53 10.01 -2.02
N ARG B 284 18.35 10.15 -1.40
CA ARG B 284 18.13 11.28 -0.49
C ARG B 284 18.84 11.04 0.83
N ASN B 285 18.78 9.81 1.35
CA ASN B 285 19.44 9.47 2.60
C ASN B 285 20.93 9.21 2.42
N GLY B 286 21.39 8.99 1.19
CA GLY B 286 22.80 8.72 0.94
C GLY B 286 23.21 7.28 1.02
N HIS B 287 22.32 6.33 0.73
CA HIS B 287 22.65 4.92 0.80
C HIS B 287 23.40 4.49 -0.45
N GLU B 288 23.73 3.20 -0.50
CA GLU B 288 24.45 2.61 -1.62
C GLU B 288 23.48 1.88 -2.54
N VAL B 289 23.61 2.12 -3.85
CA VAL B 289 22.73 1.54 -4.84
C VAL B 289 23.53 0.56 -5.70
N LEU B 290 23.05 -0.67 -5.79
CA LEU B 290 23.69 -1.70 -6.59
C LEU B 290 23.04 -1.89 -7.95
N ALA B 291 21.71 -1.97 -7.98
CA ALA B 291 20.96 -2.10 -9.23
C ALA B 291 19.56 -1.56 -8.97
N VAL B 292 18.77 -1.47 -10.04
CA VAL B 292 17.39 -0.99 -9.94
C VAL B 292 16.46 -1.96 -10.65
N VAL B 293 15.46 -2.43 -9.92
CA VAL B 293 14.36 -3.20 -10.50
C VAL B 293 13.42 -2.23 -11.20
N ARG B 294 13.15 -2.49 -12.48
CA ARG B 294 12.35 -1.58 -13.31
C ARG B 294 10.90 -2.04 -13.41
N GLY B 295 10.67 -3.29 -13.79
CA GLY B 295 9.31 -3.79 -13.91
C GLY B 295 9.27 -5.29 -13.64
N SER B 296 8.05 -5.79 -13.46
CA SER B 296 7.83 -7.20 -13.17
C SER B 296 6.48 -7.61 -13.71
N ALA B 297 6.32 -8.92 -13.93
CA ALA B 297 5.08 -9.46 -14.48
C ALA B 297 4.84 -10.86 -13.92
N LEU B 298 3.57 -11.15 -13.66
CA LEU B 298 3.11 -12.43 -13.13
C LEU B 298 1.96 -12.95 -13.97
N ASN B 299 1.88 -14.27 -14.11
CA ASN B 299 0.72 -14.88 -14.74
C ASN B 299 0.65 -16.35 -14.33
N GLN B 300 -0.24 -17.11 -14.99
CA GLN B 300 -0.46 -18.51 -14.70
C GLN B 300 -0.31 -19.31 -16.00
N ASP B 301 0.17 -20.54 -15.86
CA ASP B 301 0.25 -21.43 -17.03
C ASP B 301 -1.12 -21.73 -17.61
N GLY B 302 -2.15 -21.82 -16.77
CA GLY B 302 -3.50 -22.03 -17.23
C GLY B 302 -3.83 -23.46 -17.58
N ALA B 303 -4.72 -23.65 -18.54
CA ALA B 303 -5.17 -24.97 -18.95
C ALA B 303 -4.15 -25.53 -19.95
N SER B 304 -3.41 -26.56 -19.51
CA SER B 304 -2.38 -27.17 -20.32
C SER B 304 -2.61 -28.68 -20.38
N ASN B 305 -1.63 -29.42 -20.90
CA ASN B 305 -1.72 -30.86 -21.02
C ASN B 305 -1.22 -31.57 -19.75
N GLY B 306 -1.27 -30.86 -18.62
CA GLY B 306 -0.85 -31.43 -17.36
C GLY B 306 -0.80 -30.39 -16.27
N LEU B 307 -0.97 -30.84 -15.03
CA LEU B 307 -0.93 -29.93 -13.89
C LEU B 307 0.48 -29.38 -13.67
N SER B 308 1.50 -30.19 -13.93
CA SER B 308 2.89 -29.80 -13.74
C SER B 308 3.65 -29.82 -15.07
N ALA B 309 3.03 -29.28 -16.12
CA ALA B 309 3.64 -29.23 -17.44
C ALA B 309 3.75 -27.78 -17.91
N PRO B 310 4.85 -27.43 -18.56
CA PRO B 310 5.04 -26.03 -18.99
C PRO B 310 4.27 -25.71 -20.27
N SER B 311 4.14 -24.41 -20.55
CA SER B 311 3.48 -23.93 -21.75
C SER B 311 4.28 -22.77 -22.32
N GLY B 312 4.15 -22.58 -23.63
CA GLY B 312 4.90 -21.55 -24.33
C GLY B 312 4.23 -20.19 -24.40
N PRO B 313 2.98 -20.13 -24.87
CA PRO B 313 2.30 -18.84 -24.95
C PRO B 313 2.20 -18.11 -23.63
N ALA B 314 2.07 -18.82 -22.52
CA ALA B 314 2.07 -18.16 -21.21
C ALA B 314 3.40 -17.46 -20.95
N GLN B 315 4.52 -18.14 -21.27
CA GLN B 315 5.83 -17.52 -21.10
C GLN B 315 6.01 -16.30 -22.00
N ARG B 316 5.57 -16.41 -23.26
CA ARG B 316 5.67 -15.26 -24.14
C ARG B 316 4.82 -14.09 -23.64
N ARG B 317 3.61 -14.37 -23.17
CA ARG B 317 2.74 -13.31 -22.67
C ARG B 317 3.30 -12.65 -21.42
N VAL B 318 3.86 -13.44 -20.49
CA VAL B 318 4.45 -12.83 -19.29
C VAL B 318 5.70 -12.03 -19.66
N ILE B 319 6.49 -12.49 -20.63
CA ILE B 319 7.64 -11.71 -21.09
C ILE B 319 7.17 -10.37 -21.65
N ARG B 320 6.13 -10.39 -22.48
CA ARG B 320 5.63 -9.15 -23.07
C ARG B 320 5.03 -8.22 -22.01
N GLN B 321 4.33 -8.77 -21.02
CA GLN B 321 3.83 -7.94 -19.92
C GLN B 321 4.97 -7.31 -19.12
N ALA B 322 6.04 -8.06 -18.87
CA ALA B 322 7.20 -7.50 -18.19
C ALA B 322 7.86 -6.41 -19.03
N LEU B 323 7.86 -6.56 -20.35
CA LEU B 323 8.45 -5.54 -21.20
C LEU B 323 7.61 -4.28 -21.24
N GLU B 324 6.29 -4.41 -21.36
CA GLU B 324 5.40 -3.27 -21.54
C GLU B 324 5.17 -2.46 -20.27
N SER B 325 5.20 -3.10 -19.10
CA SER B 325 4.84 -2.45 -17.85
C SER B 325 5.81 -1.34 -17.44
N CYS B 326 6.99 -1.28 -18.05
CA CYS B 326 7.98 -0.25 -17.73
C CYS B 326 8.26 0.72 -18.86
N GLY B 327 7.80 0.45 -20.07
CA GLY B 327 8.02 1.34 -21.20
C GLY B 327 9.21 1.00 -22.08
N LEU B 328 9.63 -0.26 -22.10
CA LEU B 328 10.78 -0.69 -22.88
C LEU B 328 10.32 -1.57 -24.05
N GLU B 329 11.29 -1.95 -24.90
CA GLU B 329 11.04 -2.83 -26.07
C GLU B 329 12.12 -3.90 -26.02
N PRO B 330 11.96 -5.12 -26.61
CA PRO B 330 12.94 -6.19 -26.42
C PRO B 330 14.33 -6.06 -26.99
N GLY B 331 14.66 -4.91 -27.55
CA GLY B 331 15.98 -4.62 -28.12
C GLY B 331 16.78 -3.84 -27.12
N ASP B 332 16.47 -4.03 -25.85
CA ASP B 332 17.24 -3.39 -24.78
C ASP B 332 17.89 -4.45 -23.90
N VAL B 333 17.16 -5.37 -23.28
CA VAL B 333 17.74 -6.51 -22.49
C VAL B 333 18.93 -7.15 -23.23
N ASP B 334 20.12 -7.22 -22.62
CA ASP B 334 21.37 -7.78 -23.20
C ASP B 334 21.74 -9.14 -22.65
N ALA B 335 21.12 -9.67 -21.61
CA ALA B 335 21.36 -11.06 -21.17
C ALA B 335 20.30 -11.52 -20.21
N VAL B 336 19.48 -12.52 -20.56
CA VAL B 336 18.41 -13.08 -19.69
C VAL B 336 18.97 -14.24 -18.89
N GLU B 337 18.64 -14.38 -17.60
CA GLU B 337 19.11 -15.46 -16.71
C GLU B 337 17.94 -16.42 -16.52
N ALA B 338 17.82 -17.38 -17.41
CA ALA B 338 16.70 -18.33 -17.49
C ALA B 338 16.58 -19.23 -16.28
N HIS B 339 15.52 -20.03 -16.22
CA HIS B 339 15.33 -21.03 -15.16
C HIS B 339 15.70 -22.33 -15.82
N GLY B 340 16.96 -22.69 -15.93
CA GLY B 340 17.23 -23.93 -16.68
C GLY B 340 17.30 -25.10 -15.75
N THR B 341 16.16 -25.61 -15.25
CA THR B 341 16.17 -26.64 -14.17
C THR B 341 17.08 -27.79 -14.55
N GLY B 342 16.90 -28.30 -15.74
CA GLY B 342 17.74 -29.39 -16.23
C GLY B 342 16.88 -30.47 -16.81
N THR B 343 15.59 -30.21 -16.98
CA THR B 343 14.65 -31.26 -17.43
C THR B 343 14.85 -31.44 -18.92
N ALA B 344 14.36 -32.52 -19.50
CA ALA B 344 14.65 -32.78 -20.92
C ALA B 344 13.50 -32.23 -21.77
N LEU B 345 12.50 -31.66 -21.12
CA LEU B 345 11.30 -31.14 -21.78
C LEU B 345 11.11 -29.64 -21.64
N GLY B 346 11.45 -29.05 -20.51
CA GLY B 346 11.23 -27.63 -20.31
C GLY B 346 12.27 -26.74 -20.97
N ASP B 347 13.51 -27.22 -21.13
CA ASP B 347 14.55 -26.40 -21.74
C ASP B 347 14.23 -26.01 -23.17
N PRO B 348 13.86 -26.93 -24.07
CA PRO B 348 13.48 -26.49 -25.43
C PRO B 348 12.30 -25.53 -25.45
N ILE B 349 11.31 -25.75 -24.57
CA ILE B 349 10.14 -24.87 -24.56
C ILE B 349 10.54 -23.46 -24.14
N GLU B 350 11.32 -23.36 -23.07
CA GLU B 350 11.74 -22.04 -22.54
C GLU B 350 12.65 -21.34 -23.54
N ALA B 351 13.67 -22.04 -24.05
CA ALA B 351 14.65 -21.42 -24.98
C ALA B 351 13.92 -20.88 -26.22
N ASN B 352 12.99 -21.65 -26.77
CA ASN B 352 12.31 -21.24 -28.04
C ASN B 352 11.30 -20.11 -27.75
N ALA B 353 10.74 -20.05 -26.53
CA ALA B 353 9.84 -18.94 -26.18
C ALA B 353 10.67 -17.65 -26.02
N LEU B 354 11.90 -17.77 -25.51
CA LEU B 354 12.81 -16.60 -25.39
C LEU B 354 13.27 -16.23 -26.80
N LEU B 355 13.39 -17.21 -27.69
CA LEU B 355 13.81 -16.96 -29.10
C LEU B 355 12.66 -16.34 -29.88
N ASP B 356 11.44 -16.37 -29.31
CA ASP B 356 10.25 -15.82 -30.00
C ASP B 356 9.88 -14.46 -29.40
N THR B 357 10.73 -13.92 -28.51
CA THR B 357 10.47 -12.59 -27.92
C THR B 357 11.77 -11.77 -27.93
N TYR B 358 12.75 -12.19 -27.12
CA TYR B 358 14.04 -11.46 -27.04
C TYR B 358 14.90 -11.82 -28.26
N GLY B 359 14.95 -13.10 -28.61
CA GLY B 359 15.71 -13.54 -29.79
C GLY B 359 15.05 -13.06 -31.07
N ARG B 360 13.73 -12.81 -31.03
CA ARG B 360 13.02 -12.27 -32.22
C ARG B 360 13.35 -10.78 -32.36
N ASP B 361 13.48 -10.30 -33.61
CA ASP B 361 13.79 -8.88 -33.88
C ASP B 361 15.03 -8.45 -33.09
N ARG B 362 16.16 -9.15 -33.30
CA ARG B 362 17.41 -8.84 -32.57
C ARG B 362 18.42 -8.22 -33.54
N ASP B 363 19.44 -7.52 -33.04
CA ASP B 363 20.50 -6.94 -33.90
C ASP B 363 21.43 -8.06 -34.36
N ALA B 364 22.15 -7.90 -35.48
CA ALA B 364 22.97 -9.00 -35.95
C ALA B 364 24.41 -8.98 -35.42
N ASP B 365 24.89 -7.83 -34.94
CA ASP B 365 26.31 -7.73 -34.57
C ASP B 365 26.57 -8.23 -33.16
N ARG B 366 25.56 -8.68 -32.44
CA ARG B 366 25.74 -9.71 -31.40
C ARG B 366 24.48 -10.56 -31.34
N PRO B 367 24.58 -11.78 -30.84
CA PRO B 367 23.41 -12.49 -30.33
C PRO B 367 23.10 -12.03 -28.91
N LEU B 368 22.01 -12.57 -28.36
CA LEU B 368 21.65 -12.32 -26.97
C LEU B 368 22.18 -13.45 -26.10
N TRP B 369 22.87 -13.08 -25.03
CA TRP B 369 23.56 -14.04 -24.18
C TRP B 369 22.54 -14.77 -23.30
N LEU B 370 22.61 -16.10 -23.33
CA LEU B 370 21.72 -16.96 -22.54
C LEU B 370 22.56 -17.74 -21.55
N GLY B 371 22.20 -17.65 -20.26
CA GLY B 371 22.91 -18.34 -19.21
C GLY B 371 21.96 -18.83 -18.13
N SER B 372 22.51 -19.65 -17.24
CA SER B 372 21.75 -20.20 -16.12
C SER B 372 22.69 -20.46 -14.96
N VAL B 373 22.23 -20.14 -13.75
CA VAL B 373 23.03 -20.33 -12.55
C VAL B 373 22.89 -21.74 -11.98
N LYS B 374 21.81 -22.45 -12.33
CA LYS B 374 21.56 -23.78 -11.76
C LYS B 374 22.63 -24.79 -12.13
N SER B 375 23.45 -24.51 -13.15
CA SER B 375 24.54 -25.39 -13.51
C SER B 375 25.75 -25.27 -12.58
N ASN B 376 25.76 -24.29 -11.69
CA ASN B 376 26.87 -24.09 -10.76
C ASN B 376 26.56 -24.61 -9.36
N ILE B 377 25.43 -24.21 -8.79
CA ILE B 377 25.08 -24.59 -7.44
C ILE B 377 23.93 -25.59 -7.36
N GLY B 378 23.09 -25.67 -8.38
CA GLY B 378 21.97 -26.60 -8.37
C GLY B 378 20.65 -25.90 -8.09
N HIS B 379 19.61 -26.72 -7.97
CA HIS B 379 18.25 -26.21 -7.76
C HIS B 379 18.08 -25.84 -6.29
N THR B 380 17.57 -24.64 -6.04
CA THR B 380 17.32 -24.17 -4.68
C THR B 380 15.87 -24.33 -4.25
N GLN B 381 14.94 -24.39 -5.21
CA GLN B 381 13.54 -24.78 -5.09
C GLN B 381 12.73 -23.85 -4.20
N ALA B 382 13.37 -22.89 -3.56
CA ALA B 382 12.66 -21.82 -2.87
C ALA B 382 13.27 -20.44 -3.08
N ALA B 383 14.54 -20.34 -3.42
CA ALA B 383 15.24 -19.07 -3.57
C ALA B 383 16.00 -19.00 -4.88
N ALA B 384 15.45 -19.60 -5.94
CA ALA B 384 16.11 -19.61 -7.24
C ALA B 384 16.06 -18.25 -7.92
N GLY B 385 14.90 -17.58 -7.89
CA GLY B 385 14.80 -16.27 -8.51
C GLY B 385 15.68 -15.23 -7.85
N VAL B 386 15.70 -15.21 -6.52
CA VAL B 386 16.59 -14.28 -5.83
C VAL B 386 18.05 -14.67 -6.01
N THR B 387 18.36 -15.95 -6.17
CA THR B 387 19.73 -16.33 -6.53
C THR B 387 20.12 -15.78 -7.90
N GLY B 388 19.21 -15.86 -8.87
CA GLY B 388 19.46 -15.21 -10.14
C GLY B 388 19.62 -13.70 -10.01
N LEU B 389 18.85 -13.09 -9.11
CA LEU B 389 19.00 -11.67 -8.84
C LEU B 389 20.40 -11.34 -8.31
N LEU B 390 20.89 -12.15 -7.36
CA LEU B 390 22.25 -11.96 -6.86
C LEU B 390 23.29 -12.16 -7.96
N LYS B 391 23.11 -13.16 -8.82
CA LYS B 391 24.05 -13.36 -9.92
C LYS B 391 24.07 -12.14 -10.85
N VAL B 392 22.89 -11.60 -11.16
CA VAL B 392 22.81 -10.42 -12.01
C VAL B 392 23.48 -9.23 -11.35
N VAL B 393 23.22 -9.03 -10.05
CA VAL B 393 23.83 -7.90 -9.34
C VAL B 393 25.34 -8.02 -9.31
N LEU B 394 25.85 -9.22 -9.04
CA LEU B 394 27.29 -9.43 -9.05
C LEU B 394 27.90 -9.19 -10.43
N ALA B 395 27.24 -9.66 -11.49
CA ALA B 395 27.73 -9.41 -12.84
C ALA B 395 27.74 -7.94 -13.18
N LEU B 396 26.69 -7.21 -12.79
CA LEU B 396 26.65 -5.77 -13.06
C LEU B 396 27.73 -5.02 -12.28
N ARG B 397 27.90 -5.36 -11.00
CA ARG B 397 28.87 -4.64 -10.17
C ARG B 397 30.30 -4.92 -10.62
N ASN B 398 30.62 -6.18 -10.90
CA ASN B 398 31.99 -6.56 -11.25
C ASN B 398 32.26 -6.51 -12.76
N GLY B 399 31.25 -6.19 -13.57
CA GLY B 399 31.47 -5.95 -14.98
C GLY B 399 31.92 -7.13 -15.80
N GLU B 400 31.31 -8.30 -15.61
CA GLU B 400 31.63 -9.47 -16.41
C GLU B 400 30.47 -10.44 -16.36
N LEU B 401 30.29 -11.18 -17.45
CA LEU B 401 29.24 -12.20 -17.53
C LEU B 401 29.87 -13.57 -17.33
N PRO B 402 29.56 -14.28 -16.26
CA PRO B 402 30.13 -15.61 -16.05
C PRO B 402 29.57 -16.62 -17.04
N ALA B 403 30.37 -17.66 -17.29
CA ALA B 403 30.02 -18.67 -18.28
C ALA B 403 29.00 -19.65 -17.71
N THR B 404 28.57 -20.56 -18.56
CA THR B 404 27.63 -21.62 -18.20
C THR B 404 28.30 -22.96 -18.40
N LEU B 405 28.10 -23.87 -17.45
CA LEU B 405 28.73 -25.19 -17.50
C LEU B 405 27.86 -26.18 -18.26
N HIS B 406 28.50 -27.24 -18.75
CA HIS B 406 27.85 -28.35 -19.43
C HIS B 406 27.10 -27.91 -20.68
N VAL B 407 27.71 -27.04 -21.49
CA VAL B 407 27.12 -26.58 -22.73
C VAL B 407 28.12 -26.79 -23.87
N GLU B 408 28.95 -27.82 -23.76
CA GLU B 408 30.04 -28.04 -24.71
C GLU B 408 29.54 -28.04 -26.15
N GLU B 409 28.39 -28.66 -26.41
CA GLU B 409 27.56 -28.31 -27.55
C GLU B 409 26.10 -28.26 -27.11
N PRO B 410 25.24 -27.52 -27.79
CA PRO B 410 23.87 -27.34 -27.32
C PRO B 410 22.98 -28.52 -27.68
N THR B 411 21.82 -28.57 -27.05
CA THR B 411 20.85 -29.60 -27.38
C THR B 411 20.32 -29.38 -28.80
N PRO B 412 20.05 -30.45 -29.56
CA PRO B 412 19.62 -30.30 -30.94
C PRO B 412 18.13 -30.01 -31.10
N HIS B 413 17.44 -29.77 -29.98
CA HIS B 413 16.01 -29.47 -30.01
C HIS B 413 15.71 -27.97 -29.99
N VAL B 414 16.74 -27.13 -29.94
CA VAL B 414 16.56 -25.68 -30.03
C VAL B 414 17.14 -25.21 -31.35
N ASP B 415 16.37 -24.38 -32.05
CA ASP B 415 16.76 -23.90 -33.37
C ASP B 415 17.79 -22.79 -33.16
N TRP B 416 19.06 -23.15 -33.17
CA TRP B 416 20.13 -22.22 -32.81
C TRP B 416 20.67 -21.42 -33.99
N SER B 417 20.25 -21.70 -35.21
CA SER B 417 20.82 -21.08 -36.39
C SER B 417 20.30 -19.67 -36.65
N SER B 418 19.32 -19.21 -35.87
CA SER B 418 18.78 -17.87 -36.07
C SER B 418 19.79 -16.78 -35.74
N GLY B 419 20.64 -17.02 -34.73
CA GLY B 419 21.62 -16.05 -34.31
C GLY B 419 21.11 -14.98 -33.37
N GLY B 420 19.87 -15.08 -32.90
CA GLY B 420 19.34 -14.11 -31.97
C GLY B 420 19.64 -14.44 -30.52
N VAL B 421 19.88 -15.71 -30.24
CA VAL B 421 20.22 -16.16 -28.88
C VAL B 421 21.40 -17.11 -28.97
N ALA B 422 22.45 -16.82 -28.21
CA ALA B 422 23.63 -17.68 -28.13
C ALA B 422 23.94 -17.98 -26.67
N LEU B 423 24.38 -19.20 -26.41
CA LEU B 423 24.70 -19.64 -25.06
C LEU B 423 26.03 -19.05 -24.60
N LEU B 424 26.15 -18.87 -23.28
CA LEU B 424 27.39 -18.39 -22.69
C LEU B 424 28.35 -19.56 -22.51
N ALA B 425 29.38 -19.61 -23.36
CA ALA B 425 30.39 -20.65 -23.30
C ALA B 425 31.73 -20.11 -22.80
N GLY B 426 31.73 -18.90 -22.26
CA GLY B 426 32.94 -18.29 -21.76
C GLY B 426 32.66 -16.95 -21.11
N ASN B 427 33.68 -16.42 -20.42
CA ASN B 427 33.55 -15.14 -19.77
C ASN B 427 33.59 -14.02 -20.81
N GLN B 428 32.55 -13.18 -20.82
CA GLN B 428 32.45 -12.10 -21.78
C GLN B 428 32.52 -10.76 -21.07
N PRO B 429 33.34 -9.82 -21.54
CA PRO B 429 33.41 -8.50 -20.89
C PRO B 429 32.07 -7.78 -20.95
N TRP B 430 31.75 -7.07 -19.87
CA TRP B 430 30.48 -6.38 -19.74
C TRP B 430 30.72 -4.99 -19.15
N ARG B 431 31.75 -4.32 -19.67
CA ARG B 431 32.10 -2.98 -19.23
C ARG B 431 31.06 -1.97 -19.70
N ARG B 432 31.00 -0.86 -18.99
CA ARG B 432 30.01 0.18 -19.27
C ARG B 432 30.46 1.10 -20.41
N GLY B 433 29.49 1.53 -21.22
CA GLY B 433 29.77 2.31 -22.40
C GLY B 433 28.65 3.26 -22.76
N GLU B 434 28.36 3.36 -24.06
CA GLU B 434 27.35 4.30 -24.53
C GLU B 434 25.95 3.85 -24.18
N ARG B 435 25.73 2.54 -24.00
CA ARG B 435 24.39 1.99 -23.83
C ARG B 435 24.22 1.49 -22.41
N THR B 436 23.02 1.69 -21.86
CA THR B 436 22.69 1.18 -20.55
C THR B 436 22.64 -0.34 -20.57
N ARG B 437 22.99 -0.98 -19.47
CA ARG B 437 23.07 -2.44 -19.43
C ARG B 437 21.87 -2.91 -18.66
N ARG B 438 21.03 -3.75 -19.25
CA ARG B 438 19.89 -4.31 -18.53
C ARG B 438 19.96 -5.81 -18.66
N ALA B 439 19.24 -6.53 -17.84
CA ALA B 439 19.26 -7.98 -17.85
C ALA B 439 18.00 -8.41 -17.18
N ARG B 440 17.53 -9.64 -17.31
CA ARG B 440 16.23 -10.01 -16.74
C ARG B 440 16.18 -11.39 -16.19
N VAL B 441 15.47 -11.63 -15.09
CA VAL B 441 15.47 -12.93 -14.37
C VAL B 441 14.10 -13.59 -14.49
N SER B 442 14.01 -14.84 -14.91
CA SER B 442 12.74 -15.53 -15.18
C SER B 442 12.53 -16.67 -14.22
N ALA B 443 11.40 -16.75 -13.56
CA ALA B 443 11.15 -17.90 -12.69
C ALA B 443 9.81 -18.52 -13.06
N PHE B 444 9.83 -19.78 -13.46
CA PHE B 444 8.64 -20.49 -13.94
C PHE B 444 8.33 -21.60 -12.94
N GLY B 445 7.33 -21.35 -12.09
CA GLY B 445 7.00 -22.30 -11.04
C GLY B 445 6.36 -23.57 -11.57
N ILE B 446 6.30 -24.57 -10.69
CA ILE B 446 5.72 -25.86 -11.04
C ILE B 446 4.21 -25.88 -10.84
N SER B 447 3.67 -25.00 -10.00
CA SER B 447 2.22 -24.95 -9.82
C SER B 447 1.53 -24.14 -10.90
N GLY B 448 2.27 -23.38 -11.70
CA GLY B 448 1.68 -22.67 -12.82
C GLY B 448 2.07 -21.20 -12.92
N THR B 449 2.31 -20.56 -11.78
CA THR B 449 2.61 -19.13 -11.78
C THR B 449 3.98 -18.87 -12.37
N ASN B 450 4.07 -17.88 -13.25
CA ASN B 450 5.31 -17.48 -13.90
C ASN B 450 5.60 -16.02 -13.60
N ALA B 451 6.87 -15.71 -13.41
CA ALA B 451 7.31 -14.37 -13.03
C ALA B 451 8.49 -13.94 -13.88
N HIS B 452 8.60 -12.69 -14.34
CA HIS B 452 9.77 -12.17 -15.12
C HIS B 452 10.11 -10.75 -14.70
N VAL B 453 11.24 -10.47 -14.05
CA VAL B 453 11.65 -9.15 -13.51
C VAL B 453 12.71 -8.58 -14.42
N ILE B 454 12.80 -7.26 -14.59
CA ILE B 454 13.79 -6.57 -15.49
C ILE B 454 14.68 -5.66 -14.66
N VAL B 455 15.96 -5.99 -14.45
CA VAL B 455 16.90 -5.26 -13.56
C VAL B 455 17.74 -4.36 -14.45
N GLU B 456 18.26 -3.21 -14.02
CA GLU B 456 19.00 -2.27 -14.89
C GLU B 456 20.15 -1.74 -14.07
N GLU B 457 21.22 -1.20 -14.62
CA GLU B 457 22.38 -0.79 -13.80
C GLU B 457 22.10 0.42 -12.98
N ALA B 458 22.94 0.71 -11.99
CA ALA B 458 22.82 1.90 -11.16
C ALA B 458 23.25 3.16 -11.92
N PRO B 459 22.70 4.31 -11.57
CA PRO B 459 23.08 5.56 -12.26
C PRO B 459 24.51 5.96 -11.96
N GLU B 460 25.01 6.89 -12.78
CA GLU B 460 26.37 7.41 -12.63
C GLU B 460 26.53 8.05 -11.27
N ARG B 461 27.58 7.64 -10.54
CA ARG B 461 27.82 8.15 -9.16
C ARG B 461 29.30 8.03 -8.82
N GLU B 462 29.73 8.68 -7.73
CA GLU B 462 31.14 8.57 -7.28
C GLU B 462 31.18 8.06 -5.84
N HIS B 463 31.92 6.97 -5.59
CA HIS B 463 32.06 6.42 -4.21
C HIS B 463 33.54 6.34 -3.86
N ARG B 464 34.39 7.14 -4.53
CA ARG B 464 35.85 7.09 -4.29
C ARG B 464 36.28 8.30 -3.47
N GLU B 465 35.63 8.52 -2.32
CA GLU B 465 36.02 9.63 -1.42
C GLU B 465 36.36 9.05 -0.05
N THR B 466 36.40 7.71 0.06
CA THR B 466 36.70 7.04 1.34
C THR B 466 38.13 7.41 1.79
N THR B 467 39.09 7.43 0.87
CA THR B 467 40.50 7.70 1.22
C THR B 467 40.66 9.17 1.64
N ALA B 468 40.67 9.44 2.95
CA ALA B 468 40.84 10.81 3.48
C ALA B 468 41.26 10.70 4.95
N HIS B 469 42.56 10.92 5.25
CA HIS B 469 43.04 10.72 6.64
C HIS B 469 43.82 11.93 7.15
N ASP B 470 43.77 12.17 8.47
CA ASP B 470 44.51 13.25 9.10
C ASP B 470 45.45 12.69 10.17
N GLY B 471 46.38 13.53 10.61
CA GLY B 471 47.30 13.14 11.66
C GLY B 471 46.72 13.23 13.06
N ARG B 472 45.47 13.64 13.19
CA ARG B 472 44.85 13.80 14.50
C ARG B 472 44.40 12.46 15.04
N PRO B 473 44.30 12.32 16.37
CA PRO B 473 43.94 11.02 16.96
C PRO B 473 42.55 10.55 16.54
N VAL B 474 42.42 9.23 16.42
CA VAL B 474 41.18 8.59 16.01
C VAL B 474 40.77 7.61 17.11
N PRO B 475 39.54 7.67 17.60
CA PRO B 475 39.06 6.63 18.52
C PRO B 475 38.38 5.48 17.79
N LEU B 476 38.75 4.25 18.12
CA LEU B 476 38.11 3.05 17.59
C LEU B 476 37.41 2.35 18.73
N VAL B 477 36.10 2.16 18.61
CA VAL B 477 35.27 1.58 19.67
C VAL B 477 34.63 0.31 19.12
N VAL B 478 34.80 -0.79 19.85
CA VAL B 478 34.18 -2.06 19.50
C VAL B 478 33.24 -2.46 20.63
N SER B 479 32.20 -3.22 20.26
CA SER B 479 31.20 -3.64 21.24
C SER B 479 30.61 -4.97 20.81
N ALA B 480 30.30 -5.80 21.79
CA ALA B 480 29.74 -7.12 21.55
C ALA B 480 28.94 -7.56 22.76
N ARG B 481 28.11 -8.58 22.56
CA ARG B 481 27.26 -9.09 23.64
C ARG B 481 28.01 -9.98 24.61
N THR B 482 29.15 -10.55 24.21
CA THR B 482 29.93 -11.43 25.05
C THR B 482 31.42 -11.08 24.88
N THR B 483 32.21 -11.44 25.90
CA THR B 483 33.65 -11.20 25.87
C THR B 483 34.34 -11.97 24.76
N ALA B 484 33.94 -13.23 24.54
CA ALA B 484 34.53 -14.00 23.45
C ALA B 484 34.24 -13.35 22.11
N ALA B 485 33.00 -12.88 21.91
CA ALA B 485 32.69 -12.09 20.73
C ALA B 485 33.47 -10.78 20.72
N LEU B 486 33.78 -10.21 21.88
CA LEU B 486 34.55 -8.97 21.92
C LEU B 486 35.96 -9.17 21.36
N ARG B 487 36.68 -10.19 21.85
CA ARG B 487 37.95 -10.53 21.24
C ARG B 487 37.83 -11.01 19.79
N ALA B 488 36.75 -11.69 19.43
CA ALA B 488 36.59 -12.07 18.03
C ALA B 488 36.52 -10.85 17.12
N GLN B 489 35.70 -9.86 17.48
CA GLN B 489 35.60 -8.64 16.69
C GLN B 489 36.90 -7.84 16.74
N ALA B 490 37.57 -7.83 17.89
CA ALA B 490 38.85 -7.14 17.98
C ALA B 490 39.89 -7.76 17.06
N ALA B 491 39.97 -9.09 17.01
CA ALA B 491 40.88 -9.75 16.08
C ALA B 491 40.49 -9.47 14.64
N GLN B 492 39.18 -9.46 14.34
CA GLN B 492 38.75 -9.14 12.99
C GLN B 492 39.21 -7.74 12.58
N ILE B 493 39.00 -6.74 13.43
CA ILE B 493 39.41 -5.38 13.10
C ILE B 493 40.93 -5.26 13.04
N ALA B 494 41.65 -5.94 13.93
CA ALA B 494 43.10 -5.91 13.90
C ALA B 494 43.66 -6.49 12.60
N GLU B 495 43.10 -7.61 12.14
CA GLU B 495 43.54 -8.16 10.86
C GLU B 495 43.01 -7.34 9.68
N LEU B 496 41.97 -6.54 9.90
CA LEU B 496 41.52 -5.63 8.86
C LEU B 496 42.49 -4.46 8.68
N LEU B 497 43.07 -3.97 9.79
CA LEU B 497 43.99 -2.84 9.74
C LEU B 497 45.41 -3.24 9.36
N GLU B 498 45.60 -4.40 8.74
CA GLU B 498 46.92 -4.86 8.33
C GLU B 498 47.33 -4.33 6.96
N ARG B 499 46.38 -4.19 6.06
CA ARG B 499 46.66 -3.96 4.65
C ARG B 499 46.98 -2.50 4.38
N PRO B 500 47.81 -2.20 3.38
CA PRO B 500 48.29 -0.82 3.19
C PRO B 500 47.27 0.11 2.54
N ASP B 501 46.03 -0.34 2.35
CA ASP B 501 45.00 0.50 1.76
C ASP B 501 43.79 0.67 2.66
N ALA B 502 43.88 0.26 3.93
CA ALA B 502 42.77 0.41 4.86
C ALA B 502 42.88 1.76 5.57
N ASP B 503 41.95 2.66 5.28
CA ASP B 503 41.98 3.99 5.87
C ASP B 503 41.58 3.93 7.34
N LEU B 504 42.41 4.52 8.20
CA LEU B 504 42.13 4.52 9.63
C LEU B 504 40.91 5.37 9.99
N ALA B 505 40.82 6.57 9.41
CA ALA B 505 39.66 7.42 9.67
C ALA B 505 38.37 6.80 9.15
N GLY B 506 38.42 6.16 7.97
CA GLY B 506 37.24 5.49 7.46
C GLY B 506 36.78 4.35 8.34
N VAL B 507 37.73 3.54 8.83
CA VAL B 507 37.39 2.45 9.74
C VAL B 507 36.79 3.00 11.03
N GLY B 508 37.38 4.06 11.57
CA GLY B 508 36.84 4.66 12.79
C GLY B 508 35.44 5.18 12.60
N LEU B 509 35.19 5.89 11.50
CA LEU B 509 33.86 6.42 11.21
C LEU B 509 32.84 5.29 11.00
N GLY B 510 33.24 4.24 10.29
CA GLY B 510 32.33 3.11 10.10
C GLY B 510 31.99 2.41 11.40
N LEU B 511 32.98 2.25 12.28
CA LEU B 511 32.72 1.66 13.59
C LEU B 511 31.81 2.55 14.43
N ALA B 512 32.02 3.86 14.37
CA ALA B 512 31.26 4.78 15.21
C ALA B 512 29.83 4.97 14.73
N THR B 513 29.61 4.88 13.41
CA THR B 513 28.31 5.22 12.84
C THR B 513 27.49 4.03 12.37
N THR B 514 28.12 3.05 11.71
CA THR B 514 27.39 1.99 11.02
C THR B 514 27.33 0.70 11.82
N ARG B 515 27.61 0.73 13.12
CA ARG B 515 27.53 -0.45 13.94
C ARG B 515 26.77 -0.15 15.22
N ALA B 516 26.09 -1.18 15.73
CA ALA B 516 25.28 -1.03 16.93
C ALA B 516 26.15 -1.07 18.18
N ARG B 517 25.55 -0.69 19.30
CA ARG B 517 26.23 -0.63 20.59
C ARG B 517 25.68 -1.75 21.47
N HIS B 518 26.57 -2.55 22.03
CA HIS B 518 26.17 -3.70 22.84
C HIS B 518 26.69 -3.55 24.27
N GLU B 519 26.53 -4.61 25.06
CA GLU B 519 26.81 -4.55 26.50
C GLU B 519 28.30 -4.44 26.83
N HIS B 520 29.14 -5.23 26.17
CA HIS B 520 30.57 -5.25 26.45
C HIS B 520 31.29 -4.35 25.45
N ARG B 521 32.00 -3.34 25.94
CA ARG B 521 32.59 -2.33 25.08
C ARG B 521 34.07 -2.16 25.36
N ALA B 522 34.80 -1.74 24.33
CA ALA B 522 36.23 -1.44 24.43
C ALA B 522 36.55 -0.32 23.45
N ALA B 523 37.62 0.41 23.75
CA ALA B 523 37.99 1.57 22.95
C ALA B 523 39.50 1.78 22.99
N VAL B 524 40.04 2.16 21.83
CA VAL B 524 41.46 2.48 21.67
C VAL B 524 41.58 3.80 20.94
N VAL B 525 42.28 4.76 21.53
CA VAL B 525 42.55 6.03 20.88
C VAL B 525 43.96 5.96 20.30
N ALA B 526 44.08 6.11 18.98
CA ALA B 526 45.36 5.92 18.32
C ALA B 526 45.65 7.09 17.40
N SER B 527 46.91 7.54 17.42
CA SER B 527 47.37 8.60 16.52
C SER B 527 47.94 8.02 15.23
N THR B 528 48.58 6.87 15.30
CA THR B 528 49.10 6.20 14.11
C THR B 528 48.41 4.85 13.92
N ARG B 529 48.94 4.07 12.98
CA ARG B 529 48.25 2.89 12.48
C ARG B 529 48.67 1.63 13.22
N GLU B 530 49.98 1.44 13.41
CA GLU B 530 50.48 0.33 14.22
C GLU B 530 50.06 0.43 15.68
N GLU B 531 49.84 1.65 16.19
CA GLU B 531 49.32 1.80 17.55
C GLU B 531 47.90 1.22 17.67
N ALA B 532 47.04 1.52 16.70
CA ALA B 532 45.71 0.90 16.69
C ALA B 532 45.81 -0.60 16.52
N VAL B 533 46.74 -1.06 15.69
CA VAL B 533 46.96 -2.50 15.52
C VAL B 533 47.31 -3.14 16.86
N ARG B 534 48.24 -2.53 17.61
CA ARG B 534 48.66 -3.10 18.88
C ARG B 534 47.57 -3.04 19.94
N GLY B 535 46.80 -1.95 19.96
CA GLY B 535 45.69 -1.87 20.89
C GLY B 535 44.66 -2.96 20.65
N LEU B 536 44.28 -3.16 19.39
CA LEU B 536 43.38 -4.26 19.06
C LEU B 536 44.03 -5.60 19.32
N ARG B 537 45.36 -5.67 19.17
CA ARG B 537 46.11 -6.88 19.48
C ARG B 537 45.89 -7.27 20.93
N GLU B 538 46.08 -6.32 21.84
CA GLU B 538 45.84 -6.53 23.26
C GLU B 538 44.39 -6.86 23.57
N ILE B 539 43.44 -6.15 22.95
CA ILE B 539 42.03 -6.41 23.23
C ILE B 539 41.66 -7.83 22.84
N ALA B 540 42.13 -8.29 21.68
CA ALA B 540 41.86 -9.66 21.26
C ALA B 540 42.67 -10.66 22.08
N ALA B 541 43.74 -10.21 22.74
CA ALA B 541 44.59 -11.08 23.52
C ALA B 541 44.01 -11.41 24.89
N GLY B 542 42.92 -10.78 25.29
CA GLY B 542 42.31 -11.07 26.57
C GLY B 542 42.93 -10.35 27.75
N ALA B 543 43.45 -9.15 27.52
CA ALA B 543 44.06 -8.36 28.58
C ALA B 543 44.02 -6.89 28.19
N ALA B 544 44.21 -6.03 29.19
CA ALA B 544 44.22 -4.58 28.97
C ALA B 544 45.24 -3.98 29.93
N THR B 545 46.45 -3.78 29.43
CA THR B 545 47.55 -3.26 30.23
C THR B 545 48.12 -1.94 29.71
N ALA B 546 47.95 -1.66 28.43
CA ALA B 546 48.54 -0.48 27.83
C ALA B 546 47.80 0.77 28.29
N ASP B 547 48.23 1.93 27.77
CA ASP B 547 47.71 3.22 28.17
C ASP B 547 46.49 3.66 27.37
N ALA B 548 46.41 3.29 26.08
CA ALA B 548 45.36 3.79 25.22
C ALA B 548 44.12 2.91 25.20
N VAL B 549 44.15 1.76 25.85
CA VAL B 549 43.04 0.81 25.81
C VAL B 549 42.18 1.00 27.05
N VAL B 550 40.89 1.23 26.85
CA VAL B 550 39.93 1.32 27.96
C VAL B 550 38.71 0.46 27.62
N GLU B 551 38.35 -0.45 28.52
CA GLU B 551 37.28 -1.38 28.26
C GLU B 551 36.41 -1.54 29.49
N GLY B 552 35.18 -2.00 29.27
CA GLY B 552 34.26 -2.19 30.38
C GLY B 552 32.97 -2.82 29.90
N VAL B 553 32.00 -2.88 30.82
CA VAL B 553 30.69 -3.44 30.53
C VAL B 553 29.63 -2.54 31.17
N THR B 554 28.50 -2.38 30.47
CA THR B 554 27.40 -1.56 30.95
C THR B 554 26.10 -2.34 30.88
N GLU B 555 25.20 -2.05 31.83
CA GLU B 555 23.89 -2.68 31.88
C GLU B 555 22.74 -1.70 31.75
N VAL B 556 23.00 -0.40 31.86
CA VAL B 556 21.97 0.63 31.66
C VAL B 556 22.40 1.50 30.49
N ASP B 557 21.51 1.63 29.51
CA ASP B 557 21.83 2.21 28.20
C ASP B 557 21.61 3.71 28.20
N GLY B 558 22.22 4.43 29.14
CA GLY B 558 22.07 5.86 29.20
C GLY B 558 22.18 6.39 30.62
N ARG B 559 22.80 7.55 30.75
CA ARG B 559 23.10 8.11 32.06
C ARG B 559 22.54 9.52 32.18
N ASN B 560 22.61 10.05 33.41
CA ASN B 560 22.24 11.43 33.71
C ASN B 560 23.52 12.13 34.16
N VAL B 561 24.02 13.04 33.34
CA VAL B 561 25.32 13.67 33.56
C VAL B 561 25.18 14.85 34.52
N VAL B 562 26.07 14.91 35.49
CA VAL B 562 26.14 16.02 36.44
C VAL B 562 27.55 16.62 36.35
N PHE B 563 27.64 17.93 36.15
CA PHE B 563 28.92 18.61 36.04
C PHE B 563 29.38 19.09 37.41
N LEU B 564 30.62 18.75 37.77
CA LEU B 564 31.22 19.14 39.03
C LEU B 564 32.38 20.10 38.75
N PHE B 565 32.31 21.29 39.34
CA PHE B 565 33.36 22.29 39.17
C PHE B 565 34.13 22.44 40.48
N PRO B 566 35.35 21.94 40.58
CA PRO B 566 36.10 22.06 41.84
C PRO B 566 36.60 23.47 42.08
N GLY B 567 37.14 23.69 43.28
CA GLY B 567 37.62 25.00 43.66
C GLY B 567 39.00 25.32 43.12
N GLN B 568 39.79 26.02 43.94
CA GLN B 568 41.13 26.44 43.55
C GLN B 568 42.17 25.53 44.17
N GLY B 569 43.22 25.24 43.39
CA GLY B 569 44.29 24.39 43.84
C GLY B 569 44.63 23.24 42.92
N SER B 570 44.12 23.25 41.69
CA SER B 570 44.36 22.20 40.71
C SER B 570 44.91 22.75 39.40
N GLN B 571 45.73 23.79 39.47
CA GLN B 571 46.28 24.42 38.27
C GLN B 571 47.71 23.98 38.04
N TRP B 572 48.20 24.21 36.83
CA TRP B 572 49.58 23.90 36.45
C TRP B 572 49.92 24.70 35.20
N ALA B 573 51.15 25.19 35.13
CA ALA B 573 51.57 26.07 34.04
C ALA B 573 51.47 25.34 32.71
N GLY B 574 50.66 25.88 31.80
CA GLY B 574 50.51 25.32 30.48
C GLY B 574 49.26 24.47 30.29
N MET B 575 48.12 24.95 30.80
CA MET B 575 46.88 24.23 30.63
C MET B 575 46.38 24.36 29.19
N GLY B 576 46.21 23.23 28.53
CA GLY B 576 45.74 23.22 27.15
C GLY B 576 46.63 24.00 26.20
N ALA B 577 47.95 23.86 26.34
CA ALA B 577 48.88 24.63 25.52
C ALA B 577 48.71 24.34 24.03
N GLU B 578 48.26 23.13 23.67
CA GLU B 578 48.03 22.78 22.28
C GLU B 578 46.54 22.79 21.94
N LEU B 579 45.67 22.64 22.94
CA LEU B 579 44.23 22.55 22.70
C LEU B 579 43.67 23.79 22.00
N LEU B 580 44.29 24.95 22.22
CA LEU B 580 43.89 26.15 21.48
C LEU B 580 44.29 26.05 20.02
N SER B 581 45.21 25.15 19.68
CA SER B 581 45.66 24.98 18.31
C SER B 581 45.01 23.78 17.62
N SER B 582 44.61 22.76 18.38
CA SER B 582 44.02 21.57 17.80
C SER B 582 42.50 21.53 17.87
N SER B 583 41.90 22.28 18.80
CA SER B 583 40.45 22.31 18.94
C SER B 583 39.99 23.75 18.84
N PRO B 584 39.04 24.07 17.94
CA PRO B 584 38.60 25.45 17.76
C PRO B 584 37.59 25.93 18.80
N VAL B 585 36.77 25.05 19.36
CA VAL B 585 35.77 25.47 20.35
C VAL B 585 36.45 25.99 21.62
N PHE B 586 37.49 25.30 22.07
CA PHE B 586 38.23 25.74 23.25
C PHE B 586 38.80 27.13 23.03
N ALA B 587 39.46 27.34 21.89
CA ALA B 587 40.04 28.65 21.60
C ALA B 587 38.97 29.72 21.48
N GLY B 588 37.84 29.41 20.85
CA GLY B 588 36.77 30.39 20.71
C GLY B 588 36.17 30.80 22.05
N LYS B 589 35.90 29.83 22.92
CA LYS B 589 35.36 30.16 24.24
C LYS B 589 36.37 30.93 25.09
N ILE B 590 37.63 30.49 25.11
CA ILE B 590 38.67 31.24 25.81
C ILE B 590 38.76 32.66 25.30
N ARG B 591 38.71 32.83 23.97
CA ARG B 591 38.89 34.12 23.32
C ARG B 591 37.71 35.06 23.60
N ALA B 592 36.48 34.54 23.59
CA ALA B 592 35.34 35.37 23.97
C ALA B 592 35.41 35.78 25.44
N CYS B 593 35.74 34.84 26.33
CA CYS B 593 35.99 35.20 27.72
C CYS B 593 37.07 36.27 27.83
N ASP B 594 38.08 36.20 26.96
CA ASP B 594 39.17 37.15 27.00
C ASP B 594 38.72 38.54 26.59
N GLU B 595 37.90 38.67 25.54
CA GLU B 595 37.36 40.00 25.21
C GLU B 595 36.51 40.54 26.33
N SER B 596 35.66 39.69 26.93
CA SER B 596 34.82 40.17 28.02
C SER B 596 35.63 40.56 29.26
N MET B 597 36.80 39.96 29.46
CA MET B 597 37.66 40.31 30.59
C MET B 597 38.68 41.38 30.25
N ALA B 598 38.79 41.75 28.97
CA ALA B 598 39.80 42.72 28.56
C ALA B 598 39.66 44.10 29.21
N PRO B 599 38.48 44.71 29.31
CA PRO B 599 38.40 46.06 29.91
C PRO B 599 38.88 46.12 31.35
N MET B 600 38.96 44.99 32.03
CA MET B 600 39.20 44.97 33.47
C MET B 600 40.55 44.36 33.84
N GLN B 601 41.38 44.01 32.87
CA GLN B 601 42.78 43.66 33.11
C GLN B 601 43.59 43.93 31.85
N ASP B 602 44.91 44.03 32.02
CA ASP B 602 45.81 44.41 30.94
C ASP B 602 46.52 43.24 30.28
N TRP B 603 46.11 42.01 30.59
CA TRP B 603 46.78 40.83 30.06
C TRP B 603 45.78 39.86 29.44
N LYS B 604 46.27 39.05 28.51
CA LYS B 604 45.45 38.11 27.76
C LYS B 604 45.54 36.72 28.37
N VAL B 605 44.40 36.03 28.42
CA VAL B 605 44.35 34.71 29.05
C VAL B 605 45.19 33.71 28.28
N SER B 606 45.06 33.69 26.95
CA SER B 606 45.87 32.79 26.14
C SER B 606 47.36 33.07 26.28
N ASP B 607 47.72 34.34 26.50
CA ASP B 607 49.12 34.69 26.73
C ASP B 607 49.67 34.00 27.97
N VAL B 608 48.87 33.95 29.05
CA VAL B 608 49.28 33.28 30.27
C VAL B 608 49.27 31.76 30.10
N LEU B 609 48.28 31.22 29.38
CA LEU B 609 48.21 29.78 29.15
C LEU B 609 49.38 29.26 28.33
N ARG B 610 49.86 30.05 27.37
CA ARG B 610 50.86 29.61 26.42
C ARG B 610 52.29 29.98 26.82
N GLN B 611 52.45 30.62 27.98
CA GLN B 611 53.76 30.87 28.59
C GLN B 611 54.66 31.75 27.72
N ALA B 612 54.06 32.63 26.93
CA ALA B 612 54.85 33.56 26.15
C ALA B 612 55.47 34.63 27.04
N PRO B 613 56.64 35.14 26.68
CA PRO B 613 57.28 36.20 27.48
C PRO B 613 56.44 37.47 27.53
N GLY B 614 56.55 38.18 28.64
CA GLY B 614 55.75 39.38 28.86
C GLY B 614 54.42 39.15 29.53
N ALA B 615 54.23 38.00 30.18
CA ALA B 615 52.99 37.67 30.84
C ALA B 615 53.25 37.25 32.29
N PRO B 616 52.31 37.49 33.20
CA PRO B 616 52.53 37.10 34.60
C PRO B 616 52.48 35.59 34.79
N GLY B 617 53.01 35.15 35.91
CA GLY B 617 53.00 33.74 36.25
C GLY B 617 51.67 33.30 36.83
N LEU B 618 51.67 32.12 37.44
CA LEU B 618 50.48 31.53 38.05
C LEU B 618 50.70 31.33 39.53
N ASP B 619 51.35 32.28 40.19
CA ASP B 619 51.52 32.26 41.63
C ASP B 619 50.68 33.30 42.36
N ARG B 620 50.12 34.27 41.64
CA ARG B 620 49.27 35.29 42.23
C ARG B 620 47.81 34.93 42.02
N VAL B 621 47.02 35.08 43.09
CA VAL B 621 45.64 34.58 43.07
C VAL B 621 44.80 35.34 42.04
N ASP B 622 45.01 36.65 41.91
CA ASP B 622 44.18 37.47 41.04
C ASP B 622 44.34 37.11 39.56
N VAL B 623 45.41 36.43 39.18
CA VAL B 623 45.55 35.88 37.84
C VAL B 623 45.20 34.41 37.77
N VAL B 624 45.42 33.65 38.85
CA VAL B 624 45.11 32.23 38.88
C VAL B 624 43.60 31.98 38.77
N GLN B 625 42.79 32.73 39.51
CA GLN B 625 41.35 32.46 39.49
C GLN B 625 40.70 32.67 38.12
N PRO B 626 40.90 33.82 37.44
CA PRO B 626 40.25 33.96 36.12
C PRO B 626 40.71 32.95 35.10
N VAL B 627 41.98 32.55 35.15
CA VAL B 627 42.49 31.53 34.24
C VAL B 627 41.77 30.21 34.44
N LEU B 628 41.61 29.80 35.70
CA LEU B 628 40.88 28.58 36.00
C LEU B 628 39.43 28.68 35.58
N PHE B 629 38.80 29.83 35.81
CA PHE B 629 37.42 30.04 35.37
C PHE B 629 37.29 29.84 33.86
N ALA B 630 38.17 30.47 33.09
CA ALA B 630 38.11 30.36 31.64
C ALA B 630 38.38 28.92 31.19
N VAL B 631 39.36 28.26 31.80
CA VAL B 631 39.67 26.87 31.42
C VAL B 631 38.48 25.97 31.68
N MET B 632 37.85 26.10 32.86
CA MET B 632 36.71 25.24 33.17
C MET B 632 35.51 25.52 32.26
N VAL B 633 35.22 26.79 31.99
CA VAL B 633 34.06 27.06 31.13
C VAL B 633 34.32 26.58 29.71
N SER B 634 35.54 26.77 29.19
CA SER B 634 35.85 26.27 27.86
C SER B 634 35.78 24.74 27.81
N LEU B 635 36.28 24.08 28.85
CA LEU B 635 36.19 22.62 28.90
C LEU B 635 34.75 22.14 28.99
N ALA B 636 33.90 22.85 29.73
CA ALA B 636 32.48 22.47 29.80
C ALA B 636 31.81 22.62 28.44
N GLU B 637 32.07 23.73 27.74
CA GLU B 637 31.54 23.91 26.40
C GLU B 637 32.07 22.87 25.42
N LEU B 638 33.33 22.50 25.52
CA LEU B 638 33.89 21.43 24.70
C LEU B 638 33.24 20.09 24.99
N TRP B 639 32.96 19.81 26.26
CA TRP B 639 32.23 18.60 26.62
C TRP B 639 30.84 18.60 26.00
N ARG B 640 30.15 19.74 26.06
CA ARG B 640 28.80 19.83 25.50
C ARG B 640 28.78 19.83 23.98
N SER B 641 29.91 20.14 23.33
CA SER B 641 29.95 20.11 21.87
C SER B 641 30.01 18.70 21.31
N TYR B 642 30.29 17.71 22.15
CA TYR B 642 30.38 16.32 21.73
C TYR B 642 29.12 15.51 22.01
N GLY B 643 28.06 16.16 22.51
CA GLY B 643 26.83 15.46 22.80
C GLY B 643 26.68 15.00 24.23
N VAL B 644 27.29 15.72 25.18
CA VAL B 644 27.13 15.45 26.60
C VAL B 644 26.26 16.56 27.17
N GLU B 645 24.97 16.26 27.34
CA GLU B 645 24.04 17.27 27.79
C GLU B 645 23.85 17.17 29.30
N PRO B 646 24.28 18.17 30.07
CA PRO B 646 24.21 18.07 31.53
C PRO B 646 22.80 18.18 32.07
N ALA B 647 22.63 17.72 33.31
CA ALA B 647 21.35 17.84 34.01
C ALA B 647 21.45 18.59 35.33
N ALA B 648 22.65 18.75 35.89
CA ALA B 648 22.84 19.50 37.13
C ALA B 648 24.27 20.00 37.18
N VAL B 649 24.48 21.11 37.88
CA VAL B 649 25.82 21.68 38.05
C VAL B 649 26.07 21.95 39.52
N VAL B 650 27.28 21.60 39.98
CA VAL B 650 27.69 21.77 41.37
C VAL B 650 29.04 22.46 41.40
N GLY B 651 29.25 23.32 42.39
CA GLY B 651 30.52 24.01 42.53
C GLY B 651 31.05 23.93 43.95
N HIS B 652 32.37 23.77 44.07
CA HIS B 652 32.97 23.53 45.37
C HIS B 652 33.19 24.81 46.17
N SER B 653 34.10 25.67 45.69
CA SER B 653 34.44 26.89 46.42
C SER B 653 34.17 28.15 45.61
N GLN B 654 34.72 28.25 44.40
CA GLN B 654 34.52 29.41 43.53
C GLN B 654 34.04 28.97 42.15
N GLY B 655 33.82 27.67 41.99
CA GLY B 655 33.27 27.13 40.76
C GLY B 655 31.79 27.31 40.60
N GLU B 656 31.12 27.87 41.63
CA GLU B 656 29.69 28.14 41.51
C GLU B 656 29.40 29.24 40.50
N ILE B 657 30.34 30.18 40.31
CA ILE B 657 30.16 31.19 39.26
C ILE B 657 30.12 30.52 37.89
N ALA B 658 31.05 29.61 37.63
CA ALA B 658 31.04 28.89 36.36
C ALA B 658 29.84 27.96 36.26
N ALA B 659 29.39 27.40 37.38
CA ALA B 659 28.18 26.57 37.35
C ALA B 659 26.95 27.39 36.99
N ALA B 660 26.82 28.58 37.54
CA ALA B 660 25.71 29.47 37.18
C ALA B 660 25.83 29.89 35.73
N HIS B 661 27.05 30.13 35.25
CA HIS B 661 27.28 30.38 33.82
C HIS B 661 26.76 29.25 32.96
N VAL B 662 27.17 28.01 33.24
CA VAL B 662 26.78 26.89 32.39
C VAL B 662 25.29 26.61 32.49
N ALA B 663 24.72 26.76 33.68
CA ALA B 663 23.29 26.54 33.87
C ALA B 663 22.43 27.60 33.20
N GLY B 664 23.03 28.72 32.78
CA GLY B 664 22.29 29.81 32.19
C GLY B 664 21.69 30.76 33.20
N ALA B 665 21.83 30.48 34.49
CA ALA B 665 21.36 31.41 35.52
C ALA B 665 22.11 32.72 35.53
N LEU B 666 23.28 32.77 34.89
CA LEU B 666 24.01 34.01 34.68
C LEU B 666 24.45 34.06 33.23
N THR B 667 25.11 35.15 32.88
CA THR B 667 25.80 35.29 31.61
C THR B 667 27.30 35.23 31.82
N LEU B 668 28.03 35.23 30.71
CA LEU B 668 29.47 35.42 30.76
C LEU B 668 29.83 36.82 31.27
N GLU B 669 28.92 37.79 31.10
CA GLU B 669 29.20 39.20 31.41
C GLU B 669 29.37 39.41 32.92
N ASP B 670 28.30 39.18 33.67
CA ASP B 670 28.38 39.30 35.12
C ASP B 670 29.34 38.29 35.70
N ALA B 671 29.61 37.21 34.96
CA ALA B 671 30.60 36.23 35.41
C ALA B 671 32.02 36.81 35.39
N ALA B 672 32.38 37.52 34.32
CA ALA B 672 33.68 38.20 34.30
C ALA B 672 33.75 39.22 35.42
N LYS B 673 32.68 40.01 35.59
CA LYS B 673 32.62 40.95 36.71
C LYS B 673 32.88 40.24 38.04
N LEU B 674 32.15 39.15 38.30
CA LEU B 674 32.29 38.43 39.57
C LEU B 674 33.71 37.96 39.77
N VAL B 675 34.27 37.28 38.76
CA VAL B 675 35.58 36.68 38.92
C VAL B 675 36.63 37.73 39.22
N VAL B 676 36.74 38.77 38.39
CA VAL B 676 37.85 39.70 38.58
C VAL B 676 37.65 40.56 39.82
N GLY B 677 36.41 41.01 40.06
CA GLY B 677 36.14 41.82 41.23
C GLY B 677 36.44 41.09 42.53
N ARG B 678 35.94 39.85 42.66
CA ARG B 678 36.27 39.05 43.82
C ARG B 678 37.76 38.80 43.90
N SER B 679 38.42 38.63 42.74
CA SER B 679 39.85 38.35 42.74
C SER B 679 40.67 39.48 43.36
N ARG B 680 40.50 40.72 42.88
CA ARG B 680 41.36 41.76 43.46
C ARG B 680 40.74 42.39 44.70
N LEU B 681 39.51 42.04 45.06
CA LEU B 681 39.10 42.39 46.41
C LEU B 681 39.69 41.45 47.44
N MET B 682 39.92 40.19 47.06
CA MET B 682 40.61 39.23 47.92
C MET B 682 42.12 39.35 47.82
N ARG B 683 42.61 40.08 46.81
CA ARG B 683 44.03 40.42 46.71
C ARG B 683 44.49 41.27 47.88
N SER B 684 43.64 42.21 48.32
CA SER B 684 44.03 43.14 49.39
C SER B 684 44.27 42.42 50.71
N LEU B 685 43.44 41.43 51.05
CA LEU B 685 43.58 40.72 52.31
C LEU B 685 44.49 39.49 52.20
N SER B 686 45.06 39.23 51.03
CA SER B 686 45.96 38.11 50.86
C SER B 686 47.30 38.36 51.54
N GLY B 687 48.13 37.32 51.60
CA GLY B 687 49.40 37.37 52.31
C GLY B 687 49.28 37.22 53.80
N GLU B 688 48.08 36.97 54.28
CA GLU B 688 47.76 37.16 55.69
C GLU B 688 46.85 36.05 56.16
N GLY B 689 47.42 34.99 56.70
CA GLY B 689 46.62 33.82 57.06
C GLY B 689 46.70 32.70 56.03
N GLY B 690 46.36 31.48 56.44
CA GLY B 690 46.55 30.31 55.60
C GLY B 690 45.54 29.20 55.79
N MET B 691 45.84 28.04 55.18
CA MET B 691 44.94 26.90 55.16
C MET B 691 45.71 25.59 55.30
N ALA B 692 45.07 24.61 55.94
CA ALA B 692 45.69 23.30 56.16
C ALA B 692 44.60 22.24 56.15
N ALA B 693 44.86 21.14 55.46
CA ALA B 693 43.90 20.03 55.39
C ALA B 693 44.21 19.01 56.47
N VAL B 694 43.20 18.64 57.25
CA VAL B 694 43.31 17.66 58.33
C VAL B 694 42.22 16.61 58.14
N ALA B 695 42.52 15.39 58.58
CA ALA B 695 41.57 14.28 58.51
C ALA B 695 41.60 13.54 59.84
N LEU B 696 40.76 13.99 60.79
CA LEU B 696 40.70 13.37 62.11
C LEU B 696 39.30 13.13 62.64
N GLY B 697 38.28 13.85 62.17
CA GLY B 697 36.92 13.73 62.69
C GLY B 697 36.14 15.02 62.51
N GLU B 698 34.81 14.91 62.65
CA GLU B 698 33.93 16.02 62.32
C GLU B 698 33.81 17.01 63.47
N ALA B 699 33.06 16.62 64.51
CA ALA B 699 32.97 17.45 65.70
C ALA B 699 34.23 17.28 66.54
N ALA B 700 35.02 16.25 66.22
CA ALA B 700 36.34 16.12 66.81
C ALA B 700 37.17 17.38 66.55
N VAL B 701 37.37 17.74 65.28
CA VAL B 701 38.16 18.93 64.97
C VAL B 701 37.48 20.20 65.48
N ARG B 702 36.14 20.26 65.43
CA ARG B 702 35.48 21.39 66.07
C ARG B 702 35.89 21.53 67.53
N GLU B 703 35.91 20.41 68.25
CA GLU B 703 36.33 20.45 69.67
C GLU B 703 37.82 20.81 69.75
N ARG B 704 38.63 20.37 68.79
CA ARG B 704 40.08 20.60 68.94
C ARG B 704 40.38 22.09 68.91
N LEU B 705 39.81 22.85 67.97
CA LEU B 705 40.18 24.25 67.87
C LEU B 705 39.20 25.21 68.56
N ARG B 706 38.07 24.69 69.09
CA ARG B 706 37.13 25.52 69.92
C ARG B 706 37.93 26.20 71.05
N PRO B 707 38.93 25.56 71.73
CA PRO B 707 39.82 26.30 72.63
C PRO B 707 40.48 27.51 71.99
N TRP B 708 40.43 27.64 70.67
CA TRP B 708 40.81 28.84 69.94
C TRP B 708 39.55 29.51 69.40
N GLN B 709 39.66 30.80 69.05
CA GLN B 709 38.56 31.55 68.43
C GLN B 709 39.06 32.19 67.14
N ASP B 710 39.77 31.41 66.32
CA ASP B 710 40.18 31.86 65.01
C ASP B 710 39.14 31.55 63.93
N ARG B 711 38.04 30.90 64.30
CA ARG B 711 37.14 30.30 63.34
C ARG B 711 35.76 30.19 63.95
N LEU B 712 34.74 30.47 63.14
CA LEU B 712 33.35 30.35 63.56
C LEU B 712 32.66 29.10 63.02
N SER B 713 33.01 28.67 61.80
CA SER B 713 32.46 27.46 61.21
C SER B 713 33.52 26.85 60.30
N VAL B 714 33.34 25.57 59.96
CA VAL B 714 34.32 24.88 59.13
C VAL B 714 34.41 25.57 57.77
N ALA B 715 35.51 25.29 57.05
CA ALA B 715 35.69 25.89 55.74
C ALA B 715 35.00 25.06 54.66
N ALA B 716 35.31 23.77 54.59
CA ALA B 716 34.67 22.88 53.63
C ALA B 716 34.69 21.47 54.20
N VAL B 717 33.80 20.63 53.66
CA VAL B 717 33.69 19.24 54.08
C VAL B 717 33.75 18.39 52.83
N ASN B 718 34.95 17.97 52.43
CA ASN B 718 35.12 17.11 51.28
C ASN B 718 34.52 15.72 51.49
N GLY B 719 34.60 15.20 52.71
CA GLY B 719 34.04 13.90 53.01
C GLY B 719 33.71 13.78 54.48
N PRO B 720 33.21 12.60 54.89
CA PRO B 720 32.91 12.40 56.31
C PRO B 720 34.15 12.39 57.19
N ARG B 721 35.35 12.27 56.61
CA ARG B 721 36.56 12.12 57.41
C ARG B 721 37.64 13.14 57.06
N SER B 722 37.37 14.08 56.15
CA SER B 722 38.37 15.03 55.69
C SER B 722 37.80 16.44 55.80
N VAL B 723 38.56 17.34 56.43
CA VAL B 723 38.14 18.71 56.64
C VAL B 723 39.33 19.64 56.38
N VAL B 724 39.04 20.90 56.10
CA VAL B 724 40.06 21.91 55.89
C VAL B 724 39.88 23.01 56.92
N VAL B 725 40.97 23.37 57.60
CA VAL B 725 40.96 24.40 58.63
C VAL B 725 41.72 25.62 58.09
N SER B 726 41.06 26.77 58.12
CA SER B 726 41.61 28.01 57.59
C SER B 726 41.62 29.06 58.69
N GLY B 727 42.54 30.02 58.57
CA GLY B 727 42.51 31.13 59.51
C GLY B 727 43.85 31.82 59.67
N GLU B 728 43.98 32.55 60.77
CA GLU B 728 45.17 33.34 61.03
C GLU B 728 46.39 32.44 61.20
N PRO B 729 47.58 32.91 60.80
CA PRO B 729 48.76 32.04 60.82
C PRO B 729 49.13 31.52 62.21
N GLY B 730 48.94 32.33 63.26
CA GLY B 730 49.35 31.89 64.58
C GLY B 730 48.57 30.69 65.09
N ALA B 731 47.24 30.76 65.02
CA ALA B 731 46.42 29.66 65.50
C ALA B 731 46.55 28.44 64.59
N LEU B 732 46.68 28.65 63.28
CA LEU B 732 46.86 27.52 62.38
C LEU B 732 48.18 26.79 62.64
N ARG B 733 49.27 27.54 62.84
CA ARG B 733 50.54 26.93 63.20
C ARG B 733 50.45 26.21 64.53
N ALA B 734 49.79 26.84 65.52
CA ALA B 734 49.64 26.22 66.83
C ALA B 734 48.89 24.90 66.73
N PHE B 735 47.82 24.85 65.95
CA PHE B 735 47.07 23.61 65.81
C PHE B 735 47.84 22.56 65.01
N SER B 736 48.56 22.98 63.95
CA SER B 736 49.33 22.00 63.19
C SER B 736 50.39 21.34 64.06
N GLU B 737 51.16 22.16 64.80
CA GLU B 737 52.18 21.60 65.68
C GLU B 737 51.58 20.94 66.91
N ASP B 738 50.33 21.27 67.26
CA ASP B 738 49.72 20.69 68.45
C ASP B 738 49.16 19.32 68.17
N CYS B 739 48.53 19.13 67.01
CA CYS B 739 47.98 17.84 66.63
C CYS B 739 48.98 16.98 65.85
N ALA B 740 50.16 17.51 65.55
CA ALA B 740 51.16 16.73 64.84
C ALA B 740 51.61 15.49 65.62
N ALA B 741 51.39 15.45 66.93
CA ALA B 741 51.84 14.34 67.75
C ALA B 741 50.73 13.40 68.17
N GLU B 742 49.48 13.66 67.79
CA GLU B 742 48.36 12.85 68.25
C GLU B 742 47.34 12.53 67.16
N GLY B 743 47.79 12.23 65.95
CA GLY B 743 46.84 11.83 64.92
C GLY B 743 47.37 11.90 63.51
N ILE B 744 46.45 12.00 62.55
CA ILE B 744 46.76 12.00 61.13
C ILE B 744 47.43 13.33 60.76
N ARG B 745 48.49 13.23 59.96
CA ARG B 745 49.34 14.37 59.65
C ARG B 745 48.54 15.42 58.85
N VAL B 746 48.84 16.68 59.11
CA VAL B 746 48.16 17.80 58.48
C VAL B 746 48.96 18.29 57.28
N ARG B 747 48.27 18.57 56.17
CA ARG B 747 48.93 19.09 54.95
C ARG B 747 48.62 20.58 54.81
N ASP B 748 49.61 21.45 55.04
CA ASP B 748 49.39 22.90 54.88
C ASP B 748 49.17 23.24 53.39
N ILE B 749 47.94 23.56 53.00
CA ILE B 749 47.66 23.99 51.60
C ILE B 749 48.29 25.37 51.40
N ASP B 750 48.93 25.60 50.25
CA ASP B 750 49.62 26.89 50.00
C ASP B 750 48.61 27.95 49.55
N VAL B 751 47.82 28.48 50.49
CA VAL B 751 46.83 29.54 50.16
C VAL B 751 47.33 30.86 50.76
N ASP B 752 47.47 31.91 49.93
CA ASP B 752 48.00 33.22 50.40
C ASP B 752 47.08 33.81 51.47
N TYR B 753 45.77 33.58 51.35
CA TYR B 753 44.80 34.20 52.31
C TYR B 753 44.11 33.09 53.12
N ALA B 754 43.00 33.43 53.77
CA ALA B 754 42.23 32.43 54.53
C ALA B 754 40.74 32.69 54.30
N SER B 755 40.15 32.06 53.27
CA SER B 755 38.75 32.29 52.95
C SER B 755 37.87 31.41 53.82
N HIS B 756 36.55 31.65 53.72
CA HIS B 756 35.55 30.95 54.52
C HIS B 756 35.81 31.10 56.01
N SER B 757 36.27 32.28 56.41
CA SER B 757 36.69 32.60 57.76
C SER B 757 36.09 33.93 58.19
N PRO B 758 36.00 34.20 59.50
CA PRO B 758 35.58 35.53 59.95
C PRO B 758 36.43 36.68 59.43
N GLN B 759 37.55 36.40 58.75
CA GLN B 759 38.35 37.46 58.14
C GLN B 759 37.59 38.18 57.03
N ILE B 760 36.59 37.53 56.45
CA ILE B 760 35.87 38.11 55.32
C ILE B 760 35.01 39.30 55.74
N GLU B 761 34.39 39.23 56.93
CA GLU B 761 33.27 40.11 57.25
C GLU B 761 33.62 41.59 57.09
N ARG B 762 34.72 42.05 57.69
CA ARG B 762 34.97 43.49 57.75
C ARG B 762 35.27 44.09 56.37
N VAL B 763 35.23 43.31 55.29
CA VAL B 763 35.45 43.86 53.96
C VAL B 763 34.24 43.62 53.05
N ARG B 764 33.02 43.62 53.61
CA ARG B 764 31.85 43.34 52.76
C ARG B 764 31.61 44.46 51.75
N GLU B 765 31.74 45.72 52.19
CA GLU B 765 31.11 46.82 51.48
C GLU B 765 31.69 47.03 50.09
N GLU B 766 33.01 46.92 49.95
CA GLU B 766 33.59 46.98 48.61
C GLU B 766 32.95 45.94 47.70
N LEU B 767 32.85 44.69 48.18
CA LEU B 767 32.19 43.65 47.41
C LEU B 767 30.79 44.07 47.00
N LEU B 768 29.99 44.58 47.94
CA LEU B 768 28.63 44.92 47.60
C LEU B 768 28.58 46.00 46.53
N GLU B 769 29.51 46.95 46.57
CA GLU B 769 29.49 48.05 45.60
C GLU B 769 30.20 47.68 44.31
N THR B 770 30.86 46.52 44.25
CA THR B 770 31.40 46.07 42.97
C THR B 770 30.44 45.14 42.24
N THR B 771 29.79 44.21 42.96
CA THR B 771 28.86 43.29 42.30
C THR B 771 27.40 43.56 42.66
N GLY B 772 27.04 44.80 42.97
CA GLY B 772 25.63 45.12 43.15
C GLY B 772 24.90 45.52 41.87
N ASP B 773 25.33 45.01 40.72
CA ASP B 773 24.71 45.34 39.44
C ASP B 773 24.47 44.09 38.59
N ILE B 774 23.86 43.06 39.15
CA ILE B 774 23.71 41.77 38.48
C ILE B 774 22.26 41.58 38.06
N ALA B 775 22.07 40.91 36.93
CA ALA B 775 20.75 40.54 36.43
C ALA B 775 20.64 39.02 36.41
N PRO B 776 20.01 38.40 37.42
CA PRO B 776 19.90 36.93 37.43
C PRO B 776 18.87 36.40 36.46
N ARG B 777 19.30 35.50 35.57
CA ARG B 777 18.40 34.90 34.59
C ARG B 777 17.95 33.52 35.08
N PRO B 778 16.82 33.02 34.56
CA PRO B 778 16.42 31.64 34.88
C PRO B 778 17.44 30.62 34.41
N ALA B 779 17.58 29.55 35.18
CA ALA B 779 18.55 28.51 34.90
C ALA B 779 17.89 27.35 34.16
N ARG B 780 18.52 26.93 33.06
CA ARG B 780 17.97 25.83 32.28
C ARG B 780 18.05 24.50 33.03
N VAL B 781 19.21 24.20 33.62
CA VAL B 781 19.42 22.94 34.32
C VAL B 781 19.36 23.18 35.83
N THR B 782 19.24 22.09 36.58
CA THR B 782 19.06 22.16 38.02
C THR B 782 20.40 22.45 38.69
N PHE B 783 20.72 23.73 38.83
CA PHE B 783 21.92 24.17 39.53
C PHE B 783 21.76 23.86 41.01
N HIS B 784 22.51 22.88 41.51
CA HIS B 784 22.34 22.40 42.89
C HIS B 784 23.39 23.09 43.76
N SER B 785 22.94 23.96 44.65
CA SER B 785 23.84 24.78 45.44
C SER B 785 24.56 23.93 46.49
N THR B 786 25.70 24.45 46.96
CA THR B 786 26.46 23.81 48.03
C THR B 786 26.55 24.68 49.28
N VAL B 787 26.05 25.92 49.21
CA VAL B 787 25.95 26.76 50.40
C VAL B 787 24.53 26.82 50.91
N GLU B 788 23.52 26.53 50.09
CA GLU B 788 22.17 26.51 50.66
C GLU B 788 21.68 25.07 50.78
N SER B 789 22.43 24.08 50.27
CA SER B 789 22.08 22.67 50.47
C SER B 789 20.71 22.35 49.90
N ARG B 790 20.32 23.05 48.84
CA ARG B 790 19.03 22.84 48.19
C ARG B 790 19.11 23.31 46.75
N SER B 791 18.16 22.86 45.94
CA SER B 791 18.09 23.27 44.55
C SER B 791 17.56 24.69 44.43
N MET B 792 18.42 25.60 43.99
CA MET B 792 18.06 27.01 43.86
C MET B 792 17.35 27.26 42.53
N ASP B 793 16.88 28.49 42.38
CA ASP B 793 16.29 28.98 41.14
C ASP B 793 17.23 30.02 40.54
N GLY B 794 17.01 30.32 39.26
CA GLY B 794 17.91 31.22 38.56
C GLY B 794 17.77 32.67 38.98
N THR B 795 16.65 33.04 39.60
CA THR B 795 16.33 34.42 39.91
C THR B 795 16.78 34.83 41.31
N GLU B 796 17.40 33.92 42.06
CA GLU B 796 17.76 34.17 43.46
C GLU B 796 19.23 34.48 43.66
N LEU B 797 19.95 34.90 42.62
CA LEU B 797 21.40 35.07 42.66
C LEU B 797 21.72 36.56 42.67
N ASP B 798 22.28 37.06 43.77
CA ASP B 798 22.61 38.48 43.90
C ASP B 798 23.87 38.63 44.74
N ALA B 799 24.09 39.86 45.22
CA ALA B 799 25.34 40.21 45.90
C ALA B 799 25.52 39.43 47.20
N ARG B 800 24.47 39.30 48.02
CA ARG B 800 24.60 38.41 49.17
C ARG B 800 24.70 36.95 48.78
N TYR B 801 24.19 36.52 47.63
CA TYR B 801 24.31 35.09 47.39
C TYR B 801 25.78 34.73 47.24
N TRP B 802 26.51 35.53 46.49
CA TRP B 802 27.93 35.29 46.29
C TRP B 802 28.74 35.63 47.54
N TYR B 803 28.31 36.63 48.33
CA TYR B 803 28.97 36.80 49.62
C TYR B 803 28.78 35.55 50.46
N ARG B 804 27.52 35.20 50.69
CA ARG B 804 27.28 34.04 51.55
C ARG B 804 28.17 32.91 51.03
N ASN B 805 28.20 32.66 49.72
CA ASN B 805 29.15 31.68 49.20
C ASN B 805 30.55 31.91 49.76
N LEU B 806 31.02 33.15 49.74
CA LEU B 806 32.41 33.44 50.09
C LEU B 806 32.68 33.28 51.58
N ARG B 807 31.66 33.44 52.43
CA ARG B 807 31.84 33.63 53.87
C ARG B 807 31.84 32.32 54.65
N GLU B 808 30.74 31.59 54.60
CA GLU B 808 30.55 30.39 55.40
C GLU B 808 30.76 29.12 54.57
N THR B 809 30.34 28.01 55.15
CA THR B 809 30.69 26.67 54.71
C THR B 809 30.22 26.43 53.28
N VAL B 810 30.82 25.42 52.64
CA VAL B 810 30.22 24.76 51.50
C VAL B 810 30.06 23.29 51.85
N ARG B 811 28.84 22.76 51.66
CA ARG B 811 28.52 21.40 52.05
C ARG B 811 28.57 20.54 50.78
N PHE B 812 29.78 20.12 50.42
CA PHE B 812 29.99 19.41 49.16
C PHE B 812 29.72 17.92 49.30
N ALA B 813 30.21 17.30 50.38
CA ALA B 813 29.99 15.87 50.58
C ALA B 813 28.50 15.56 50.73
N ASP B 814 27.78 16.34 51.53
CA ASP B 814 26.34 16.14 51.67
C ASP B 814 25.63 16.33 50.34
N ALA B 815 26.02 17.37 49.59
CA ALA B 815 25.38 17.63 48.31
C ALA B 815 25.57 16.48 47.33
N VAL B 816 26.79 15.95 47.22
CA VAL B 816 27.02 14.86 46.28
C VAL B 816 26.33 13.58 46.77
N THR B 817 26.32 13.33 48.08
CA THR B 817 25.65 12.13 48.59
C THR B 817 24.16 12.16 48.32
N ARG B 818 23.48 13.28 48.60
CA ARG B 818 22.03 13.30 48.44
C ARG B 818 21.63 13.83 47.06
N LEU B 819 22.60 14.04 46.17
CA LEU B 819 22.33 14.04 44.74
C LEU B 819 22.44 12.65 44.14
N ALA B 820 23.33 11.80 44.68
CA ALA B 820 23.40 10.41 44.24
C ALA B 820 22.12 9.65 44.54
N GLU B 821 21.38 10.06 45.56
CA GLU B 821 20.11 9.42 45.90
C GLU B 821 18.95 9.89 45.04
N SER B 822 19.13 10.98 44.29
CA SER B 822 18.06 11.53 43.46
C SER B 822 17.96 10.88 42.09
N GLY B 823 18.87 9.95 41.77
CA GLY B 823 18.84 9.27 40.49
C GLY B 823 19.89 9.71 39.50
N TYR B 824 20.99 10.29 39.97
CA TYR B 824 22.09 10.71 39.11
C TYR B 824 23.26 9.74 39.26
N ASP B 825 23.76 9.23 38.14
CA ASP B 825 24.80 8.21 38.16
C ASP B 825 25.91 8.51 37.17
N ALA B 826 26.17 9.80 36.90
CA ALA B 826 27.28 10.18 36.02
C ALA B 826 27.82 11.51 36.53
N PHE B 827 28.84 11.46 37.38
CA PHE B 827 29.43 12.65 37.97
C PHE B 827 30.68 13.06 37.21
N ILE B 828 30.45 13.55 35.98
CA ILE B 828 31.55 13.96 35.12
C ILE B 828 32.13 15.26 35.65
N GLU B 829 33.43 15.26 35.94
CA GLU B 829 34.12 16.45 36.40
C GLU B 829 34.64 17.26 35.22
N VAL B 830 34.67 18.58 35.38
CA VAL B 830 35.16 19.50 34.36
C VAL B 830 36.27 20.32 35.03
N SER B 831 37.51 19.88 34.88
CA SER B 831 38.65 20.52 35.53
C SER B 831 39.92 20.10 34.81
N PRO B 832 40.92 20.96 34.77
CA PRO B 832 42.22 20.56 34.22
C PRO B 832 42.98 19.52 35.03
N HIS B 833 42.58 19.30 36.28
CA HIS B 833 43.20 18.27 37.12
C HIS B 833 42.19 17.80 38.17
N PRO B 834 41.81 16.52 38.16
CA PRO B 834 40.81 16.02 39.11
C PRO B 834 41.40 15.82 40.50
N VAL B 835 40.89 16.58 41.47
CA VAL B 835 41.38 16.50 42.85
C VAL B 835 40.30 16.06 43.83
N VAL B 836 39.08 15.78 43.37
CA VAL B 836 37.98 15.47 44.29
C VAL B 836 37.33 14.15 43.92
N VAL B 837 38.03 13.31 43.16
CA VAL B 837 37.48 12.01 42.80
C VAL B 837 37.41 11.09 44.01
N GLN B 838 38.46 11.12 44.86
CA GLN B 838 38.47 10.31 46.07
C GLN B 838 37.28 10.64 46.95
N ALA B 839 37.04 11.94 47.21
CA ALA B 839 35.93 12.34 48.05
C ALA B 839 34.59 11.96 47.43
N VAL B 840 34.47 12.13 46.11
CA VAL B 840 33.20 11.80 45.44
C VAL B 840 32.89 10.32 45.56
N GLU B 841 33.88 9.45 45.32
CA GLU B 841 33.61 8.02 45.42
C GLU B 841 33.36 7.62 46.88
N GLU B 842 34.16 8.13 47.81
CA GLU B 842 33.97 7.76 49.22
C GLU B 842 32.74 8.40 49.84
N ALA B 843 32.08 9.32 49.13
CA ALA B 843 30.79 9.83 49.55
C ALA B 843 29.63 9.09 48.91
N VAL B 844 29.70 8.82 47.60
CA VAL B 844 28.65 8.07 46.91
C VAL B 844 28.64 6.59 47.31
N GLU B 845 29.72 6.09 47.92
CA GLU B 845 29.82 4.69 48.30
C GLU B 845 28.76 4.29 49.31
N GLU B 846 28.37 5.19 50.22
CA GLU B 846 27.57 4.83 51.38
C GLU B 846 26.12 5.23 51.23
N ALA B 847 25.75 5.82 50.12
CA ALA B 847 24.40 6.27 49.82
C ALA B 847 23.54 5.13 49.27
N ASP B 848 22.24 5.19 49.55
CA ASP B 848 21.31 4.14 49.11
C ASP B 848 20.89 4.39 47.66
N GLY B 849 21.84 4.28 46.73
CA GLY B 849 21.52 4.39 45.32
C GLY B 849 22.13 3.26 44.52
N ALA B 850 22.81 3.58 43.43
CA ALA B 850 23.58 2.59 42.69
C ALA B 850 25.06 2.79 43.01
N GLU B 851 25.82 1.70 42.91
CA GLU B 851 27.24 1.69 43.22
C GLU B 851 28.10 1.97 42.00
N ASP B 852 27.62 1.63 40.81
CA ASP B 852 28.41 1.72 39.59
C ASP B 852 28.30 3.10 38.95
N ALA B 853 27.97 4.12 39.74
CA ALA B 853 28.03 5.48 39.24
C ALA B 853 29.46 5.83 38.87
N VAL B 854 29.64 6.43 37.69
CA VAL B 854 30.97 6.62 37.11
C VAL B 854 31.41 8.05 37.33
N VAL B 855 32.68 8.22 37.71
CA VAL B 855 33.29 9.52 37.93
C VAL B 855 34.57 9.61 37.11
N VAL B 856 34.62 10.57 36.19
CA VAL B 856 35.76 10.72 35.30
C VAL B 856 36.22 12.17 35.31
N GLY B 857 37.52 12.39 35.08
CA GLY B 857 38.06 13.72 34.94
C GLY B 857 38.12 14.18 33.50
N SER B 858 38.82 15.29 33.28
CA SER B 858 39.03 15.81 31.93
C SER B 858 40.49 15.76 31.51
N LEU B 859 41.40 16.35 32.28
CA LEU B 859 42.82 16.36 31.96
C LEU B 859 43.62 16.06 33.23
N HIS B 860 44.86 15.60 33.05
CA HIS B 860 45.72 15.28 34.18
C HIS B 860 47.01 16.09 34.08
N ARG B 861 47.90 15.88 35.06
CA ARG B 861 49.17 16.58 35.11
C ARG B 861 50.06 16.24 33.91
N ASP B 862 50.06 14.98 33.48
CA ASP B 862 51.04 14.48 32.51
C ASP B 862 50.49 14.50 31.10
N GLY B 863 49.62 15.44 30.79
CA GLY B 863 49.07 15.55 29.45
C GLY B 863 47.97 16.58 29.32
N GLY B 864 48.01 17.34 28.22
CA GLY B 864 46.95 18.26 27.87
C GLY B 864 46.55 18.23 26.42
N ASP B 865 46.81 17.11 25.80
CA ASP B 865 46.58 17.07 24.35
C ASP B 865 45.19 16.60 24.12
N LEU B 866 44.90 16.29 22.88
CA LEU B 866 43.57 15.74 22.63
C LEU B 866 43.49 14.24 22.93
N SER B 867 44.60 13.53 22.93
CA SER B 867 44.57 12.09 23.20
C SER B 867 44.07 11.81 24.61
N ALA B 868 44.55 12.56 25.60
CA ALA B 868 44.10 12.37 26.97
C ALA B 868 42.61 12.68 27.14
N PHE B 869 42.13 13.76 26.52
CA PHE B 869 40.71 14.09 26.56
C PHE B 869 39.86 13.01 25.89
N LEU B 870 40.32 12.48 24.76
CA LEU B 870 39.59 11.41 24.10
C LEU B 870 39.56 10.14 24.94
N ARG B 871 40.67 9.82 25.64
CA ARG B 871 40.65 8.67 26.53
C ARG B 871 39.73 8.86 27.72
N SER B 872 39.67 10.07 28.29
CA SER B 872 38.70 10.35 29.35
C SER B 872 37.27 10.21 28.82
N MET B 873 37.03 10.71 27.61
CA MET B 873 35.70 10.59 27.01
C MET B 873 35.33 9.12 26.79
N ALA B 874 36.27 8.30 26.33
CA ALA B 874 36.00 6.88 26.14
C ALA B 874 35.78 6.17 27.46
N THR B 875 36.52 6.56 28.50
CA THR B 875 36.29 5.99 29.82
C THR B 875 34.89 6.31 30.33
N ALA B 876 34.43 7.55 30.09
CA ALA B 876 33.05 7.89 30.44
C ALA B 876 32.05 7.13 29.58
N HIS B 877 32.40 6.88 28.31
CA HIS B 877 31.46 6.26 27.37
C HIS B 877 31.26 4.78 27.64
N VAL B 878 32.31 4.06 28.02
CA VAL B 878 32.22 2.61 28.19
C VAL B 878 31.41 2.19 29.40
N SER B 879 30.87 3.15 30.16
CA SER B 879 30.08 2.86 31.34
C SER B 879 28.63 3.29 31.18
N GLY B 880 28.20 3.61 29.97
CA GLY B 880 26.80 3.93 29.73
C GLY B 880 26.54 5.26 29.07
N VAL B 881 27.43 6.23 29.28
CA VAL B 881 27.22 7.57 28.73
C VAL B 881 27.33 7.50 27.21
N ASP B 882 26.37 8.11 26.52
CA ASP B 882 26.31 8.07 25.06
C ASP B 882 27.15 9.20 24.51
N ILE B 883 28.15 8.85 23.69
CA ILE B 883 29.06 9.82 23.11
C ILE B 883 28.94 9.78 21.60
N ARG B 884 28.77 10.95 21.00
CA ARG B 884 28.70 11.09 19.55
C ARG B 884 30.11 11.25 19.01
N TRP B 885 30.57 10.25 18.27
CA TRP B 885 31.96 10.15 17.82
C TRP B 885 32.19 10.73 16.43
N ASP B 886 31.15 11.23 15.76
CA ASP B 886 31.30 11.79 14.43
C ASP B 886 31.92 13.18 14.45
N VAL B 887 31.95 13.87 15.59
CA VAL B 887 32.54 15.19 15.65
C VAL B 887 34.06 15.13 15.48
N ALA B 888 34.71 14.10 16.04
CA ALA B 888 36.16 13.96 16.00
C ALA B 888 36.68 13.52 14.64
N LEU B 889 35.82 13.16 13.70
CA LEU B 889 36.23 12.74 12.37
C LEU B 889 35.44 13.56 11.35
N PRO B 890 35.80 14.83 11.16
CA PRO B 890 35.00 15.71 10.32
C PRO B 890 35.37 15.65 8.85
N GLY B 891 36.28 14.75 8.51
CA GLY B 891 36.76 14.63 7.15
C GLY B 891 36.92 13.20 6.64
N ALA B 892 36.06 12.29 7.10
CA ALA B 892 36.20 10.90 6.71
C ALA B 892 34.90 10.40 6.08
N ALA B 893 34.98 9.20 5.48
CA ALA B 893 33.85 8.54 4.87
C ALA B 893 33.76 7.11 5.42
N PRO B 894 32.56 6.55 5.55
CA PRO B 894 32.43 5.21 6.13
C PRO B 894 33.09 4.15 5.27
N PHE B 895 33.64 3.12 5.93
CA PHE B 895 34.31 2.03 5.28
C PHE B 895 33.42 0.78 5.29
N ALA B 896 33.85 -0.24 4.53
CA ALA B 896 33.17 -1.53 4.48
C ALA B 896 33.80 -2.43 5.53
N LEU B 897 33.02 -2.79 6.55
CA LEU B 897 33.50 -3.53 7.71
C LEU B 897 32.89 -4.92 7.75
N PRO B 898 33.56 -5.88 8.38
CA PRO B 898 32.96 -7.22 8.55
C PRO B 898 31.74 -7.19 9.47
N THR B 899 31.07 -8.32 9.59
CA THR B 899 29.83 -8.42 10.35
C THR B 899 30.10 -9.00 11.75
N TYR B 900 29.02 -9.19 12.50
CA TYR B 900 29.14 -9.66 13.87
C TYR B 900 29.60 -11.12 13.91
N PRO B 901 30.65 -11.44 14.66
CA PRO B 901 31.09 -12.83 14.81
C PRO B 901 30.22 -13.59 15.80
N PHE B 902 29.40 -14.51 15.29
CA PHE B 902 28.52 -15.28 16.13
C PHE B 902 29.27 -16.41 16.83
N GLN B 903 28.77 -16.80 18.01
CA GLN B 903 29.31 -17.91 18.77
C GLN B 903 28.22 -18.99 18.80
N ARG B 904 28.46 -20.10 18.11
CA ARG B 904 27.42 -21.09 17.86
C ARG B 904 27.69 -22.40 18.57
N LYS B 905 26.62 -23.01 19.07
CA LYS B 905 26.61 -24.41 19.48
C LYS B 905 25.71 -25.19 18.54
N ARG B 906 25.60 -26.49 18.77
CA ARG B 906 24.82 -27.37 17.92
C ARG B 906 23.48 -27.67 18.59
N TYR B 907 22.42 -27.07 18.07
CA TYR B 907 21.05 -27.36 18.49
C TYR B 907 20.37 -28.13 17.36
N TRP B 908 20.00 -29.38 17.64
CA TRP B 908 19.40 -30.22 16.62
C TRP B 908 18.51 -31.26 17.28
N LEU B 909 17.22 -31.02 17.26
CA LEU B 909 16.23 -32.05 17.61
C LEU B 909 16.18 -33.06 16.46
N GLN B 910 15.81 -34.29 16.78
CA GLN B 910 15.72 -35.33 15.75
C GLN B 910 14.65 -34.96 14.74
N PRO B 911 14.99 -34.83 13.45
CA PRO B 911 14.04 -34.36 12.43
C PRO B 911 13.00 -35.40 12.04
N GLU C 3 7.98 25.54 -4.09
CA GLU C 3 8.12 25.68 -5.53
C GLU C 3 9.26 26.64 -5.88
N VAL C 4 9.07 27.41 -6.94
CA VAL C 4 10.07 28.41 -7.32
C VAL C 4 10.14 29.50 -6.25
N GLN C 5 11.26 30.21 -6.23
CA GLN C 5 11.55 31.17 -5.18
C GLN C 5 11.72 32.56 -5.76
N LEU C 6 10.95 33.52 -5.23
CA LEU C 6 11.16 34.93 -5.49
C LEU C 6 11.85 35.54 -4.28
N VAL C 7 13.04 36.11 -4.49
CA VAL C 7 13.82 36.71 -3.41
C VAL C 7 13.75 38.22 -3.55
N GLN C 8 13.41 38.90 -2.46
CA GLN C 8 13.11 40.32 -2.47
C GLN C 8 13.94 41.04 -1.42
N SER C 9 14.42 42.24 -1.78
CA SER C 9 15.19 43.06 -0.85
C SER C 9 15.03 44.52 -1.22
N GLY C 10 15.33 45.39 -0.24
CA GLY C 10 15.32 46.81 -0.49
C GLY C 10 14.59 47.67 0.54
N GLY C 11 14.19 47.06 1.66
CA GLY C 11 13.50 47.83 2.69
C GLY C 11 14.44 48.67 3.52
N GLY C 12 13.85 49.58 4.29
CA GLY C 12 14.61 50.42 5.19
C GLY C 12 13.86 51.70 5.52
N LEU C 13 14.61 52.63 6.12
CA LEU C 13 14.10 53.92 6.55
C LEU C 13 14.26 54.96 5.45
N VAL C 14 13.22 55.76 5.23
CA VAL C 14 13.21 56.76 4.18
C VAL C 14 12.76 58.10 4.77
N GLN C 15 13.19 59.19 4.14
CA GLN C 15 12.78 60.57 4.35
C GLN C 15 11.71 60.94 3.33
N PRO C 16 10.64 61.64 3.75
CA PRO C 16 9.55 61.95 2.82
C PRO C 16 10.01 62.89 1.71
N GLY C 17 10.04 62.36 0.48
CA GLY C 17 10.39 63.15 -0.68
C GLY C 17 11.64 62.72 -1.42
N ARG C 18 12.16 61.52 -1.18
CA ARG C 18 13.34 61.04 -1.86
C ARG C 18 13.06 59.68 -2.50
N SER C 19 14.12 59.05 -3.02
CA SER C 19 14.01 57.88 -3.88
C SER C 19 14.41 56.62 -3.14
N LEU C 20 13.94 55.48 -3.66
CA LEU C 20 14.37 54.17 -3.17
C LEU C 20 14.02 53.12 -4.22
N ARG C 21 14.90 52.14 -4.40
CA ARG C 21 14.71 51.10 -5.40
C ARG C 21 14.70 49.73 -4.74
N LEU C 22 13.71 48.92 -5.09
CA LEU C 22 13.62 47.55 -4.62
C LEU C 22 14.43 46.62 -5.54
N SER C 23 14.45 45.33 -5.21
CA SER C 23 15.09 44.34 -6.06
C SER C 23 14.42 42.99 -5.83
N CYS C 24 13.99 42.34 -6.91
CA CYS C 24 13.36 41.02 -6.82
C CYS C 24 13.96 40.10 -7.87
N THR C 25 14.64 39.06 -7.42
CA THR C 25 15.19 38.02 -8.30
C THR C 25 14.30 36.79 -8.27
N ALA C 26 14.42 35.97 -9.31
CA ALA C 26 13.60 34.78 -9.49
C ALA C 26 14.50 33.57 -9.70
N SER C 27 14.21 32.48 -9.00
CA SER C 27 14.94 31.23 -9.15
C SER C 27 13.94 30.09 -9.34
N GLY C 28 14.19 29.27 -10.36
CA GLY C 28 13.33 28.13 -10.66
C GLY C 28 12.51 28.26 -11.92
N PHE C 29 12.44 29.45 -12.52
CA PHE C 29 11.67 29.64 -13.74
C PHE C 29 12.28 30.76 -14.56
N THR C 30 11.90 30.81 -15.84
CA THR C 30 12.41 31.81 -16.77
C THR C 30 11.72 33.14 -16.50
N PHE C 31 12.52 34.15 -16.15
CA PHE C 31 11.97 35.46 -15.83
C PHE C 31 11.55 36.25 -17.06
N GLY C 32 12.08 35.91 -18.23
CA GLY C 32 11.82 36.66 -19.43
C GLY C 32 10.50 36.38 -20.10
N ASP C 33 9.66 35.53 -19.52
CA ASP C 33 8.39 35.14 -20.10
C ASP C 33 7.18 35.61 -19.30
N TYR C 34 7.37 35.93 -18.03
CA TYR C 34 6.29 36.37 -17.15
C TYR C 34 6.23 37.88 -17.04
N ALA C 35 5.01 38.41 -17.02
CA ALA C 35 4.79 39.78 -16.59
C ALA C 35 4.88 39.85 -15.07
N MET C 36 5.21 41.04 -14.56
CA MET C 36 5.41 41.22 -13.13
C MET C 36 4.52 42.33 -12.60
N SER C 37 3.81 42.05 -11.51
CA SER C 37 2.97 43.06 -10.87
C SER C 37 3.48 43.34 -9.47
N TRP C 38 3.14 44.51 -8.95
CA TRP C 38 3.56 44.95 -7.62
C TRP C 38 2.34 45.23 -6.77
N VAL C 39 2.33 44.70 -5.54
CA VAL C 39 1.21 44.88 -4.62
C VAL C 39 1.75 45.42 -3.31
N ARG C 40 1.24 46.57 -2.89
CA ARG C 40 1.62 47.15 -1.62
C ARG C 40 0.64 46.74 -0.53
N GLN C 41 1.14 46.63 0.70
CA GLN C 41 0.32 46.25 1.84
C GLN C 41 0.67 47.16 3.02
N ALA C 42 -0.31 47.93 3.48
CA ALA C 42 -0.17 48.83 4.61
C ALA C 42 -1.24 48.55 5.65
N PRO C 43 -0.97 48.78 6.93
CA PRO C 43 -1.97 48.51 7.97
C PRO C 43 -3.22 49.36 7.79
N GLY C 44 -4.35 48.79 8.19
CA GLY C 44 -5.63 49.44 8.05
C GLY C 44 -6.26 49.32 6.68
N LYS C 45 -5.69 48.51 5.79
CA LYS C 45 -6.20 48.34 4.45
C LYS C 45 -5.75 46.99 3.92
N GLY C 46 -6.41 46.51 2.87
CA GLY C 46 -6.08 45.24 2.26
C GLY C 46 -5.04 45.35 1.17
N LEU C 47 -5.00 44.33 0.32
CA LEU C 47 -4.07 44.31 -0.81
C LEU C 47 -4.44 45.39 -1.81
N GLU C 48 -3.42 45.86 -2.54
CA GLU C 48 -3.61 46.94 -3.51
C GLU C 48 -2.62 46.78 -4.65
N TRP C 49 -3.14 46.56 -5.86
CA TRP C 49 -2.29 46.57 -7.04
C TRP C 49 -1.84 47.98 -7.35
N VAL C 50 -0.54 48.16 -7.57
CA VAL C 50 0.05 49.48 -7.81
C VAL C 50 0.62 49.62 -9.22
N GLY C 51 0.92 48.53 -9.90
CA GLY C 51 1.44 48.62 -11.25
C GLY C 51 1.91 47.26 -11.74
N PHE C 52 2.15 47.20 -13.04
CA PHE C 52 2.64 45.97 -13.65
C PHE C 52 3.37 46.27 -14.94
N ILE C 53 4.35 45.41 -15.24
CA ILE C 53 5.18 45.50 -16.44
C ILE C 53 5.06 44.20 -17.22
N ARG C 54 5.15 44.33 -18.54
CA ARG C 54 4.97 43.25 -19.48
C ARG C 54 6.31 42.61 -19.83
N SER C 55 6.28 41.32 -20.10
CA SER C 55 7.49 40.60 -20.48
C SER C 55 7.87 40.90 -21.92
N LYS C 56 9.09 40.51 -22.29
CA LYS C 56 9.55 40.69 -23.66
C LYS C 56 8.81 39.74 -24.59
N ALA C 57 8.97 39.99 -25.89
CA ALA C 57 8.23 39.39 -27.00
C ALA C 57 6.78 39.84 -27.01
N TYR C 58 6.35 40.64 -26.03
CA TYR C 58 5.03 41.26 -26.03
C TYR C 58 5.14 42.78 -25.90
N GLY C 59 6.35 43.32 -26.04
CA GLY C 59 6.59 44.74 -25.83
C GLY C 59 7.26 45.00 -24.50
N GLY C 60 7.23 46.26 -24.07
CA GLY C 60 7.80 46.63 -22.78
C GLY C 60 6.93 47.64 -22.06
N THR C 61 5.64 47.66 -22.43
CA THR C 61 4.72 48.64 -21.87
C THR C 61 4.51 48.40 -20.37
N THR C 62 4.43 49.51 -19.63
CA THR C 62 4.23 49.48 -18.19
C THR C 62 2.95 50.24 -17.87
N GLU C 63 2.21 49.77 -16.86
CA GLU C 63 1.00 50.45 -16.44
C GLU C 63 1.01 50.62 -14.93
N TYR C 64 0.39 51.70 -14.47
CA TYR C 64 0.44 52.10 -13.07
C TYR C 64 -0.96 52.47 -12.59
N ALA C 65 -1.07 52.75 -11.31
CA ALA C 65 -2.33 53.17 -10.70
C ALA C 65 -2.51 54.68 -10.81
N ALA C 66 -3.72 55.14 -10.50
CA ALA C 66 -4.03 56.56 -10.61
C ALA C 66 -3.26 57.40 -9.59
N SER C 67 -3.12 56.92 -8.36
CA SER C 67 -2.47 57.69 -7.31
C SER C 67 -0.95 57.66 -7.39
N VAL C 68 -0.37 56.82 -8.27
CA VAL C 68 1.07 56.69 -8.37
C VAL C 68 1.59 56.98 -9.76
N LYS C 69 0.72 57.24 -10.74
CA LYS C 69 1.17 57.52 -12.10
C LYS C 69 1.92 58.84 -12.12
N GLY C 70 3.19 58.79 -12.50
CA GLY C 70 4.05 59.95 -12.43
C GLY C 70 4.84 60.07 -11.14
N ARG C 71 4.79 59.06 -10.27
CA ARG C 71 5.51 59.09 -9.01
C ARG C 71 6.41 57.87 -8.86
N PHE C 72 5.98 56.75 -9.43
CA PHE C 72 6.73 55.49 -9.35
C PHE C 72 7.14 55.06 -10.75
N THR C 73 8.12 54.17 -10.82
CA THR C 73 8.48 53.54 -12.09
C THR C 73 8.94 52.12 -11.82
N ILE C 74 8.76 51.24 -12.80
CA ILE C 74 9.14 49.84 -12.69
C ILE C 74 10.02 49.49 -13.88
N SER C 75 11.15 48.84 -13.60
CA SER C 75 12.09 48.42 -14.64
C SER C 75 12.44 46.96 -14.42
N ARG C 76 13.16 46.38 -15.36
CA ARG C 76 13.55 44.98 -15.27
C ARG C 76 14.79 44.75 -16.10
N ASP C 77 15.51 43.68 -15.78
CA ASP C 77 16.62 43.21 -16.60
C ASP C 77 16.52 41.70 -16.71
N ASP C 78 16.32 41.21 -17.93
CA ASP C 78 16.11 39.75 -18.12
C ASP C 78 17.44 39.04 -18.29
N SER C 79 18.51 39.78 -18.66
CA SER C 79 19.81 39.13 -18.73
C SER C 79 20.29 38.74 -17.33
N LYS C 80 20.18 39.65 -16.37
CA LYS C 80 20.49 39.36 -14.98
C LYS C 80 19.23 39.11 -14.17
N SER C 81 18.06 39.31 -14.78
CA SER C 81 16.77 38.77 -14.34
C SER C 81 16.35 39.29 -12.96
N ILE C 82 16.17 40.61 -12.89
CA ILE C 82 15.61 41.24 -11.70
C ILE C 82 14.46 42.14 -12.11
N ALA C 83 13.52 42.33 -11.19
CA ALA C 83 12.50 43.36 -11.26
C ALA C 83 12.84 44.44 -10.24
N TYR C 84 12.82 45.69 -10.70
CA TYR C 84 13.14 46.84 -9.87
C TYR C 84 11.93 47.78 -9.81
N LEU C 85 11.65 48.28 -8.62
CA LEU C 85 10.66 49.33 -8.42
C LEU C 85 11.37 50.55 -7.85
N GLN C 86 11.37 51.64 -8.61
CA GLN C 86 12.04 52.87 -8.21
C GLN C 86 11.00 53.92 -7.85
N MET C 87 11.11 54.47 -6.65
CA MET C 87 10.13 55.40 -6.10
C MET C 87 10.80 56.74 -5.89
N ASN C 88 10.19 57.80 -6.40
CA ASN C 88 10.66 59.17 -6.24
C ASN C 88 9.59 59.98 -5.51
N SER C 89 10.03 60.85 -4.61
CA SER C 89 9.15 61.74 -3.85
C SER C 89 8.12 60.93 -3.06
N LEU C 90 8.65 60.13 -2.14
CA LEU C 90 7.80 59.30 -1.28
C LEU C 90 7.07 60.15 -0.26
N LYS C 91 5.85 59.72 0.07
CA LYS C 91 5.03 60.37 1.09
C LYS C 91 4.88 59.45 2.30
N THR C 92 4.55 60.05 3.43
CA THR C 92 4.56 59.35 4.72
C THR C 92 3.49 58.28 4.85
N GLU C 93 2.52 58.23 3.93
CA GLU C 93 1.45 57.24 4.00
C GLU C 93 1.79 55.94 3.27
N ASP C 94 3.00 55.82 2.73
CA ASP C 94 3.41 54.65 1.97
C ASP C 94 4.35 53.73 2.75
N THR C 95 4.34 53.82 4.08
CA THR C 95 5.11 52.90 4.91
C THR C 95 4.45 51.53 4.83
N ALA C 96 5.01 50.64 4.00
CA ALA C 96 4.29 49.43 3.64
C ALA C 96 5.26 48.32 3.30
N VAL C 97 4.71 47.11 3.15
CA VAL C 97 5.45 45.95 2.70
C VAL C 97 5.06 45.67 1.25
N TYR C 98 6.06 45.42 0.40
CA TYR C 98 5.85 45.30 -1.03
C TYR C 98 6.03 43.85 -1.46
N TYR C 99 5.04 43.32 -2.18
CA TYR C 99 5.09 41.99 -2.75
C TYR C 99 5.22 42.09 -4.27
N CYS C 100 6.02 41.22 -4.85
CA CYS C 100 6.12 41.06 -6.29
C CYS C 100 5.37 39.80 -6.70
N THR C 101 4.45 39.94 -7.65
CA THR C 101 3.56 38.85 -8.05
C THR C 101 3.85 38.47 -9.50
N ARG C 102 3.97 37.17 -9.72
CA ARG C 102 4.18 36.64 -11.06
C ARG C 102 2.88 36.66 -11.85
N GLY C 103 2.95 37.17 -13.07
CA GLY C 103 1.78 37.24 -13.93
C GLY C 103 1.05 38.56 -13.86
N GLY C 104 0.56 39.04 -15.00
CA GLY C 104 -0.12 40.32 -15.05
C GLY C 104 -1.54 40.30 -14.51
N THR C 105 -2.26 39.20 -14.72
CA THR C 105 -3.64 39.10 -14.27
C THR C 105 -3.87 37.93 -13.32
N LEU C 106 -3.31 36.75 -13.61
CA LEU C 106 -3.35 35.64 -12.67
C LEU C 106 -2.23 35.85 -11.68
N PHE C 107 -2.58 36.39 -10.50
CA PHE C 107 -1.59 36.64 -9.45
C PHE C 107 -1.25 35.30 -8.81
N ASP C 108 -0.47 34.51 -9.56
CA ASP C 108 -0.24 33.12 -9.20
C ASP C 108 0.65 33.00 -7.98
N TYR C 109 1.73 33.77 -7.93
CA TYR C 109 2.73 33.63 -6.89
C TYR C 109 2.93 34.97 -6.17
N TRP C 110 3.30 34.88 -4.89
CA TRP C 110 3.51 36.06 -4.06
C TRP C 110 4.81 35.87 -3.29
N GLY C 111 5.69 36.87 -3.35
CA GLY C 111 6.95 36.81 -2.67
C GLY C 111 6.81 37.08 -1.19
N GLN C 112 7.91 36.87 -0.46
CA GLN C 112 7.90 37.07 0.98
C GLN C 112 7.72 38.54 1.35
N GLY C 113 8.20 39.45 0.51
CA GLY C 113 7.97 40.87 0.74
C GLY C 113 8.98 41.50 1.66
N THR C 114 9.17 42.80 1.48
CA THR C 114 10.01 43.61 2.35
C THR C 114 9.22 44.81 2.84
N LEU C 115 9.40 45.14 4.12
CA LEU C 115 8.69 46.24 4.77
C LEU C 115 9.60 47.47 4.77
N VAL C 116 9.31 48.46 3.91
CA VAL C 116 10.12 49.72 3.81
C VAL C 116 9.28 50.89 4.31
N THR C 117 9.86 51.78 5.13
CA THR C 117 9.06 52.85 5.76
C THR C 117 9.67 54.23 5.55
N VAL C 118 8.85 55.24 5.25
CA VAL C 118 9.36 56.64 5.16
C VAL C 118 9.00 57.30 6.49
N SER C 119 9.99 57.87 7.18
CA SER C 119 9.73 58.43 8.53
C SER C 119 10.24 59.87 8.64
N SER C 120 9.51 60.74 9.35
CA SER C 120 9.95 62.11 9.56
C SER C 120 10.50 62.36 10.95
N ALA C 121 10.37 61.40 11.86
CA ALA C 121 10.83 61.55 13.23
C ALA C 121 12.14 60.79 13.45
N SER C 122 12.92 61.29 14.39
CA SER C 122 14.20 60.67 14.74
C SER C 122 14.00 59.60 15.81
N THR C 123 15.08 58.89 16.10
CA THR C 123 15.05 57.87 17.15
C THR C 123 14.86 58.53 18.52
N LYS C 124 14.16 57.82 19.40
CA LYS C 124 13.83 58.37 20.71
C LYS C 124 13.64 57.23 21.70
N GLY C 125 14.18 57.40 22.91
CA GLY C 125 13.98 56.44 23.97
C GLY C 125 12.56 56.45 24.49
N PRO C 126 12.11 55.32 25.00
CA PRO C 126 10.73 55.22 25.50
C PRO C 126 10.58 55.92 26.85
N SER C 127 9.32 56.08 27.25
CA SER C 127 8.97 56.67 28.54
C SER C 127 7.90 55.77 29.16
N VAL C 128 8.30 54.91 30.08
CA VAL C 128 7.42 53.90 30.66
C VAL C 128 6.75 54.46 31.91
N PHE C 129 5.42 54.41 31.93
CA PHE C 129 4.62 54.91 33.03
C PHE C 129 3.82 53.79 33.67
N PRO C 130 3.74 53.74 35.00
CA PRO C 130 2.94 52.70 35.66
C PRO C 130 1.44 52.95 35.49
N LEU C 131 0.69 51.86 35.62
CA LEU C 131 -0.78 51.88 35.51
C LEU C 131 -1.36 51.30 36.78
N ALA C 132 -1.89 52.15 37.65
CA ALA C 132 -2.49 51.74 38.92
C ALA C 132 -3.95 51.36 38.72
N PRO C 133 -4.37 50.19 39.21
CA PRO C 133 -5.77 49.77 39.05
C PRO C 133 -6.69 50.59 39.94
N SER C 134 -7.69 51.22 39.33
CA SER C 134 -8.68 52.01 40.04
C SER C 134 -10.07 51.73 39.51
N SER C 135 -10.38 50.45 39.25
CA SER C 135 -11.69 50.07 38.73
C SER C 135 -12.51 49.35 39.79
N ALA C 143 -7.44 44.54 39.84
CA ALA C 143 -6.62 43.33 39.77
C ALA C 143 -5.54 43.47 38.69
N ALA C 144 -5.96 43.82 37.49
CA ALA C 144 -5.02 43.99 36.39
C ALA C 144 -4.13 45.20 36.61
N LEU C 145 -2.88 45.08 36.18
CA LEU C 145 -1.91 46.16 36.33
C LEU C 145 -0.87 46.05 35.22
N GLY C 146 -0.34 47.18 34.79
CA GLY C 146 0.61 47.17 33.71
C GLY C 146 1.38 48.46 33.60
N CYS C 147 2.08 48.60 32.48
CA CYS C 147 2.85 49.80 32.19
C CYS C 147 2.74 50.16 30.71
N LEU C 148 2.81 51.46 30.44
CA LEU C 148 2.61 52.02 29.11
C LEU C 148 3.96 52.51 28.57
N VAL C 149 4.34 52.03 27.39
CA VAL C 149 5.55 52.47 26.71
C VAL C 149 5.12 53.50 25.66
N LYS C 150 5.57 54.74 25.83
CA LYS C 150 5.08 55.85 25.03
C LYS C 150 6.24 56.65 24.45
N ASP C 151 6.04 57.16 23.24
CA ASP C 151 6.95 58.09 22.58
C ASP C 151 8.36 57.50 22.43
N TYR C 152 8.42 56.44 21.62
CA TYR C 152 9.69 55.80 21.28
C TYR C 152 9.75 55.57 19.78
N PHE C 153 10.97 55.34 19.30
CA PHE C 153 11.25 55.15 17.87
C PHE C 153 12.64 54.56 17.76
N PRO C 154 12.85 53.53 16.92
CA PRO C 154 11.87 52.79 16.11
C PRO C 154 11.45 51.45 16.73
N GLU C 155 10.73 50.64 15.94
CA GLU C 155 10.41 49.29 16.34
C GLU C 155 11.67 48.43 16.37
N PRO C 156 11.66 47.32 17.13
CA PRO C 156 10.64 46.97 18.12
C PRO C 156 11.09 47.29 19.54
N VAL C 157 10.24 46.96 20.52
CA VAL C 157 10.59 46.98 21.93
C VAL C 157 10.14 45.67 22.56
N THR C 158 10.81 45.29 23.64
CA THR C 158 10.52 44.07 24.37
C THR C 158 10.15 44.41 25.80
N VAL C 159 9.10 43.76 26.30
CA VAL C 159 8.63 43.95 27.66
C VAL C 159 8.68 42.62 28.40
N SER C 160 9.12 42.67 29.65
CA SER C 160 9.21 41.48 30.48
C SER C 160 8.74 41.81 31.88
N TRP C 161 8.26 40.79 32.57
CA TRP C 161 7.76 40.92 33.95
C TRP C 161 8.55 40.01 34.86
N ASN C 162 9.04 40.58 35.96
CA ASN C 162 9.84 39.85 36.95
C ASN C 162 11.08 39.20 36.31
N SER C 163 11.71 39.94 35.39
CA SER C 163 12.90 39.47 34.69
C SER C 163 12.66 38.13 33.99
N GLY C 164 11.50 37.98 33.35
CA GLY C 164 11.16 36.77 32.65
C GLY C 164 10.55 35.66 33.48
N ALA C 165 10.17 35.94 34.72
CA ALA C 165 9.57 34.92 35.57
C ALA C 165 8.06 34.78 35.34
N LEU C 166 7.34 35.91 35.40
CA LEU C 166 5.89 35.89 35.21
C LEU C 166 5.59 36.01 33.73
N THR C 167 5.10 34.93 33.13
CA THR C 167 4.76 34.91 31.71
C THR C 167 3.30 34.62 31.43
N SER C 168 2.50 34.34 32.46
CA SER C 168 1.09 34.03 32.30
C SER C 168 0.24 35.26 32.61
N GLY C 169 -0.78 35.48 31.78
CA GLY C 169 -1.68 36.60 31.96
C GLY C 169 -1.19 37.91 31.36
N VAL C 170 -0.01 37.93 30.75
CA VAL C 170 0.50 39.16 30.15
C VAL C 170 -0.19 39.39 28.81
N HIS C 171 -0.59 40.62 28.55
CA HIS C 171 -1.29 41.00 27.33
C HIS C 171 -0.59 42.23 26.74
N THR C 172 0.45 41.98 25.94
CA THR C 172 1.06 43.06 25.18
C THR C 172 0.18 43.44 24.00
N PHE C 173 0.38 44.65 23.50
CA PHE C 173 -0.43 45.15 22.40
C PHE C 173 0.45 45.72 21.31
N PRO C 174 0.03 45.62 20.05
CA PRO C 174 0.81 46.22 18.97
C PRO C 174 0.85 47.73 19.10
N ALA C 175 1.97 48.31 18.70
CA ALA C 175 2.18 49.76 18.80
C ALA C 175 1.50 50.44 17.62
N VAL C 176 0.30 50.95 17.85
CA VAL C 176 -0.43 51.64 16.80
C VAL C 176 0.14 53.05 16.64
N LEU C 177 0.53 53.41 15.42
CA LEU C 177 1.02 54.74 15.13
C LEU C 177 -0.10 55.76 15.32
N GLN C 178 0.14 56.76 16.15
CA GLN C 178 -0.82 57.83 16.37
C GLN C 178 -0.66 58.89 15.28
N SER C 179 -1.31 60.03 15.45
CA SER C 179 -1.24 61.09 14.45
C SER C 179 0.04 61.91 14.52
N SER C 180 0.87 61.72 15.55
CA SER C 180 2.10 62.49 15.69
C SER C 180 3.26 61.89 14.90
N GLY C 181 3.53 60.60 15.11
CA GLY C 181 4.63 59.95 14.43
C GLY C 181 5.51 59.12 15.35
N LEU C 182 5.07 58.93 16.59
CA LEU C 182 5.80 58.13 17.56
C LEU C 182 4.91 56.99 18.05
N TYR C 183 5.55 55.96 18.59
CA TYR C 183 4.89 54.70 18.90
C TYR C 183 4.56 54.62 20.38
N SER C 184 3.46 53.91 20.68
CA SER C 184 3.00 53.77 22.06
C SER C 184 2.18 52.49 22.18
N LEU C 185 2.58 51.61 23.10
CA LEU C 185 1.85 50.38 23.41
C LEU C 185 1.72 50.26 24.92
N SER C 186 1.04 49.20 25.35
CA SER C 186 0.86 48.93 26.77
C SER C 186 1.00 47.44 27.04
N SER C 187 1.50 47.11 28.22
CA SER C 187 1.62 45.71 28.66
C SER C 187 0.94 45.58 30.01
N VAL C 188 -0.10 44.75 30.08
CA VAL C 188 -0.92 44.61 31.28
C VAL C 188 -1.00 43.13 31.63
N VAL C 189 -0.70 42.80 32.89
CA VAL C 189 -0.90 41.47 33.41
C VAL C 189 -2.10 41.48 34.35
N THR C 190 -2.60 40.29 34.68
CA THR C 190 -3.73 40.13 35.58
C THR C 190 -3.30 39.28 36.77
N VAL C 191 -3.58 39.77 37.98
CA VAL C 191 -3.23 39.06 39.19
C VAL C 191 -4.30 39.30 40.26
N PRO C 192 -4.76 38.25 40.95
CA PRO C 192 -5.73 38.45 42.04
C PRO C 192 -5.04 38.85 43.33
N SER C 193 -5.67 39.76 44.06
CA SER C 193 -5.15 40.22 45.34
C SER C 193 -6.25 40.84 46.19
N THR C 200 7.55 44.47 44.28
CA THR C 200 6.86 43.19 44.11
C THR C 200 6.58 42.90 42.64
N TYR C 201 5.87 43.82 41.98
CA TYR C 201 5.50 43.68 40.58
C TYR C 201 6.18 44.79 39.79
N ILE C 202 7.10 44.41 38.92
CA ILE C 202 7.84 45.35 38.08
C ILE C 202 7.81 44.86 36.64
N CYS C 203 7.83 45.80 35.71
CA CYS C 203 7.97 45.51 34.29
C CYS C 203 9.28 46.09 33.79
N ASN C 204 10.00 45.28 33.00
CA ASN C 204 11.31 45.64 32.47
C ASN C 204 11.16 45.87 30.97
N VAL C 205 11.37 47.10 30.53
CA VAL C 205 11.24 47.48 29.12
C VAL C 205 12.63 47.73 28.56
N ASN C 206 12.92 47.08 27.44
CA ASN C 206 14.24 47.14 26.81
C ASN C 206 14.08 47.69 25.38
N HIS C 207 14.67 48.86 25.14
CA HIS C 207 14.75 49.43 23.79
C HIS C 207 16.18 49.24 23.31
N LYS C 208 16.36 48.37 22.33
CA LYS C 208 17.67 47.89 21.91
C LYS C 208 18.44 48.91 21.05
N PRO C 209 17.88 49.43 19.94
CA PRO C 209 18.67 50.34 19.10
C PRO C 209 19.10 51.63 19.79
N SER C 210 18.40 52.05 20.85
CA SER C 210 18.86 53.16 21.68
C SER C 210 19.55 52.70 22.95
N ASN C 211 19.55 51.39 23.23
CA ASN C 211 20.27 50.80 24.35
C ASN C 211 19.83 51.39 25.68
N THR C 212 18.56 51.21 26.01
CA THR C 212 18.02 51.60 27.31
C THR C 212 17.21 50.47 27.91
N LYS C 213 17.32 50.30 29.22
CA LYS C 213 16.63 49.23 29.95
C LYS C 213 16.06 49.82 31.23
N VAL C 214 14.75 49.96 31.29
CA VAL C 214 14.07 50.55 32.45
C VAL C 214 13.32 49.45 33.20
N ASP C 215 13.31 49.57 34.51
CA ASP C 215 12.62 48.62 35.39
C ASP C 215 11.66 49.43 36.27
N LYS C 216 10.37 49.41 35.91
CA LYS C 216 9.39 50.26 36.57
C LYS C 216 8.43 49.42 37.39
N LYS C 217 8.27 49.80 38.65
CA LYS C 217 7.36 49.10 39.55
C LYS C 217 5.93 49.61 39.36
N VAL C 218 4.97 48.69 39.45
CA VAL C 218 3.55 48.99 39.26
C VAL C 218 2.82 48.66 40.55
N GLU C 219 2.01 49.61 41.02
CA GLU C 219 1.28 49.43 42.28
C GLU C 219 0.16 48.41 42.08
N PRO C 220 0.07 47.36 42.90
CA PRO C 220 -0.98 46.35 42.81
C PRO C 220 -2.33 46.82 43.34
N ASP D 17 -18.85 49.68 -16.26
CA ASP D 17 -17.60 49.12 -16.77
C ASP D 17 -17.15 47.88 -15.97
N VAL D 18 -16.49 48.07 -14.84
CA VAL D 18 -16.02 46.94 -14.04
C VAL D 18 -17.20 46.33 -13.30
N VAL D 19 -17.34 45.00 -13.40
CA VAL D 19 -18.42 44.31 -12.72
C VAL D 19 -18.14 44.26 -11.22
N MET D 20 -19.13 44.65 -10.43
CA MET D 20 -18.97 44.65 -8.97
C MET D 20 -19.09 43.24 -8.43
N THR D 21 -18.20 42.90 -7.50
CA THR D 21 -18.22 41.61 -6.83
C THR D 21 -18.14 41.83 -5.33
N GLN D 22 -18.72 40.88 -4.58
CA GLN D 22 -18.79 41.02 -3.13
C GLN D 22 -18.69 39.63 -2.50
N SER D 23 -18.69 39.61 -1.17
CA SER D 23 -18.65 38.38 -0.39
C SER D 23 -18.99 38.74 1.05
N PRO D 24 -19.53 37.81 1.83
CA PRO D 24 -19.75 38.07 3.25
C PRO D 24 -18.44 38.40 3.94
N LEU D 25 -18.50 39.37 4.86
CA LEU D 25 -17.27 39.92 5.44
C LEU D 25 -16.63 38.95 6.42
N SER D 26 -17.41 38.29 7.27
CA SER D 26 -16.87 37.38 8.26
C SER D 26 -17.81 36.21 8.45
N LEU D 27 -17.23 35.04 8.72
CA LEU D 27 -18.02 33.83 8.94
C LEU D 27 -17.21 32.82 9.74
N PRO D 28 -17.20 32.93 11.07
CA PRO D 28 -16.50 31.92 11.90
C PRO D 28 -17.21 30.58 11.83
N VAL D 29 -16.46 29.54 11.46
CA VAL D 29 -17.00 28.20 11.30
C VAL D 29 -16.18 27.23 12.14
N THR D 30 -16.85 26.44 12.96
CA THR D 30 -16.16 25.42 13.74
C THR D 30 -15.64 24.30 12.84
N PRO D 31 -14.51 23.70 13.18
CA PRO D 31 -13.98 22.60 12.36
C PRO D 31 -14.95 21.43 12.30
N GLY D 32 -14.99 20.79 11.14
CA GLY D 32 -15.85 19.64 10.91
C GLY D 32 -17.13 19.92 10.15
N GLU D 33 -17.25 21.06 9.48
CA GLU D 33 -18.46 21.40 8.76
C GLU D 33 -18.14 21.77 7.31
N PRO D 34 -19.06 21.52 6.39
CA PRO D 34 -18.88 21.95 4.99
C PRO D 34 -19.16 23.43 4.80
N ALA D 35 -18.16 24.26 5.11
CA ALA D 35 -18.30 25.69 5.00
C ALA D 35 -18.39 26.11 3.52
N SER D 36 -18.93 27.31 3.30
CA SER D 36 -19.14 27.80 1.94
C SER D 36 -18.98 29.31 1.92
N ILE D 37 -18.42 29.81 0.81
CA ILE D 37 -18.30 31.24 0.55
C ILE D 37 -18.92 31.52 -0.81
N SER D 38 -19.56 32.68 -0.94
CA SER D 38 -20.27 33.03 -2.16
C SER D 38 -19.72 34.34 -2.71
N CYS D 39 -19.89 34.52 -4.02
CA CYS D 39 -19.42 35.70 -4.74
C CYS D 39 -20.53 36.12 -5.71
N ARG D 40 -21.41 36.99 -5.26
CA ARG D 40 -22.59 37.41 -6.03
C ARG D 40 -22.23 38.66 -6.82
N SER D 41 -21.90 38.47 -8.11
CA SER D 41 -21.52 39.62 -8.97
C SER D 41 -22.78 40.36 -9.44
N SER D 42 -22.59 41.54 -10.05
CA SER D 42 -23.75 42.35 -10.52
C SER D 42 -24.14 41.91 -11.93
N GLN D 43 -23.17 41.78 -12.84
CA GLN D 43 -23.46 41.40 -14.24
C GLN D 43 -22.92 39.99 -14.50
N SER D 44 -23.36 39.35 -15.59
CA SER D 44 -22.87 37.98 -15.94
C SER D 44 -21.34 37.98 -16.08
N LEU D 45 -20.67 36.98 -15.51
CA LEU D 45 -19.18 36.89 -15.56
C LEU D 45 -18.77 35.51 -16.08
N LEU D 46 -18.60 35.37 -17.40
CA LEU D 46 -18.28 34.04 -17.98
C LEU D 46 -17.13 34.16 -18.99
N HIS D 47 -16.46 33.05 -19.29
CA HIS D 47 -15.36 33.04 -20.29
C HIS D 47 -15.78 32.17 -21.47
N SER D 48 -15.65 32.69 -22.70
CA SER D 48 -15.99 31.90 -23.91
C SER D 48 -15.04 30.71 -24.05
N ASN D 49 -13.74 30.97 -24.08
CA ASN D 49 -12.74 29.89 -24.28
C ASN D 49 -12.75 28.95 -23.06
N GLY D 50 -12.85 29.50 -21.85
CA GLY D 50 -12.89 28.68 -20.63
C GLY D 50 -14.31 28.46 -20.15
N TYR D 51 -14.55 28.62 -18.84
CA TYR D 51 -15.93 28.49 -18.31
C TYR D 51 -16.39 29.84 -17.76
N ASN D 52 -15.87 30.24 -16.60
CA ASN D 52 -16.31 31.52 -15.97
C ASN D 52 -15.11 32.45 -15.84
N TYR D 53 -15.33 33.77 -15.90
CA TYR D 53 -14.22 34.73 -15.71
C TYR D 53 -14.13 35.08 -14.22
N LEU D 54 -13.55 34.18 -13.43
CA LEU D 54 -13.47 34.41 -11.95
C LEU D 54 -12.26 33.68 -11.38
N ASP D 55 -11.64 34.22 -10.32
CA ASP D 55 -10.49 33.55 -9.66
C ASP D 55 -10.59 33.73 -8.14
N TRP D 56 -10.64 32.62 -7.39
CA TRP D 56 -10.68 32.69 -5.91
C TRP D 56 -9.26 32.74 -5.36
N TYR D 57 -9.07 33.39 -4.20
CA TYR D 57 -7.71 33.55 -3.62
C TYR D 57 -7.75 33.34 -2.11
N LEU D 58 -6.58 33.10 -1.49
CA LEU D 58 -6.50 32.95 -0.04
C LEU D 58 -5.23 33.61 0.47
N GLN D 59 -5.29 34.12 1.70
CA GLN D 59 -4.11 34.63 2.39
C GLN D 59 -4.25 34.37 3.87
N LYS D 60 -3.33 33.56 4.43
CA LYS D 60 -3.30 33.38 5.86
C LYS D 60 -2.73 34.62 6.54
N PRO D 61 -3.13 34.89 7.79
CA PRO D 61 -2.68 36.13 8.46
C PRO D 61 -1.19 36.10 8.79
N GLY D 62 -0.43 37.02 8.17
CA GLY D 62 0.97 37.16 8.46
C GLY D 62 1.94 36.77 7.35
N GLN D 63 1.43 36.25 6.23
CA GLN D 63 2.31 35.87 5.13
C GLN D 63 1.70 36.25 3.79
N SER D 64 2.36 35.83 2.70
CA SER D 64 2.00 36.09 1.31
C SER D 64 0.73 35.33 0.94
N PRO D 65 -0.13 35.92 0.10
CA PRO D 65 -1.34 35.23 -0.34
C PRO D 65 -1.04 34.07 -1.28
N GLN D 66 -2.08 33.37 -1.73
CA GLN D 66 -1.92 32.26 -2.65
C GLN D 66 -3.18 32.12 -3.49
N LEU D 67 -3.02 31.45 -4.64
CA LEU D 67 -4.14 31.17 -5.52
C LEU D 67 -4.80 29.86 -5.15
N LEU D 68 -6.14 29.86 -5.14
CA LEU D 68 -6.91 28.65 -4.88
C LEU D 68 -7.63 28.13 -6.12
N ILE D 69 -8.42 28.97 -6.78
CA ILE D 69 -9.32 28.51 -7.84
C ILE D 69 -9.18 29.45 -9.03
N TYR D 70 -9.12 28.89 -10.24
CA TYR D 70 -9.01 29.68 -11.45
C TYR D 70 -9.97 29.17 -12.53
N LEU D 71 -10.60 30.14 -13.22
CA LEU D 71 -11.90 30.00 -13.90
C LEU D 71 -13.06 29.76 -12.92
N GLY D 72 -12.74 29.67 -11.63
CA GLY D 72 -13.77 29.27 -10.69
C GLY D 72 -14.13 27.81 -10.86
N SER D 73 -13.32 27.07 -11.62
CA SER D 73 -13.61 25.68 -11.93
C SER D 73 -12.45 24.76 -11.54
N ASN D 74 -11.22 25.20 -11.76
CA ASN D 74 -10.05 24.38 -11.45
C ASN D 74 -9.77 24.36 -9.95
N ARG D 75 -8.93 23.41 -9.56
CA ARG D 75 -8.38 23.34 -8.21
C ARG D 75 -6.87 23.45 -8.35
N ALA D 76 -6.28 24.42 -7.66
CA ALA D 76 -4.86 24.69 -7.80
C ALA D 76 -4.02 23.51 -7.30
N SER D 77 -2.83 23.37 -7.87
CA SER D 77 -1.90 22.34 -7.45
C SER D 77 -1.14 22.82 -6.22
N GLY D 78 -1.12 21.99 -5.18
CA GLY D 78 -0.49 22.32 -3.91
C GLY D 78 -1.46 22.69 -2.81
N VAL D 79 -2.71 23.02 -3.14
CA VAL D 79 -3.72 23.31 -2.13
C VAL D 79 -4.54 22.05 -1.91
N PRO D 80 -5.12 21.86 -0.73
CA PRO D 80 -5.74 20.56 -0.40
C PRO D 80 -6.94 20.23 -1.28
N ASP D 81 -7.36 18.96 -1.18
CA ASP D 81 -8.43 18.45 -2.00
C ASP D 81 -9.80 19.00 -1.60
N ARG D 82 -10.00 19.29 -0.30
CA ARG D 82 -11.30 19.70 0.19
C ARG D 82 -11.80 20.99 -0.44
N PHE D 83 -10.91 21.79 -1.03
CA PHE D 83 -11.33 22.98 -1.74
C PHE D 83 -11.92 22.61 -3.11
N SER D 84 -12.81 23.46 -3.60
CA SER D 84 -13.44 23.30 -4.90
C SER D 84 -14.07 24.63 -5.28
N GLY D 85 -14.80 24.65 -6.39
CA GLY D 85 -15.47 25.87 -6.82
C GLY D 85 -16.49 25.61 -7.92
N SER D 86 -17.60 26.32 -7.88
CA SER D 86 -18.65 26.14 -8.88
C SER D 86 -19.46 27.43 -8.98
N GLY D 87 -20.45 27.42 -9.86
CA GLY D 87 -21.30 28.57 -10.08
C GLY D 87 -21.19 29.10 -11.50
N SER D 88 -22.05 30.06 -11.80
CA SER D 88 -22.11 30.68 -13.11
C SER D 88 -22.96 31.93 -13.02
N GLY D 89 -23.15 32.59 -14.17
CA GLY D 89 -23.95 33.79 -14.24
C GLY D 89 -23.45 34.88 -13.33
N THR D 90 -24.18 35.13 -12.25
CA THR D 90 -23.77 36.09 -11.24
C THR D 90 -23.48 35.48 -9.87
N ASP D 91 -23.74 34.17 -9.70
CA ASP D 91 -23.59 33.52 -8.41
C ASP D 91 -22.55 32.43 -8.48
N PHE D 92 -21.63 32.43 -7.52
CA PHE D 92 -20.57 31.43 -7.45
C PHE D 92 -20.43 30.96 -6.01
N THR D 93 -19.85 29.78 -5.85
CA THR D 93 -19.70 29.16 -4.54
C THR D 93 -18.34 28.48 -4.43
N LEU D 94 -17.67 28.70 -3.30
CA LEU D 94 -16.40 28.05 -2.97
C LEU D 94 -16.71 26.99 -1.92
N LYS D 95 -17.04 25.79 -2.40
CA LYS D 95 -17.52 24.71 -1.52
C LYS D 95 -16.33 24.04 -0.86
N ILE D 96 -16.17 24.28 0.44
CA ILE D 96 -15.14 23.61 1.23
C ILE D 96 -15.76 22.41 1.93
N SER D 97 -15.06 21.27 1.89
CA SER D 97 -15.57 20.04 2.47
C SER D 97 -15.45 20.02 3.99
N ARG D 98 -14.26 20.31 4.51
CA ARG D 98 -14.01 20.28 5.94
C ARG D 98 -13.17 21.50 6.34
N VAL D 99 -13.19 21.81 7.64
CA VAL D 99 -12.49 22.95 8.19
C VAL D 99 -11.46 22.45 9.19
N GLU D 100 -10.23 22.95 9.08
CA GLU D 100 -9.15 22.55 9.97
C GLU D 100 -8.56 23.74 10.71
N ALA D 101 -7.49 23.49 11.47
CA ALA D 101 -6.91 24.53 12.31
C ALA D 101 -6.28 25.66 11.51
N GLU D 102 -5.55 25.33 10.43
CA GLU D 102 -4.83 26.33 9.64
C GLU D 102 -5.68 26.89 8.50
N ASP D 103 -7.00 26.82 8.62
CA ASP D 103 -7.89 27.35 7.61
C ASP D 103 -8.20 28.84 7.81
N VAL D 104 -7.77 29.42 8.93
CA VAL D 104 -8.07 30.82 9.20
C VAL D 104 -7.35 31.72 8.20
N GLY D 105 -7.90 32.92 8.00
CA GLY D 105 -7.31 33.87 7.08
C GLY D 105 -8.30 34.75 6.37
N VAL D 106 -7.97 35.15 5.14
CA VAL D 106 -8.85 36.01 4.34
C VAL D 106 -8.99 35.41 2.95
N TYR D 107 -10.22 35.45 2.45
CA TYR D 107 -10.56 34.93 1.12
C TYR D 107 -10.92 36.10 0.21
N TYR D 108 -10.58 35.98 -1.06
CA TYR D 108 -10.86 37.02 -2.04
C TYR D 108 -11.44 36.43 -3.32
N CYS D 109 -12.32 37.20 -3.95
CA CYS D 109 -12.97 36.83 -5.20
C CYS D 109 -12.66 37.90 -6.23
N MET D 110 -12.01 37.52 -7.33
CA MET D 110 -11.60 38.46 -8.35
C MET D 110 -12.11 38.03 -9.72
N GLN D 111 -12.37 39.03 -10.56
CA GLN D 111 -12.90 38.83 -11.90
C GLN D 111 -11.88 39.29 -12.93
N SER D 112 -11.89 38.66 -14.10
CA SER D 112 -10.92 38.94 -15.16
C SER D 112 -11.62 39.09 -16.51
N LEU D 113 -12.72 39.84 -16.55
CA LEU D 113 -13.38 40.12 -17.82
C LEU D 113 -12.71 41.29 -18.54
N GLN D 114 -12.37 42.35 -17.80
CA GLN D 114 -11.61 43.47 -18.35
C GLN D 114 -10.60 43.94 -17.31
N THR D 115 -9.44 44.38 -17.80
CA THR D 115 -8.33 44.81 -16.98
C THR D 115 -7.84 46.18 -17.42
N PRO D 116 -7.27 46.97 -16.51
CA PRO D 116 -7.08 46.70 -15.07
C PRO D 116 -8.37 46.85 -14.27
N ARG D 117 -8.54 45.99 -13.27
CA ARG D 117 -9.71 46.06 -12.40
C ARG D 117 -9.46 47.04 -11.26
N LEU D 118 -10.55 47.41 -10.59
CA LEU D 118 -10.48 48.30 -9.43
C LEU D 118 -11.32 47.81 -8.26
N THR D 119 -12.14 46.77 -8.43
CA THR D 119 -12.90 46.19 -7.33
C THR D 119 -12.12 45.00 -6.78
N PHE D 120 -11.08 45.32 -6.02
CA PHE D 120 -10.18 44.28 -5.52
C PHE D 120 -10.85 43.39 -4.47
N GLY D 121 -11.68 43.96 -3.61
CA GLY D 121 -12.45 43.18 -2.67
C GLY D 121 -11.91 43.24 -1.25
N PRO D 122 -12.78 43.59 -0.30
CA PRO D 122 -12.35 43.60 1.11
C PRO D 122 -11.93 42.23 1.62
N GLY D 123 -12.57 41.15 1.16
CA GLY D 123 -12.21 39.82 1.58
C GLY D 123 -12.97 39.31 2.78
N THR D 124 -13.20 37.99 2.82
CA THR D 124 -13.89 37.36 3.94
C THR D 124 -12.88 36.89 4.98
N LYS D 125 -13.08 37.31 6.23
CA LYS D 125 -12.21 36.87 7.31
C LYS D 125 -12.78 35.61 7.96
N VAL D 126 -11.98 34.55 8.01
CA VAL D 126 -12.39 33.27 8.56
C VAL D 126 -11.51 32.95 9.77
N ASP D 127 -12.15 32.55 10.86
CA ASP D 127 -11.46 32.23 12.10
C ASP D 127 -12.21 31.10 12.80
N ILE D 128 -11.88 30.87 14.07
CA ILE D 128 -12.48 29.79 14.85
C ILE D 128 -13.71 30.32 15.57
N LYS D 129 -14.81 29.56 15.48
CA LYS D 129 -16.07 29.96 16.10
C LYS D 129 -16.15 29.46 17.53
N ARG D 130 -16.60 30.34 18.43
CA ARG D 130 -16.79 30.00 19.83
C ARG D 130 -18.09 30.63 20.31
N THR D 131 -18.50 30.26 21.52
CA THR D 131 -19.70 30.84 22.12
C THR D 131 -19.46 32.31 22.48
N VAL D 132 -20.56 33.01 22.77
CA VAL D 132 -20.48 34.43 23.08
C VAL D 132 -19.74 34.63 24.40
N ALA D 133 -18.94 35.69 24.46
CA ALA D 133 -18.16 36.01 25.65
C ALA D 133 -18.28 37.50 25.95
N ALA D 134 -18.21 37.84 27.23
CA ALA D 134 -18.33 39.22 27.68
C ALA D 134 -16.99 39.75 28.17
N PRO D 135 -16.62 40.97 27.80
CA PRO D 135 -15.34 41.53 28.24
C PRO D 135 -15.39 42.04 29.67
N SER D 136 -14.26 41.90 30.36
CA SER D 136 -14.03 42.58 31.62
C SER D 136 -13.38 43.92 31.35
N VAL D 137 -13.91 44.97 31.96
CA VAL D 137 -13.51 46.34 31.68
C VAL D 137 -12.64 46.85 32.82
N PHE D 138 -11.55 47.52 32.46
CA PHE D 138 -10.64 48.14 33.41
C PHE D 138 -10.27 49.52 32.90
N ILE D 139 -10.55 50.55 33.70
CA ILE D 139 -10.18 51.91 33.36
C ILE D 139 -8.97 52.32 34.19
N PHE D 140 -7.87 52.66 33.51
CA PHE D 140 -6.65 53.05 34.19
C PHE D 140 -6.37 54.52 33.93
N PRO D 141 -6.37 55.37 34.96
CA PRO D 141 -6.00 56.76 34.78
C PRO D 141 -4.49 56.94 34.80
N PRO D 142 -3.98 58.10 34.41
CA PRO D 142 -2.53 58.32 34.46
C PRO D 142 -2.01 58.33 35.89
N SER D 143 -0.75 57.94 36.05
CA SER D 143 -0.12 57.91 37.36
C SER D 143 0.24 59.32 37.81
N ASP D 144 0.52 59.44 39.11
CA ASP D 144 0.85 60.75 39.69
C ASP D 144 2.17 61.29 39.13
N GLU D 145 3.18 60.45 38.97
CA GLU D 145 4.42 60.92 38.37
C GLU D 145 4.22 61.27 36.90
N GLN D 146 3.32 60.57 36.21
CA GLN D 146 2.93 60.97 34.86
C GLN D 146 2.24 62.33 34.86
N LEU D 147 1.42 62.59 35.88
CA LEU D 147 0.83 63.93 36.03
C LEU D 147 1.91 64.98 36.25
N LYS D 148 2.93 64.68 37.05
CA LYS D 148 4.05 65.59 37.22
C LYS D 148 4.84 65.78 35.93
N SER D 149 4.88 64.77 35.06
CA SER D 149 5.61 64.90 33.81
C SER D 149 5.02 65.99 32.91
N GLY D 150 3.70 66.06 32.83
CA GLY D 150 3.02 67.06 32.04
C GLY D 150 2.18 66.53 30.89
N THR D 151 1.84 65.25 30.88
CA THR D 151 1.01 64.68 29.82
C THR D 151 0.20 63.54 30.42
N ALA D 152 -1.11 63.56 30.18
CA ALA D 152 -2.03 62.58 30.75
C ALA D 152 -2.41 61.55 29.69
N SER D 153 -2.78 60.35 30.16
CA SER D 153 -3.18 59.28 29.25
C SER D 153 -3.97 58.25 30.04
N VAL D 154 -5.25 58.08 29.68
CA VAL D 154 -6.09 57.06 30.27
C VAL D 154 -6.18 55.88 29.31
N VAL D 155 -6.53 54.71 29.83
CA VAL D 155 -6.71 53.54 28.98
C VAL D 155 -7.96 52.79 29.43
N CYS D 156 -8.75 52.34 28.45
CA CYS D 156 -9.97 51.57 28.69
C CYS D 156 -9.75 50.17 28.12
N LEU D 157 -9.34 49.24 28.98
CA LEU D 157 -8.99 47.90 28.55
C LEU D 157 -10.19 46.96 28.67
N LEU D 158 -10.41 46.20 27.60
CA LEU D 158 -11.43 45.15 27.57
C LEU D 158 -10.71 43.82 27.41
N ASN D 159 -11.04 42.86 28.27
CA ASN D 159 -10.32 41.59 28.32
C ASN D 159 -11.28 40.42 28.18
N ASN D 160 -10.83 39.40 27.44
CA ASN D 160 -11.49 38.09 27.35
C ASN D 160 -12.93 38.23 26.84
N PHE D 161 -13.04 38.66 25.58
CA PHE D 161 -14.34 38.79 24.93
C PHE D 161 -14.27 38.16 23.54
N TYR D 162 -15.45 37.73 23.06
CA TYR D 162 -15.62 37.14 21.74
C TYR D 162 -17.09 37.16 21.40
N PRO D 163 -17.48 37.53 20.17
CA PRO D 163 -16.59 37.98 19.09
C PRO D 163 -16.37 39.50 19.10
N ARG D 164 -15.89 40.03 17.96
CA ARG D 164 -15.63 41.45 17.85
C ARG D 164 -16.95 42.22 17.72
N GLY D 165 -16.86 43.54 17.87
CA GLY D 165 -18.02 44.40 17.75
C GLY D 165 -18.07 45.49 18.79
N ALA D 166 -17.21 45.39 19.81
CA ALA D 166 -17.19 46.37 20.88
C ALA D 166 -16.45 47.62 20.42
N LYS D 167 -17.18 48.73 20.31
CA LYS D 167 -16.61 50.01 19.92
C LYS D 167 -16.71 50.95 21.12
N VAL D 168 -15.58 51.52 21.52
CA VAL D 168 -15.51 52.37 22.69
C VAL D 168 -15.71 53.82 22.31
N GLN D 169 -16.32 54.58 23.22
CA GLN D 169 -16.53 56.01 23.03
C GLN D 169 -16.28 56.72 24.35
N TRP D 170 -15.62 57.87 24.29
CA TRP D 170 -15.38 58.69 25.47
C TRP D 170 -16.38 59.85 25.47
N LYS D 171 -17.22 59.91 26.51
CA LYS D 171 -18.27 60.91 26.60
C LYS D 171 -17.89 62.08 27.49
N VAL D 172 -16.63 62.15 27.91
CA VAL D 172 -16.18 63.26 28.75
C VAL D 172 -15.70 64.42 27.88
N GLN D 177 -12.42 60.87 22.79
CA GLN D 177 -13.61 61.62 22.39
C GLN D 177 -13.90 61.43 20.90
N SER D 178 -13.07 62.05 20.06
CA SER D 178 -13.25 61.95 18.62
C SER D 178 -11.94 62.27 17.93
N GLY D 179 -11.49 61.38 17.05
CA GLY D 179 -10.32 61.61 16.24
C GLY D 179 -8.99 61.29 16.88
N ASN D 180 -8.99 60.82 18.14
CA ASN D 180 -7.73 60.50 18.82
C ASN D 180 -7.82 59.17 19.56
N SER D 181 -8.72 58.27 19.15
CA SER D 181 -8.90 56.99 19.81
C SER D 181 -8.22 55.92 18.96
N GLN D 182 -6.98 55.59 19.33
CA GLN D 182 -6.23 54.52 18.68
C GLN D 182 -6.48 53.22 19.43
N GLU D 183 -6.99 52.22 18.72
CA GLU D 183 -7.32 50.93 19.31
C GLU D 183 -6.26 49.90 18.93
N SER D 184 -5.76 49.19 19.93
CA SER D 184 -4.77 48.13 19.73
C SER D 184 -5.49 46.80 19.97
N VAL D 185 -6.08 46.27 18.89
CA VAL D 185 -6.84 45.03 18.98
C VAL D 185 -5.88 43.85 18.95
N THR D 186 -6.10 42.88 19.82
CA THR D 186 -5.27 41.70 19.88
C THR D 186 -5.41 40.89 18.59
N GLU D 187 -4.34 40.18 18.22
CA GLU D 187 -4.30 39.46 16.96
C GLU D 187 -5.30 38.31 16.95
N GLN D 188 -5.60 37.84 15.74
CA GLN D 188 -6.49 36.71 15.55
C GLN D 188 -5.81 35.44 16.07
N ASP D 189 -6.40 34.84 17.10
CA ASP D 189 -5.79 33.69 17.75
C ASP D 189 -6.08 32.41 16.97
N SER D 190 -5.54 31.30 17.47
CA SER D 190 -5.77 29.99 16.86
C SER D 190 -6.06 28.92 17.88
N LYS D 191 -6.21 29.27 19.17
CA LYS D 191 -6.53 28.31 20.22
C LYS D 191 -7.99 28.37 20.64
N ASP D 192 -8.48 29.55 21.04
CA ASP D 192 -9.88 29.73 21.36
C ASP D 192 -10.45 31.05 20.88
N SER D 193 -9.66 31.88 20.19
CA SER D 193 -10.10 33.17 19.65
C SER D 193 -10.62 34.07 20.78
N THR D 194 -9.72 34.39 21.69
CA THR D 194 -10.01 35.25 22.84
C THR D 194 -9.25 36.56 22.68
N TYR D 195 -9.98 37.62 22.32
CA TYR D 195 -9.36 38.90 22.03
C TYR D 195 -9.35 39.80 23.26
N SER D 196 -8.48 40.81 23.22
CA SER D 196 -8.39 41.82 24.27
C SER D 196 -8.32 43.19 23.60
N LEU D 197 -9.11 44.13 24.10
CA LEU D 197 -9.20 45.46 23.51
C LEU D 197 -8.52 46.49 24.41
N SER D 198 -7.86 47.46 23.78
CA SER D 198 -7.19 48.52 24.50
C SER D 198 -7.24 49.79 23.65
N SER D 199 -7.40 50.93 24.32
CA SER D 199 -7.50 52.22 23.66
C SER D 199 -6.44 53.18 24.21
N THR D 200 -6.00 54.10 23.35
CA THR D 200 -4.98 55.08 23.71
C THR D 200 -5.58 56.48 23.53
N LEU D 201 -5.97 57.10 24.63
CA LEU D 201 -6.50 58.46 24.64
C LEU D 201 -5.48 59.35 25.33
N THR D 202 -4.83 60.23 24.56
CA THR D 202 -3.79 61.10 25.07
C THR D 202 -4.38 62.45 25.46
N LEU D 203 -3.92 62.98 26.60
CA LEU D 203 -4.41 64.25 27.13
C LEU D 203 -3.23 65.08 27.59
N SER D 204 -3.44 66.40 27.63
CA SER D 204 -2.48 67.32 28.20
C SER D 204 -2.97 67.76 29.58
N LYS D 205 -2.10 68.48 30.30
CA LYS D 205 -2.44 68.89 31.67
C LYS D 205 -3.65 69.81 31.69
N ALA D 206 -3.63 70.87 30.87
CA ALA D 206 -4.80 71.73 30.76
C ALA D 206 -5.99 71.01 30.15
N ASP D 207 -5.75 69.95 29.39
CA ASP D 207 -6.82 69.13 28.84
C ASP D 207 -7.33 68.12 29.86
N TYR D 208 -6.44 67.59 30.70
CA TYR D 208 -6.84 66.65 31.74
C TYR D 208 -7.62 67.35 32.85
N GLU D 209 -7.26 68.59 33.19
CA GLU D 209 -7.91 69.27 34.31
C GLU D 209 -9.40 69.49 34.08
N LYS D 210 -9.86 69.51 32.83
CA LYS D 210 -11.28 69.70 32.54
C LYS D 210 -12.02 68.40 32.26
N HIS D 211 -11.33 67.36 31.80
CA HIS D 211 -11.95 66.06 31.62
C HIS D 211 -11.91 65.20 32.87
N LYS D 212 -11.37 65.72 33.97
CA LYS D 212 -11.35 64.99 35.23
C LYS D 212 -12.76 64.86 35.80
N ALA D 215 -14.52 58.68 30.92
CA ALA D 215 -15.76 57.91 30.88
C ALA D 215 -15.83 57.09 29.59
N CYS D 216 -15.39 55.84 29.68
CA CYS D 216 -15.38 54.92 28.56
C CYS D 216 -16.65 54.06 28.57
N GLU D 217 -17.36 54.04 27.45
CA GLU D 217 -18.58 53.27 27.31
C GLU D 217 -18.37 52.14 26.31
N VAL D 218 -18.95 50.98 26.62
CA VAL D 218 -18.78 49.78 25.83
C VAL D 218 -20.16 49.21 25.52
N THR D 219 -20.39 48.91 24.24
CA THR D 219 -21.61 48.24 23.79
C THR D 219 -21.21 46.97 23.07
N HIS D 220 -21.62 45.82 23.63
CA HIS D 220 -21.29 44.52 23.07
C HIS D 220 -22.49 43.61 23.18
N GLN D 221 -22.59 42.66 22.24
CA GLN D 221 -23.65 41.67 22.30
C GLN D 221 -23.42 40.64 23.39
N GLY D 222 -22.21 40.53 23.91
CA GLY D 222 -21.96 39.73 25.10
C GLY D 222 -22.66 40.34 26.30
N LEU D 223 -22.66 41.67 26.37
CA LEU D 223 -23.40 42.41 27.38
C LEU D 223 -24.82 42.68 26.88
N SER D 224 -25.59 43.40 27.69
CA SER D 224 -26.94 43.81 27.32
C SER D 224 -27.12 45.32 27.36
N SER D 225 -26.45 46.01 28.28
CA SER D 225 -26.50 47.45 28.40
C SER D 225 -25.12 48.06 28.13
N PRO D 226 -25.05 49.29 27.62
CA PRO D 226 -23.74 49.91 27.41
C PRO D 226 -23.08 50.28 28.73
N VAL D 227 -22.04 49.54 29.11
CA VAL D 227 -21.39 49.73 30.40
C VAL D 227 -20.45 50.92 30.32
N THR D 228 -20.59 51.85 31.26
CA THR D 228 -19.79 53.06 31.30
C THR D 228 -18.93 53.04 32.56
N LYS D 229 -17.62 53.21 32.39
CA LYS D 229 -16.68 53.27 33.50
C LYS D 229 -16.03 54.65 33.53
N SER D 230 -16.01 55.27 34.70
CA SER D 230 -15.44 56.60 34.88
C SER D 230 -14.26 56.53 35.84
N PHE D 231 -13.56 57.66 35.96
CA PHE D 231 -12.41 57.76 36.84
C PHE D 231 -12.51 58.98 37.74
#